data_4Q2Q
# 
_entry.id   4Q2Q 
# 
_audit_conform.dict_name       mmcif_pdbx.dic 
_audit_conform.dict_version    5.379 
_audit_conform.dict_location   http://mmcif.pdb.org/dictionaries/ascii/mmcif_pdbx.dic 
# 
loop_
_database_2.database_id 
_database_2.database_code 
_database_2.pdbx_database_accession 
_database_2.pdbx_DOI 
PDB   4Q2Q         pdb_00004q2q 10.2210/pdb4q2q/pdb 
RCSB  RCSB085529   ?            ?                   
WWPDB D_1000085529 ?            ?                   
# 
loop_
_pdbx_database_related.db_name 
_pdbx_database_related.db_id 
_pdbx_database_related.details 
_pdbx_database_related.content_type 
PDB 4Q2N . unspecified 
PDB 4Q2O . unspecified 
PDB 4Q2P . unspecified 
# 
_pdbx_database_status.entry_id                        4Q2Q 
_pdbx_database_status.status_code                     REL 
_pdbx_database_status.deposit_site                    RCSB 
_pdbx_database_status.process_site                    RCSB 
_pdbx_database_status.recvd_initial_deposition_date   2014-04-09 
_pdbx_database_status.status_code_sf                  REL 
_pdbx_database_status.status_code_mr                  ? 
_pdbx_database_status.SG_entry                        ? 
_pdbx_database_status.status_code_cs                  ? 
_pdbx_database_status.methods_development_category    ? 
_pdbx_database_status.pdb_format_compatible           Y 
_pdbx_database_status.status_code_nmr_data            ? 
# 
loop_
_audit_author.name 
_audit_author.pdbx_ordinal 
'Appleton, B.A.' 1 
'Wiesmann, C.'   2 
# 
_citation.id                        primary 
_citation.title                     'A structural portrait of the PDZ domain family.' 
_citation.journal_abbrev            J.Mol.Biol. 
_citation.journal_volume            426 
_citation.page_first                3509 
_citation.page_last                 3519 
_citation.year                      2014 
_citation.journal_id_ASTM           JMOBAK 
_citation.country                   UK 
_citation.journal_id_ISSN           0022-2836 
_citation.journal_id_CSD            0070 
_citation.book_publisher            ? 
_citation.pdbx_database_id_PubMed   25158098 
_citation.pdbx_database_id_DOI      10.1016/j.jmb.2014.08.012 
# 
loop_
_citation_author.citation_id 
_citation_author.name 
_citation_author.ordinal 
_citation_author.identifier_ORCID 
primary 'Ernst, A.'      1 ? 
primary 'Appleton, B.A.' 2 ? 
primary 'Ivarsson, Y.'   3 ? 
primary 'Zhang, Y.'      4 ? 
primary 'Gfeller, D.'    5 ? 
primary 'Wiesmann, C.'   6 ? 
primary 'Sidhu, S.S.'    7 ? 
# 
_cell.length_a           50.607 
_cell.length_b           50.607 
_cell.length_c           78.678 
_cell.angle_alpha        90.000 
_cell.angle_beta         90.000 
_cell.angle_gamma        90.000 
_cell.entry_id           4Q2Q 
_cell.pdbx_unique_axis   ? 
_cell.Z_PDB              8 
_cell.length_a_esd       ? 
_cell.length_b_esd       ? 
_cell.length_c_esd       ? 
_cell.angle_alpha_esd    ? 
_cell.angle_beta_esd     ? 
_cell.angle_gamma_esd    ? 
# 
_symmetry.space_group_name_H-M             'P 41 21 2' 
_symmetry.entry_id                         4Q2Q 
_symmetry.Int_Tables_number                92 
_symmetry.pdbx_full_space_group_name_H-M   ? 
_symmetry.cell_setting                     ? 
_symmetry.space_group_name_Hall            ? 
# 
loop_
_entity.id 
_entity.type 
_entity.src_method 
_entity.pdbx_description 
_entity.formula_weight 
_entity.pdbx_number_of_molecules 
_entity.pdbx_ec 
_entity.pdbx_mutation 
_entity.pdbx_fragment 
_entity.details 
1 polymer man 'Tight junction protein ZO-1' 11065.695 1  ? ? 'unp residues 419-504' ? 
2 water   nat water                         18.015    94 ? ? ?                      ? 
# 
_entity_name_com.entity_id   1 
_entity_name_com.name        'Tight junction protein 1, Zona occludens protein 1, Zonula occludens protein 1' 
# 
_entity_poly.entity_id                      1 
_entity_poly.type                           'polypeptide(L)' 
_entity_poly.nstd_linkage                   no 
_entity_poly.nstd_monomer                   no 
_entity_poly.pdbx_seq_one_letter_code       
;GSHMRPSMKLVKFRKGDSVGLRLAGGNDVGIFVAGVLEDSPAAKEGLEEGDQILRVNNVDFTNIIREEAVLFLLDLPKGE
EVTILAQKKKAAGGGLWFSDWL
;
_entity_poly.pdbx_seq_one_letter_code_can   
;GSHMRPSMKLVKFRKGDSVGLRLAGGNDVGIFVAGVLEDSPAAKEGLEEGDQILRVNNVDFTNIIREEAVLFLLDLPKGE
EVTILAQKKKAAGGGLWFSDWL
;
_entity_poly.pdbx_strand_id                 A 
_entity_poly.pdbx_target_identifier         ? 
# 
loop_
_entity_poly_seq.entity_id 
_entity_poly_seq.num 
_entity_poly_seq.mon_id 
_entity_poly_seq.hetero 
1 1   GLY n 
1 2   SER n 
1 3   HIS n 
1 4   MET n 
1 5   ARG n 
1 6   PRO n 
1 7   SER n 
1 8   MET n 
1 9   LYS n 
1 10  LEU n 
1 11  VAL n 
1 12  LYS n 
1 13  PHE n 
1 14  ARG n 
1 15  LYS n 
1 16  GLY n 
1 17  ASP n 
1 18  SER n 
1 19  VAL n 
1 20  GLY n 
1 21  LEU n 
1 22  ARG n 
1 23  LEU n 
1 24  ALA n 
1 25  GLY n 
1 26  GLY n 
1 27  ASN n 
1 28  ASP n 
1 29  VAL n 
1 30  GLY n 
1 31  ILE n 
1 32  PHE n 
1 33  VAL n 
1 34  ALA n 
1 35  GLY n 
1 36  VAL n 
1 37  LEU n 
1 38  GLU n 
1 39  ASP n 
1 40  SER n 
1 41  PRO n 
1 42  ALA n 
1 43  ALA n 
1 44  LYS n 
1 45  GLU n 
1 46  GLY n 
1 47  LEU n 
1 48  GLU n 
1 49  GLU n 
1 50  GLY n 
1 51  ASP n 
1 52  GLN n 
1 53  ILE n 
1 54  LEU n 
1 55  ARG n 
1 56  VAL n 
1 57  ASN n 
1 58  ASN n 
1 59  VAL n 
1 60  ASP n 
1 61  PHE n 
1 62  THR n 
1 63  ASN n 
1 64  ILE n 
1 65  ILE n 
1 66  ARG n 
1 67  GLU n 
1 68  GLU n 
1 69  ALA n 
1 70  VAL n 
1 71  LEU n 
1 72  PHE n 
1 73  LEU n 
1 74  LEU n 
1 75  ASP n 
1 76  LEU n 
1 77  PRO n 
1 78  LYS n 
1 79  GLY n 
1 80  GLU n 
1 81  GLU n 
1 82  VAL n 
1 83  THR n 
1 84  ILE n 
1 85  LEU n 
1 86  ALA n 
1 87  GLN n 
1 88  LYS n 
1 89  LYS n 
1 90  LYS n 
1 91  ALA n 
1 92  ALA n 
1 93  GLY n 
1 94  GLY n 
1 95  GLY n 
1 96  LEU n 
1 97  TRP n 
1 98  PHE n 
1 99  SER n 
1 100 ASP n 
1 101 TRP n 
1 102 LEU n 
# 
_entity_src_gen.entity_id                          1 
_entity_src_gen.pdbx_src_id                        1 
_entity_src_gen.pdbx_alt_source_flag               sample 
_entity_src_gen.pdbx_seq_type                      ? 
_entity_src_gen.pdbx_beg_seq_num                   ? 
_entity_src_gen.pdbx_end_seq_num                   ? 
_entity_src_gen.gene_src_common_name               human 
_entity_src_gen.gene_src_genus                     ? 
_entity_src_gen.pdbx_gene_src_gene                 'TJP1, ZO1' 
_entity_src_gen.gene_src_species                   ? 
_entity_src_gen.gene_src_strain                    ? 
_entity_src_gen.gene_src_tissue                    ? 
_entity_src_gen.gene_src_tissue_fraction           ? 
_entity_src_gen.gene_src_details                   ? 
_entity_src_gen.pdbx_gene_src_fragment             ? 
_entity_src_gen.pdbx_gene_src_scientific_name      'Homo sapiens' 
_entity_src_gen.pdbx_gene_src_ncbi_taxonomy_id     9606 
_entity_src_gen.pdbx_gene_src_variant              ? 
_entity_src_gen.pdbx_gene_src_cell_line            ? 
_entity_src_gen.pdbx_gene_src_atcc                 ? 
_entity_src_gen.pdbx_gene_src_organ                ? 
_entity_src_gen.pdbx_gene_src_organelle            ? 
_entity_src_gen.pdbx_gene_src_cell                 ? 
_entity_src_gen.pdbx_gene_src_cellular_location    ? 
_entity_src_gen.host_org_common_name               ? 
_entity_src_gen.pdbx_host_org_scientific_name      'Escherichia coli' 
_entity_src_gen.pdbx_host_org_ncbi_taxonomy_id     562 
_entity_src_gen.host_org_genus                     ? 
_entity_src_gen.pdbx_host_org_gene                 ? 
_entity_src_gen.pdbx_host_org_organ                ? 
_entity_src_gen.host_org_species                   ? 
_entity_src_gen.pdbx_host_org_tissue               ? 
_entity_src_gen.pdbx_host_org_tissue_fraction      ? 
_entity_src_gen.pdbx_host_org_strain               ? 
_entity_src_gen.pdbx_host_org_variant              ? 
_entity_src_gen.pdbx_host_org_cell_line            ? 
_entity_src_gen.pdbx_host_org_atcc                 ? 
_entity_src_gen.pdbx_host_org_culture_collection   ? 
_entity_src_gen.pdbx_host_org_cell                 ? 
_entity_src_gen.pdbx_host_org_organelle            ? 
_entity_src_gen.pdbx_host_org_cellular_location    ? 
_entity_src_gen.pdbx_host_org_vector_type          ? 
_entity_src_gen.pdbx_host_org_vector               ? 
_entity_src_gen.host_org_details                   ? 
_entity_src_gen.expression_system_id               ? 
_entity_src_gen.plasmid_name                       ? 
_entity_src_gen.plasmid_details                    ? 
_entity_src_gen.pdbx_description                   ? 
# 
_struct_ref.id                         1 
_struct_ref.db_name                    UNP 
_struct_ref.db_code                    ZO1_HUMAN 
_struct_ref.pdbx_db_accession          Q07157 
_struct_ref.entity_id                  1 
_struct_ref.pdbx_seq_one_letter_code   
;RPSMKLVKFRKGDSVGLRLAGGNDVGIFVAGVLEDSPAAKEGLEEGDQILRVNNVDFTNIIREEAVLFLLDLPKGEEVTI
LAQKKK
;
_struct_ref.pdbx_align_begin           419 
_struct_ref.pdbx_db_isoform            ? 
# 
_struct_ref_seq.align_id                      1 
_struct_ref_seq.ref_id                        1 
_struct_ref_seq.pdbx_PDB_id_code              4Q2Q 
_struct_ref_seq.pdbx_strand_id                A 
_struct_ref_seq.seq_align_beg                 5 
_struct_ref_seq.pdbx_seq_align_beg_ins_code   ? 
_struct_ref_seq.seq_align_end                 90 
_struct_ref_seq.pdbx_seq_align_end_ins_code   ? 
_struct_ref_seq.pdbx_db_accession             Q07157 
_struct_ref_seq.db_align_beg                  419 
_struct_ref_seq.pdbx_db_align_beg_ins_code    ? 
_struct_ref_seq.db_align_end                  504 
_struct_ref_seq.pdbx_db_align_end_ins_code    ? 
_struct_ref_seq.pdbx_auth_seq_align_beg       418 
_struct_ref_seq.pdbx_auth_seq_align_end       503 
# 
loop_
_struct_ref_seq_dif.align_id 
_struct_ref_seq_dif.pdbx_pdb_id_code 
_struct_ref_seq_dif.mon_id 
_struct_ref_seq_dif.pdbx_pdb_strand_id 
_struct_ref_seq_dif.seq_num 
_struct_ref_seq_dif.pdbx_pdb_ins_code 
_struct_ref_seq_dif.pdbx_seq_db_name 
_struct_ref_seq_dif.pdbx_seq_db_accession_code 
_struct_ref_seq_dif.db_mon_id 
_struct_ref_seq_dif.pdbx_seq_db_seq_num 
_struct_ref_seq_dif.details 
_struct_ref_seq_dif.pdbx_auth_seq_num 
_struct_ref_seq_dif.pdbx_ordinal 
1 4Q2Q GLY A 1   ? UNP Q07157 ? ? 'expression tag' 414 1  
1 4Q2Q SER A 2   ? UNP Q07157 ? ? 'expression tag' 415 2  
1 4Q2Q HIS A 3   ? UNP Q07157 ? ? 'expression tag' 416 3  
1 4Q2Q MET A 4   ? UNP Q07157 ? ? 'expression tag' 417 4  
1 4Q2Q ALA A 91  ? UNP Q07157 ? ? linker           504 5  
1 4Q2Q ALA A 92  ? UNP Q07157 ? ? linker           505 6  
1 4Q2Q GLY A 93  ? UNP Q07157 ? ? linker           506 7  
1 4Q2Q GLY A 94  ? UNP Q07157 ? ? linker           507 8  
1 4Q2Q GLY A 95  ? UNP Q07157 ? ? linker           508 9  
1 4Q2Q LEU A 96  ? UNP Q07157 ? ? 'SEE REMARK 999' 509 10 
1 4Q2Q TRP A 97  ? UNP Q07157 ? ? 'SEE REMARK 999' 510 11 
1 4Q2Q PHE A 98  ? UNP Q07157 ? ? 'SEE REMARK 999' 511 12 
1 4Q2Q SER A 99  ? UNP Q07157 ? ? 'SEE REMARK 999' 512 13 
1 4Q2Q ASP A 100 ? UNP Q07157 ? ? 'SEE REMARK 999' 513 14 
1 4Q2Q TRP A 101 ? UNP Q07157 ? ? 'SEE REMARK 999' 514 15 
1 4Q2Q LEU A 102 ? UNP Q07157 ? ? 'SEE REMARK 999' 515 16 
# 
loop_
_chem_comp.id 
_chem_comp.type 
_chem_comp.mon_nstd_flag 
_chem_comp.name 
_chem_comp.pdbx_synonyms 
_chem_comp.formula 
_chem_comp.formula_weight 
ALA 'L-peptide linking' y ALANINE         ? 'C3 H7 N O2'     89.093  
ARG 'L-peptide linking' y ARGININE        ? 'C6 H15 N4 O2 1' 175.209 
ASN 'L-peptide linking' y ASPARAGINE      ? 'C4 H8 N2 O3'    132.118 
ASP 'L-peptide linking' y 'ASPARTIC ACID' ? 'C4 H7 N O4'     133.103 
GLN 'L-peptide linking' y GLUTAMINE       ? 'C5 H10 N2 O3'   146.144 
GLU 'L-peptide linking' y 'GLUTAMIC ACID' ? 'C5 H9 N O4'     147.129 
GLY 'peptide linking'   y GLYCINE         ? 'C2 H5 N O2'     75.067  
HIS 'L-peptide linking' y HISTIDINE       ? 'C6 H10 N3 O2 1' 156.162 
HOH non-polymer         . WATER           ? 'H2 O'           18.015  
ILE 'L-peptide linking' y ISOLEUCINE      ? 'C6 H13 N O2'    131.173 
LEU 'L-peptide linking' y LEUCINE         ? 'C6 H13 N O2'    131.173 
LYS 'L-peptide linking' y LYSINE          ? 'C6 H15 N2 O2 1' 147.195 
MET 'L-peptide linking' y METHIONINE      ? 'C5 H11 N O2 S'  149.211 
PHE 'L-peptide linking' y PHENYLALANINE   ? 'C9 H11 N O2'    165.189 
PRO 'L-peptide linking' y PROLINE         ? 'C5 H9 N O2'     115.130 
SER 'L-peptide linking' y SERINE          ? 'C3 H7 N O3'     105.093 
THR 'L-peptide linking' y THREONINE       ? 'C4 H9 N O3'     119.119 
TRP 'L-peptide linking' y TRYPTOPHAN      ? 'C11 H12 N2 O2'  204.225 
VAL 'L-peptide linking' y VALINE          ? 'C5 H11 N O2'    117.146 
# 
_exptl.crystals_number   1 
_exptl.entry_id          4Q2Q 
_exptl.method            'X-RAY DIFFRACTION' 
# 
_exptl_crystal.id                    1 
_exptl_crystal.density_Matthews      2.28 
_exptl_crystal.density_meas          ? 
_exptl_crystal.density_percent_sol   45.96 
_exptl_crystal.description           ? 
_exptl_crystal.F_000                 ? 
_exptl_crystal.preparation           ? 
# 
_exptl_crystal_grow.crystal_id      1 
_exptl_crystal_grow.method          'VAPOR DIFFUSION' 
_exptl_crystal_grow.pH              7.5 
_exptl_crystal_grow.temp            292 
_exptl_crystal_grow.pdbx_details    
'0.8 M sodium phosphate, 0.8 M potassium phosphate, 0.1 M Hepes, pH 7.5, VAPOR DIFFUSION, temperature 292K' 
_exptl_crystal_grow.temp_details    ? 
_exptl_crystal_grow.pdbx_pH_range   ? 
# 
_diffrn.id                     1 
_diffrn.ambient_temp           100 
_diffrn.ambient_temp_details   ? 
_diffrn.crystal_id             1 
# 
_diffrn_detector.diffrn_id              1 
_diffrn_detector.detector               CCD 
_diffrn_detector.type                   'ADSC QUANTUM 210r' 
_diffrn_detector.pdbx_collection_date   2007-02-06 
_diffrn_detector.details                ? 
# 
_diffrn_radiation.diffrn_id                        1 
_diffrn_radiation.pdbx_diffrn_protocol             'SINGLE WAVELENGTH' 
_diffrn_radiation.monochromator                    ? 
_diffrn_radiation.wavelength_id                    1 
_diffrn_radiation.pdbx_monochromatic_or_laue_m_l   M 
_diffrn_radiation.pdbx_scattering_type             x-ray 
# 
_diffrn_radiation_wavelength.id           1 
_diffrn_radiation_wavelength.wavelength   0.98 
_diffrn_radiation_wavelength.wt           1.0 
# 
_diffrn_source.diffrn_id                   1 
_diffrn_source.source                      SYNCHROTRON 
_diffrn_source.type                        'ALS BEAMLINE 5.0.1' 
_diffrn_source.pdbx_wavelength_list        ? 
_diffrn_source.pdbx_wavelength             0.98 
_diffrn_source.pdbx_synchrotron_site       ALS 
_diffrn_source.pdbx_synchrotron_beamline   5.0.1 
# 
_reflns.entry_id                     4Q2Q 
_reflns.d_resolution_high            1.450 
_reflns.d_resolution_low             50.000 
_reflns.number_obs                   18660 
_reflns.pdbx_Rmerge_I_obs            0.032 
_reflns.pdbx_netI_over_sigmaI        58.2 
_reflns.pdbx_chi_squared             1.070 
_reflns.pdbx_redundancy              10.100 
_reflns.percent_possible_obs         99.100 
_reflns.observed_criterion_sigma_F   ? 
_reflns.observed_criterion_sigma_I   ? 
_reflns.number_all                   ? 
_reflns.pdbx_Rsym_value              ? 
_reflns.B_iso_Wilson_estimate        ? 
_reflns.R_free_details               ? 
_reflns.limit_h_max                  ? 
_reflns.limit_h_min                  ? 
_reflns.limit_k_max                  ? 
_reflns.limit_k_min                  ? 
_reflns.limit_l_max                  ? 
_reflns.limit_l_min                  ? 
_reflns.observed_criterion_F_max     ? 
_reflns.observed_criterion_F_min     ? 
_reflns.pdbx_scaling_rejects         ? 
_reflns.pdbx_ordinal                 1 
_reflns.pdbx_diffrn_id               1 
# 
loop_
_reflns_shell.d_res_high 
_reflns_shell.d_res_low 
_reflns_shell.number_measured_obs 
_reflns_shell.number_measured_all 
_reflns_shell.number_unique_obs 
_reflns_shell.Rmerge_I_obs 
_reflns_shell.meanI_over_sigI_obs 
_reflns_shell.pdbx_Rsym_value 
_reflns_shell.pdbx_chi_squared 
_reflns_shell.pdbx_redundancy 
_reflns_shell.percent_possible_obs 
_reflns_shell.number_unique_all 
_reflns_shell.percent_possible_all 
_reflns_shell.pdbx_ordinal 
_reflns_shell.pdbx_diffrn_id 
1.450 1.500  ? ? ? 0.651 3.4 ? 0.984 9.500  ? 1799 98.500  1  1 
1.500 1.560  ? ? ? 0.435 ?   ? 1.031 9.500  ? 1814 98.600  2  1 
1.560 1.630  ? ? ? 0.338 ?   ? 1.164 9.400  ? 1828 98.800  3  1 
1.630 1.720  ? ? ? 0.288 ?   ? 1.590 8.800  ? 1811 99.200  4  1 
1.720 1.830  ? ? ? 0.115 ?   ? 0.999 9.700  ? 1854 99.500  5  1 
1.830 1.970  ? ? ? 0.071 ?   ? 1.016 10.100 ? 1864 99.700  6  1 
1.970 2.170  ? ? ? 0.043 ?   ? 0.994 10.700 ? 1860 100.000 7  1 
2.170 2.480  ? ? ? 0.036 ?   ? 0.930 11.300 ? 1892 100.000 8  1 
2.480 3.120  ? ? ? 0.026 ?   ? 0.953 11.300 ? 1933 99.900  9  1 
3.120 50.000 ? ? ? 0.020 ?   ? 1.153 10.600 ? 2005 97.300  10 1 
# 
_refine.entry_id                                 4Q2Q 
_refine.ls_d_res_high                            1.4500 
_refine.ls_d_res_low                             20.0000 
_refine.pdbx_ls_sigma_F                          0.000 
_refine.pdbx_data_cutoff_high_absF               ? 
_refine.pdbx_data_cutoff_low_absF                ? 
_refine.ls_percent_reflns_obs                    99.1900 
_refine.ls_number_reflns_obs                     18600 
_refine.ls_number_reflns_all                     ? 
_refine.pdbx_ls_cross_valid_method               THROUGHOUT 
_refine.pdbx_R_Free_selection_details            RANDOM 
_refine.details                                  'HYDROGENS HAVE BEEN ADDED IN THE RIDING POSITIONS' 
_refine.ls_R_factor_all                          ? 
_refine.ls_R_factor_obs                          0.1627 
_refine.ls_R_factor_R_work                       0.1603 
_refine.ls_wR_factor_R_work                      ? 
_refine.ls_R_factor_R_free                       0.2105 
_refine.ls_wR_factor_R_free                      ? 
_refine.ls_percent_reflns_R_free                 5.1000 
_refine.ls_number_reflns_R_free                  953 
_refine.ls_R_factor_R_free_error                 ? 
_refine.B_iso_mean                               26.2068 
_refine.solvent_model_param_bsol                 ? 
_refine.solvent_model_param_ksol                 ? 
_refine.pdbx_isotropic_thermal_model             ? 
_refine.aniso_B[1][1]                            0.2200 
_refine.aniso_B[2][2]                            0.2200 
_refine.aniso_B[3][3]                            -0.4400 
_refine.aniso_B[1][2]                            0.0000 
_refine.aniso_B[1][3]                            0.0000 
_refine.aniso_B[2][3]                            0.0000 
_refine.correlation_coeff_Fo_to_Fc               0.9710 
_refine.correlation_coeff_Fo_to_Fc_free          0.9550 
_refine.overall_SU_R_Cruickshank_DPI             ? 
_refine.overall_SU_R_free                        ? 
_refine.pdbx_overall_ESU_R                       0.0670 
_refine.pdbx_overall_ESU_R_Free                  0.0670 
_refine.overall_SU_ML                            0.0440 
_refine.overall_SU_B                             2.5020 
_refine.solvent_model_details                    'BABINET MODEL WITH MASK' 
_refine.pdbx_solvent_vdw_probe_radii             1.4000 
_refine.pdbx_solvent_ion_probe_radii             0.8000 
_refine.pdbx_solvent_shrinkage_radii             0.8000 
_refine.ls_number_parameters                     ? 
_refine.ls_number_restraints                     ? 
_refine.pdbx_starting_model                      2h3l 
_refine.pdbx_method_to_determine_struct          'MOLECULAR REPLACEMENT' 
_refine.pdbx_stereochemistry_target_values       'MAXIMUM LIKELIHOOD' 
_refine.pdbx_stereochem_target_val_spec_case     ? 
_refine.overall_FOM_work_R_set                   ? 
_refine.B_iso_max                                57.320 
_refine.B_iso_min                                14.990 
_refine.pdbx_overall_phase_error                 ? 
_refine.occupancy_max                            1.000 
_refine.occupancy_min                            0.500 
_refine.pdbx_ls_sigma_I                          ? 
_refine.ls_redundancy_reflns_obs                 ? 
_refine.ls_R_factor_R_free_error_details         ? 
_refine.pdbx_data_cutoff_high_rms_absF           ? 
_refine.overall_FOM_free_R_set                   ? 
_refine.pdbx_diffrn_id                           1 
_refine.pdbx_refine_id                           'X-RAY DIFFRACTION' 
_refine.pdbx_TLS_residual_ADP_flag               ? 
_refine.pdbx_overall_SU_R_free_Cruickshank_DPI   ? 
_refine.pdbx_overall_SU_R_Blow_DPI               ? 
_refine.pdbx_overall_SU_R_free_Blow_DPI          ? 
# 
_refine_hist.pdbx_refine_id                   'X-RAY DIFFRACTION' 
_refine_hist.cycle_id                         LAST 
_refine_hist.pdbx_number_atoms_protein        697 
_refine_hist.pdbx_number_atoms_nucleic_acid   0 
_refine_hist.pdbx_number_atoms_ligand         0 
_refine_hist.number_atoms_solvent             94 
_refine_hist.number_atoms_total               791 
_refine_hist.d_res_high                       1.4500 
_refine_hist.d_res_low                        20.0000 
# 
loop_
_refine_ls_restr.type 
_refine_ls_restr.number 
_refine_ls_restr.dev_ideal 
_refine_ls_restr.dev_ideal_target 
_refine_ls_restr.weight 
_refine_ls_restr.pdbx_restraint_function 
_refine_ls_restr.pdbx_refine_id 
r_bond_refined_d         734  0.016  0.022  ? ? 'X-RAY DIFFRACTION' 
r_bond_other_d           497  0.002  0.020  ? ? 'X-RAY DIFFRACTION' 
r_angle_refined_deg      995  1.605  1.986  ? ? 'X-RAY DIFFRACTION' 
r_angle_other_deg        1222 0.962  3.000  ? ? 'X-RAY DIFFRACTION' 
r_dihedral_angle_1_deg   95   6.267  5.000  ? ? 'X-RAY DIFFRACTION' 
r_dihedral_angle_2_deg   33   33.925 25.455 ? ? 'X-RAY DIFFRACTION' 
r_dihedral_angle_3_deg   134  11.631 15.000 ? ? 'X-RAY DIFFRACTION' 
r_dihedral_angle_4_deg   4    7.726  15.000 ? ? 'X-RAY DIFFRACTION' 
r_chiral_restr           115  0.108  0.200  ? ? 'X-RAY DIFFRACTION' 
r_gen_planes_refined     824  0.007  0.020  ? ? 'X-RAY DIFFRACTION' 
r_gen_planes_other       142  0.002  0.020  ? ? 'X-RAY DIFFRACTION' 
r_nbd_refined            114  0.227  0.200  ? ? 'X-RAY DIFFRACTION' 
r_nbd_other              444  0.195  0.200  ? ? 'X-RAY DIFFRACTION' 
r_nbtor_refined          352  0.175  0.200  ? ? 'X-RAY DIFFRACTION' 
r_nbtor_other            394  0.086  0.200  ? ? 'X-RAY DIFFRACTION' 
r_xyhbond_nbd_refined    57   0.176  0.200  ? ? 'X-RAY DIFFRACTION' 
r_symmetry_vdw_refined   17   0.305  0.200  ? ? 'X-RAY DIFFRACTION' 
r_symmetry_vdw_other     42   0.209  0.200  ? ? 'X-RAY DIFFRACTION' 
r_symmetry_hbond_refined 18   0.204  0.200  ? ? 'X-RAY DIFFRACTION' 
r_mcbond_it              600  5.096  2.500  ? ? 'X-RAY DIFFRACTION' 
r_mcbond_other           193  2.967  2.500  ? ? 'X-RAY DIFFRACTION' 
r_mcangle_it             736  5.714  5.000  ? ? 'X-RAY DIFFRACTION' 
r_scbond_it              317  5.577  2.500  ? ? 'X-RAY DIFFRACTION' 
r_scangle_it             257  7.549  5.000  ? ? 'X-RAY DIFFRACTION' 
r_rigid_bond_restr       1522 3.449  3.000  ? ? 'X-RAY DIFFRACTION' 
r_sphericity_free        94   16.027 3.000  ? ? 'X-RAY DIFFRACTION' 
r_sphericity_bonded      1218 7.972  3.000  ? ? 'X-RAY DIFFRACTION' 
# 
_refine_ls_shell.d_res_high                       1.4510 
_refine_ls_shell.d_res_low                        1.4800 
_refine_ls_shell.pdbx_total_number_of_bins_used   25 
_refine_ls_shell.percent_reflns_obs               98.3300 
_refine_ls_shell.number_reflns_R_work             1008 
_refine_ls_shell.R_factor_all                     ? 
_refine_ls_shell.R_factor_R_work                  0.1660 
_refine_ls_shell.R_factor_R_free                  0.2190 
_refine_ls_shell.percent_reflns_R_free            ? 
_refine_ls_shell.number_reflns_R_free             51 
_refine_ls_shell.R_factor_R_free_error            ? 
_refine_ls_shell.number_reflns_all                1059 
_refine_ls_shell.number_reflns_obs                ? 
_refine_ls_shell.redundancy_reflns_obs            ? 
_refine_ls_shell.pdbx_refine_id                   'X-RAY DIFFRACTION' 
# 
_struct.entry_id                  4Q2Q 
_struct.title                     'ZO1 PDZ3 in Complex with a Phage-Derived Peptide' 
_struct.pdbx_model_details        ? 
_struct.pdbx_CASP_flag            ? 
_struct.pdbx_model_type_details   ? 
# 
_struct_keywords.entry_id        4Q2Q 
_struct_keywords.text            'PDZ, PROTEIN BINDING' 
_struct_keywords.pdbx_keywords   'PROTEIN BINDING' 
# 
loop_
_struct_asym.id 
_struct_asym.pdbx_blank_PDB_chainid_flag 
_struct_asym.pdbx_modified 
_struct_asym.entity_id 
_struct_asym.details 
A N N 1 ? 
B N N 2 ? 
# 
_struct_biol.id        1 
_struct_biol.details   ? 
# 
loop_
_struct_conf.conf_type_id 
_struct_conf.id 
_struct_conf.pdbx_PDB_helix_id 
_struct_conf.beg_label_comp_id 
_struct_conf.beg_label_asym_id 
_struct_conf.beg_label_seq_id 
_struct_conf.pdbx_beg_PDB_ins_code 
_struct_conf.end_label_comp_id 
_struct_conf.end_label_asym_id 
_struct_conf.end_label_seq_id 
_struct_conf.pdbx_end_PDB_ins_code 
_struct_conf.beg_auth_comp_id 
_struct_conf.beg_auth_asym_id 
_struct_conf.beg_auth_seq_id 
_struct_conf.end_auth_comp_id 
_struct_conf.end_auth_asym_id 
_struct_conf.end_auth_seq_id 
_struct_conf.pdbx_PDB_helix_class 
_struct_conf.details 
_struct_conf.pdbx_PDB_helix_length 
HELX_P HELX_P1 1 SER A 40 ? GLU A 45 ? SER A 453 GLU A 458 1 ? 6  
HELX_P HELX_P2 2 ILE A 65 ? LEU A 76 ? ILE A 478 LEU A 489 1 ? 12 
# 
_struct_conf_type.id          HELX_P 
_struct_conf_type.criteria    ? 
_struct_conf_type.reference   ? 
# 
loop_
_struct_sheet.id 
_struct_sheet.type 
_struct_sheet.number_strands 
_struct_sheet.details 
A ? 5 ? 
B ? 4 ? 
# 
loop_
_struct_sheet_order.sheet_id 
_struct_sheet_order.range_id_1 
_struct_sheet_order.range_id_2 
_struct_sheet_order.offset 
_struct_sheet_order.sense 
A 1 2 ? anti-parallel 
A 2 3 ? anti-parallel 
A 3 4 ? anti-parallel 
A 4 5 ? anti-parallel 
B 1 2 ? anti-parallel 
B 2 3 ? anti-parallel 
B 3 4 ? anti-parallel 
# 
loop_
_struct_sheet_range.sheet_id 
_struct_sheet_range.id 
_struct_sheet_range.beg_label_comp_id 
_struct_sheet_range.beg_label_asym_id 
_struct_sheet_range.beg_label_seq_id 
_struct_sheet_range.pdbx_beg_PDB_ins_code 
_struct_sheet_range.end_label_comp_id 
_struct_sheet_range.end_label_asym_id 
_struct_sheet_range.end_label_seq_id 
_struct_sheet_range.pdbx_end_PDB_ins_code 
_struct_sheet_range.beg_auth_comp_id 
_struct_sheet_range.beg_auth_asym_id 
_struct_sheet_range.beg_auth_seq_id 
_struct_sheet_range.end_auth_comp_id 
_struct_sheet_range.end_auth_asym_id 
_struct_sheet_range.end_auth_seq_id 
A 1 MET A 8  ? ARG A 14 ? MET A 421 ARG A 427 
A 2 GLU A 81 ? GLN A 87 ? GLU A 494 GLN A 500 
A 3 GLN A 52 ? VAL A 56 ? GLN A 465 VAL A 469 
A 4 ILE A 31 ? VAL A 36 ? ILE A 444 VAL A 449 
A 5 LEU A 21 ? GLY A 25 ? LEU A 434 GLY A 438 
B 1 MET A 8  ? ARG A 14 ? MET A 421 ARG A 427 
B 2 GLU A 81 ? GLN A 87 ? GLU A 494 GLN A 500 
B 3 GLN A 52 ? VAL A 56 ? GLN A 465 VAL A 469 
B 4 VAL A 59 ? ASP A 60 ? VAL A 472 ASP A 473 
# 
loop_
_pdbx_struct_sheet_hbond.sheet_id 
_pdbx_struct_sheet_hbond.range_id_1 
_pdbx_struct_sheet_hbond.range_id_2 
_pdbx_struct_sheet_hbond.range_1_label_atom_id 
_pdbx_struct_sheet_hbond.range_1_label_comp_id 
_pdbx_struct_sheet_hbond.range_1_label_asym_id 
_pdbx_struct_sheet_hbond.range_1_label_seq_id 
_pdbx_struct_sheet_hbond.range_1_PDB_ins_code 
_pdbx_struct_sheet_hbond.range_1_auth_atom_id 
_pdbx_struct_sheet_hbond.range_1_auth_comp_id 
_pdbx_struct_sheet_hbond.range_1_auth_asym_id 
_pdbx_struct_sheet_hbond.range_1_auth_seq_id 
_pdbx_struct_sheet_hbond.range_2_label_atom_id 
_pdbx_struct_sheet_hbond.range_2_label_comp_id 
_pdbx_struct_sheet_hbond.range_2_label_asym_id 
_pdbx_struct_sheet_hbond.range_2_label_seq_id 
_pdbx_struct_sheet_hbond.range_2_PDB_ins_code 
_pdbx_struct_sheet_hbond.range_2_auth_atom_id 
_pdbx_struct_sheet_hbond.range_2_auth_comp_id 
_pdbx_struct_sheet_hbond.range_2_auth_asym_id 
_pdbx_struct_sheet_hbond.range_2_auth_seq_id 
A 1 2 N PHE A 13 ? N PHE A 426 O VAL A 82 ? O VAL A 495 
A 2 3 O LEU A 85 ? O LEU A 498 N LEU A 54 ? N LEU A 467 
A 3 4 O ILE A 53 ? O ILE A 466 N ILE A 31 ? N ILE A 444 
A 4 5 O ALA A 34 ? O ALA A 447 N ARG A 22 ? N ARG A 435 
B 1 2 N PHE A 13 ? N PHE A 426 O VAL A 82 ? O VAL A 495 
B 2 3 O LEU A 85 ? O LEU A 498 N LEU A 54 ? N LEU A 467 
B 3 4 N VAL A 56 ? N VAL A 469 O VAL A 59 ? O VAL A 472 
# 
_atom_sites.entry_id                    4Q2Q 
_atom_sites.fract_transf_matrix[1][1]   -0.00687057 
_atom_sites.fract_transf_matrix[1][2]   0.00730521 
_atom_sites.fract_transf_matrix[1][3]   -0.01702606 
_atom_sites.fract_transf_matrix[2][1]   0.00724002 
_atom_sites.fract_transf_matrix[2][2]   0.01777380 
_atom_sites.fract_transf_matrix[2][3]   0.00470445 
_atom_sites.fract_transf_matrix[3][1]   0.01096938 
_atom_sites.fract_transf_matrix[3][2]   -0.00296046 
_atom_sites.fract_transf_matrix[3][3]   -0.00569672 
_atom_sites.fract_transf_vector[1]      0.042976 
_atom_sites.fract_transf_vector[2]      -0.214023 
_atom_sites.fract_transf_vector[3]      -0.089222 
# 
loop_
_atom_type.symbol 
C 
N 
O 
S 
# 
loop_
_atom_site.group_PDB 
_atom_site.id 
_atom_site.type_symbol 
_atom_site.label_atom_id 
_atom_site.label_alt_id 
_atom_site.label_comp_id 
_atom_site.label_asym_id 
_atom_site.label_entity_id 
_atom_site.label_seq_id 
_atom_site.pdbx_PDB_ins_code 
_atom_site.Cartn_x 
_atom_site.Cartn_y 
_atom_site.Cartn_z 
_atom_site.occupancy 
_atom_site.B_iso_or_equiv 
_atom_site.pdbx_formal_charge 
_atom_site.auth_seq_id 
_atom_site.auth_comp_id 
_atom_site.auth_asym_id 
_atom_site.auth_atom_id 
_atom_site.pdbx_PDB_model_num 
ATOM   1   N N   . SER A 1 7   ? 5.999   -4.223  -14.910 1.00 47.68 ? 420 SER A N   1 
ATOM   2   C CA  . SER A 1 7   ? 5.968   -2.768  -14.515 1.00 44.16 ? 420 SER A CA  1 
ATOM   3   C C   . SER A 1 7   ? 4.858   -2.429  -13.507 1.00 40.41 ? 420 SER A C   1 
ATOM   4   O O   . SER A 1 7   ? 5.124   -1.846  -12.468 1.00 41.39 ? 420 SER A O   1 
ATOM   5   C CB  . SER A 1 7   ? 5.790   -1.896  -15.748 1.00 45.50 ? 420 SER A CB  1 
ATOM   6   O OG  . SER A 1 7   ? 5.818   -0.527  -15.401 1.00 44.65 ? 420 SER A OG  1 
ATOM   7   N N   . MET A 1 8   ? 3.615   -2.738  -13.842 1.00 33.16 ? 421 MET A N   1 
ATOM   8   C CA  . MET A 1 8   ? 2.534   -2.649  -12.867 1.00 33.75 ? 421 MET A CA  1 
ATOM   9   C C   . MET A 1 8   ? 2.176   -4.026  -12.311 1.00 28.92 ? 421 MET A C   1 
ATOM   10  O O   . MET A 1 8   ? 2.425   -5.086  -12.933 1.00 34.54 ? 421 MET A O   1 
ATOM   11  C CB  . MET A 1 8   ? 1.295   -1.927  -13.436 1.00 34.66 ? 421 MET A CB  1 
ATOM   12  C CG  . MET A 1 8   ? 1.474   -0.373  -13.549 1.00 35.18 ? 421 MET A CG  1 
ATOM   13  S SD  . MET A 1 8   ? -0.026  0.477   -14.059 1.00 40.87 ? 421 MET A SD  1 
ATOM   14  C CE  . MET A 1 8   ? 0.666   2.012   -14.696 1.00 37.54 ? 421 MET A CE  1 
ATOM   15  N N   . LYS A 1 9   ? 1.593   -4.007  -11.122 1.00 27.94 ? 422 LYS A N   1 
ATOM   16  C CA  . LYS A 1 9   ? 1.151   -5.219  -10.464 1.00 29.12 ? 422 LYS A CA  1 
ATOM   17  C C   . LYS A 1 9   ? -0.178  -4.963  -9.764  1.00 24.52 ? 422 LYS A C   1 
ATOM   18  O O   . LYS A 1 9   ? -0.353  -3.921  -9.148  1.00 26.96 ? 422 LYS A O   1 
ATOM   19  C CB  . LYS A 1 9   ? 2.189   -5.686  -9.433  1.00 34.96 ? 422 LYS A CB  1 
ATOM   20  C CG  . LYS A 1 9   ? 1.777   -6.966  -8.706  1.00 40.27 ? 422 LYS A CG  1 
ATOM   21  C CD  . LYS A 1 9   ? 2.974   -7.796  -8.276  1.00 43.04 ? 422 LYS A CD  1 
ATOM   22  C CE  . LYS A 1 9   ? 2.575   -8.963  -7.392  1.00 44.37 ? 422 LYS A CE  1 
ATOM   23  N NZ  . LYS A 1 9   ? 1.431   -9.755  -7.940  1.00 52.74 ? 422 LYS A NZ  1 
ATOM   24  N N   . LEU A 1 10  ? -1.095  -5.921  -9.839  1.00 28.03 ? 423 LEU A N   1 
ATOM   25  C CA  . LEU A 1 10  ? -2.374  -5.819  -9.153  1.00 26.23 ? 423 LEU A CA  1 
ATOM   26  C C   . LEU A 1 10  ? -2.369  -6.863  -8.043  1.00 27.13 ? 423 LEU A C   1 
ATOM   27  O O   . LEU A 1 10  ? -2.176  -8.061  -8.307  1.00 30.19 ? 423 LEU A O   1 
ATOM   28  C CB  . LEU A 1 10  ? -3.499  -6.068  -10.163 1.00 32.03 ? 423 LEU A CB  1 
ATOM   29  C CG  . LEU A 1 10  ? -4.934  -5.700  -9.809  1.00 34.23 ? 423 LEU A CG  1 
ATOM   30  C CD1 . LEU A 1 10  ? -5.138  -4.218  -9.498  1.00 31.67 ? 423 LEU A CD1 1 
ATOM   31  C CD2 . LEU A 1 10  ? -5.819  -6.143  -10.974 1.00 34.29 ? 423 LEU A CD2 1 
ATOM   32  N N   . VAL A 1 11  ? -2.521  -6.393  -6.803  1.00 22.42 ? 424 VAL A N   1 
ATOM   33  C CA  . VAL A 1 11  ? -2.436  -7.204  -5.575  1.00 26.30 ? 424 VAL A CA  1 
ATOM   34  C C   . VAL A 1 11  ? -3.846  -7.166  -4.962  1.00 26.42 ? 424 VAL A C   1 
ATOM   35  O O   . VAL A 1 11  ? -4.359  -6.084  -4.728  1.00 28.80 ? 424 VAL A O   1 
ATOM   36  C CB  . VAL A 1 11  ? -1.413  -6.560  -4.594  1.00 25.50 ? 424 VAL A CB  1 
ATOM   37  C CG1 . VAL A 1 11  ? -1.427  -7.240  -3.195  1.00 27.47 ? 424 VAL A CG1 1 
ATOM   38  C CG2 . VAL A 1 11  ? 0.046   -6.599  -5.172  1.00 29.06 ? 424 VAL A CG2 1 
ATOM   39  N N   . LYS A 1 12  ? -4.467  -8.325  -4.707  1.00 23.32 ? 425 LYS A N   1 
ATOM   40  C CA  . LYS A 1 12  ? -5.815  -8.389  -4.135  1.00 21.75 ? 425 LYS A CA  1 
ATOM   41  C C   . LYS A 1 12  ? -5.794  -9.346  -2.966  1.00 20.87 ? 425 LYS A C   1 
ATOM   42  O O   . LYS A 1 12  ? -5.318  -10.473 -3.075  1.00 22.61 ? 425 LYS A O   1 
ATOM   43  C CB  . LYS A 1 12  ? -6.856  -8.846  -5.179  1.00 27.84 ? 425 LYS A CB  1 
ATOM   44  C CG  . LYS A 1 12  ? -8.313  -8.600  -4.817  1.00 34.30 ? 425 LYS A CG  1 
ATOM   45  C CD  . LYS A 1 12  ? -9.236  -8.960  -6.022  1.00 36.14 ? 425 LYS A CD  1 
ATOM   46  C CE  . LYS A 1 12  ? -10.714 -9.053  -5.617  1.00 40.78 ? 425 LYS A CE  1 
ATOM   47  N NZ  . LYS A 1 12  ? -11.672 -9.427  -6.736  1.00 42.75 ? 425 LYS A NZ  1 
ATOM   48  N N   . PHE A 1 13  ? -6.251  -8.883  -1.808  1.00 22.21 ? 426 PHE A N   1 
ATOM   49  C CA  . PHE A 1 13  ? -6.317  -9.769  -0.630  1.00 23.83 ? 426 PHE A CA  1 
ATOM   50  C C   . PHE A 1 13  ? -7.475  -9.328  0.250   1.00 22.49 ? 426 PHE A C   1 
ATOM   51  O O   . PHE A 1 13  ? -7.918  -8.174  0.180   1.00 22.62 ? 426 PHE A O   1 
ATOM   52  C CB  . PHE A 1 13  ? -5.007  -9.730  0.172   1.00 25.94 ? 426 PHE A CB  1 
ATOM   53  C CG  . PHE A 1 13  ? -4.591  -8.360  0.627   1.00 25.39 ? 426 PHE A CG  1 
ATOM   54  C CD1 . PHE A 1 13  ? -3.848  -7.534  -0.196  1.00 26.01 ? 426 PHE A CD1 1 
ATOM   55  C CD2 . PHE A 1 13  ? -4.877  -7.913  1.908   1.00 23.70 ? 426 PHE A CD2 1 
ATOM   56  C CE1 . PHE A 1 13  ? -3.466  -6.292  0.218   1.00 25.99 ? 426 PHE A CE1 1 
ATOM   57  C CE2 . PHE A 1 13  ? -4.483  -6.649  2.325   1.00 25.00 ? 426 PHE A CE2 1 
ATOM   58  C CZ  . PHE A 1 13  ? -3.765  -5.850  1.481   1.00 25.09 ? 426 PHE A CZ  1 
ATOM   59  N N   . ARG A 1 14  ? -7.930  -10.240 1.108   1.00 27.91 ? 427 ARG A N   1 
ATOM   60  C CA  . ARG A 1 14  ? -8.915  -9.903  2.122   1.00 30.02 ? 427 ARG A CA  1 
ATOM   61  C C   . ARG A 1 14  ? -8.227  -9.262  3.325   1.00 25.26 ? 427 ARG A C   1 
ATOM   62  O O   . ARG A 1 14  ? -7.319  -9.854  3.917   1.00 29.77 ? 427 ARG A O   1 
ATOM   63  C CB  . ARG A 1 14  ? -9.656  -11.165 2.568   1.00 32.65 ? 427 ARG A CB  1 
ATOM   64  C CG  . ARG A 1 14  ? -10.638 -10.938 3.695   1.00 36.88 ? 427 ARG A CG  1 
ATOM   65  C CD  . ARG A 1 14  ? -11.073 -12.251 4.381   1.00 43.63 ? 427 ARG A CD  1 
ATOM   66  N NE  . ARG A 1 14  ? -10.123 -12.722 5.405   1.00 50.70 ? 427 ARG A NE  1 
ATOM   67  C CZ  . ARG A 1 14  ? -10.009 -12.242 6.650   1.00 49.90 ? 427 ARG A CZ  1 
ATOM   68  N NH1 . ARG A 1 14  ? -10.763 -11.237 7.080   1.00 47.49 ? 427 ARG A NH1 1 
ATOM   69  N NH2 . ARG A 1 14  ? -9.110  -12.769 7.482   1.00 49.03 ? 427 ARG A NH2 1 
ATOM   70  N N   . LYS A 1 15  ? -8.666  -8.067  3.714   1.00 24.97 ? 428 LYS A N   1 
ATOM   71  C CA  . LYS A 1 15  ? -8.092  -7.407  4.877   1.00 24.11 ? 428 LYS A CA  1 
ATOM   72  C C   . LYS A 1 15  ? -8.422  -8.216  6.134   1.00 22.25 ? 428 LYS A C   1 
ATOM   73  O O   . LYS A 1 15  ? -9.580  -8.591  6.354   1.00 25.10 ? 428 LYS A O   1 
ATOM   74  C CB  . LYS A 1 15  ? -8.637  -5.985  5.029   1.00 23.74 ? 428 LYS A CB  1 
ATOM   75  C CG  . LYS A 1 15  ? -7.931  -5.233  6.106   1.00 25.30 ? 428 LYS A CG  1 
ATOM   76  C CD  . LYS A 1 15  ? -8.498  -3.867  6.390   1.00 23.17 ? 428 LYS A CD  1 
ATOM   77  C CE  . LYS A 1 15  ? -7.945  -3.312  7.684   1.00 25.60 ? 428 LYS A CE  1 
ATOM   78  N NZ  . LYS A 1 15  ? -8.201  -1.881  7.926   1.00 24.24 ? 428 LYS A NZ  1 
ATOM   79  N N   . GLY A 1 16  ? -7.387  -8.484  6.934   1.00 22.13 ? 429 GLY A N   1 
ATOM   80  C CA  . GLY A 1 16  ? -7.539  -9.021  8.269   1.00 22.24 ? 429 GLY A CA  1 
ATOM   81  C C   . GLY A 1 16  ? -7.703  -7.891  9.258   1.00 22.42 ? 429 GLY A C   1 
ATOM   82  O O   . GLY A 1 16  ? -8.373  -6.897  8.980   1.00 26.41 ? 429 GLY A O   1 
ATOM   83  N N   . ASP A 1 17  ? -7.085  -8.032  10.433  1.00 23.85 ? 430 ASP A N   1 
ATOM   84  C CA  . ASP A 1 17  ? -7.173  -7.005  11.451  1.00 24.84 ? 430 ASP A CA  1 
ATOM   85  C C   . ASP A 1 17  ? -6.443  -5.698  11.080  1.00 27.57 ? 430 ASP A C   1 
ATOM   86  O O   . ASP A 1 17  ? -6.781  -4.616  11.571  1.00 32.50 ? 430 ASP A O   1 
ATOM   87  C CB  . ASP A 1 17  ? -6.648  -7.552  12.775  1.00 29.11 ? 430 ASP A CB  1 
ATOM   88  C CG  . ASP A 1 17  ? -7.489  -8.697  13.310  1.00 31.71 ? 430 ASP A CG  1 
ATOM   89  O OD1 . ASP A 1 17  ? -8.637  -8.464  13.705  1.00 36.94 ? 430 ASP A OD1 1 
ATOM   90  O OD2 . ASP A 1 17  ? -7.023  -9.837  13.287  1.00 32.70 ? 430 ASP A OD2 1 
ATOM   91  N N   A SER A 1 18  ? -5.426  -5.800  10.237  0.50 26.73 ? 431 SER A N   1 
ATOM   92  N N   B SER A 1 18  ? -5.473  -5.830  10.184  0.50 25.93 ? 431 SER A N   1 
ATOM   93  C CA  A SER A 1 18  ? -4.719  -4.616  9.696   0.50 24.80 ? 431 SER A CA  1 
ATOM   94  C CA  B SER A 1 18  ? -4.738  -4.693  9.616   0.50 25.18 ? 431 SER A CA  1 
ATOM   95  C C   A SER A 1 18  ? -4.431  -4.913  8.237   0.50 22.56 ? 431 SER A C   1 
ATOM   96  C C   B SER A 1 18  ? -4.579  -4.903  8.126   0.50 24.36 ? 431 SER A C   1 
ATOM   97  O O   A SER A 1 18  ? -4.545  -6.075  7.810   0.50 22.68 ? 431 SER A O   1 
ATOM   98  O O   B SER A 1 18  ? -4.909  -5.951  7.573   0.50 24.72 ? 431 SER A O   1 
ATOM   99  C CB  A SER A 1 18  ? -3.417  -4.363  10.452  0.50 27.92 ? 431 SER A CB  1 
ATOM   100 C CB  B SER A 1 18  ? -3.351  -4.597  10.227  0.50 27.24 ? 431 SER A CB  1 
ATOM   101 O OG  A SER A 1 18  ? -3.658  -4.088  11.822  0.50 29.24 ? 431 SER A OG  1 
ATOM   102 O OG  B SER A 1 18  ? -2.507  -5.601  9.681   0.50 24.54 ? 431 SER A OG  1 
ATOM   103 N N   . VAL A 1 19  ? -4.057  -3.891  7.453   1.00 25.07 ? 432 VAL A N   1 
ATOM   104 C CA  A VAL A 1 19  ? -3.802  -4.129  6.019   0.50 22.31 ? 432 VAL A CA  1 
ATOM   105 C CA  B VAL A 1 19  ? -3.748  -3.998  6.027   0.50 22.90 ? 432 VAL A CA  1 
ATOM   106 C C   . VAL A 1 19  ? -2.431  -4.754  5.775   1.00 19.00 ? 432 VAL A C   1 
ATOM   107 O O   . VAL A 1 19  ? -2.217  -5.341  4.695   1.00 25.99 ? 432 VAL A O   1 
ATOM   108 C CB  A VAL A 1 19  ? -3.932  -2.880  5.084   0.50 23.65 ? 432 VAL A CB  1 
ATOM   109 C CB  B VAL A 1 19  ? -3.651  -2.590  5.375   0.50 25.16 ? 432 VAL A CB  1 
ATOM   110 C CG1 A VAL A 1 19  ? -5.375  -2.480  4.906   0.50 22.33 ? 432 VAL A CG1 1 
ATOM   111 C CG1 B VAL A 1 19  ? -3.405  -2.707  3.888   0.50 28.70 ? 432 VAL A CG1 1 
ATOM   112 C CG2 A VAL A 1 19  ? -3.101  -1.722  5.592   0.50 22.70 ? 432 VAL A CG2 1 
ATOM   113 C CG2 B VAL A 1 19  ? -4.931  -1.787  5.633   0.50 24.68 ? 432 VAL A CG2 1 
ATOM   114 N N   . GLY A 1 20  ? -1.516  -4.670  6.751   1.00 20.79 ? 433 GLY A N   1 
ATOM   115 C CA  . GLY A 1 20  ? -0.196  -5.326  6.612   1.00 20.60 ? 433 GLY A CA  1 
ATOM   116 C C   . GLY A 1 20  ? 0.854   -4.589  5.821   1.00 21.56 ? 433 GLY A C   1 
ATOM   117 O O   . GLY A 1 20  ? 1.742   -5.223  5.226   1.00 22.83 ? 433 GLY A O   1 
ATOM   118 N N   . LEU A 1 21  ? 0.762   -3.266  5.840   1.00 17.90 ? 434 LEU A N   1 
ATOM   119 C CA  A LEU A 1 21  ? 1.597   -2.355  5.047   0.50 17.99 ? 434 LEU A CA  1 
ATOM   120 C CA  B LEU A 1 21  ? 1.770   -2.477  5.164   0.50 17.20 ? 434 LEU A CA  1 
ATOM   121 C C   . LEU A 1 21  ? 2.024   -1.163  5.899   1.00 17.09 ? 434 LEU A C   1 
ATOM   122 O O   . LEU A 1 21  ? 1.271   -0.752  6.790   1.00 18.33 ? 434 LEU A O   1 
ATOM   123 C CB  A LEU A 1 21  ? 0.792   -1.776  3.863   0.50 20.36 ? 434 LEU A CB  1 
ATOM   124 C CB  B LEU A 1 21  ? 1.404   -2.279  3.686   0.50 17.33 ? 434 LEU A CB  1 
ATOM   125 C CG  A LEU A 1 21  ? 0.345   -2.686  2.717   0.50 21.97 ? 434 LEU A CG  1 
ATOM   126 C CG  B LEU A 1 21  ? 0.118   -1.476  3.496   0.50 17.00 ? 434 LEU A CG  1 
ATOM   127 C CD1 A LEU A 1 21  ? -0.430  -1.909  1.644   0.50 26.99 ? 434 LEU A CD1 1 
ATOM   128 C CD1 B LEU A 1 21  ? 0.382   0.000   3.743   0.50 20.97 ? 434 LEU A CD1 1 
ATOM   129 C CD2 A LEU A 1 21  ? 1.545   -3.382  2.110   0.50 27.95 ? 434 LEU A CD2 1 
ATOM   130 C CD2 B LEU A 1 21  ? -0.559  -1.698  2.147   0.50 21.85 ? 434 LEU A CD2 1 
ATOM   131 N N   . ARG A 1 22  ? 3.179   -0.567  5.573   1.00 18.11 ? 435 ARG A N   1 
ATOM   132 C CA  . ARG A 1 22  ? 3.519   0.764   6.020   1.00 18.22 ? 435 ARG A CA  1 
ATOM   133 C C   . ARG A 1 22  ? 3.816   1.587   4.781   1.00 16.80 ? 435 ARG A C   1 
ATOM   134 O O   . ARG A 1 22  ? 4.211   1.040   3.738   1.00 17.91 ? 435 ARG A O   1 
ATOM   135 C CB  . ARG A 1 22  ? 4.644   0.776   7.063   1.00 23.53 ? 435 ARG A CB  1 
ATOM   136 C CG  . ARG A 1 22  ? 5.912   0.120   6.687   1.00 27.94 ? 435 ARG A CG  1 
ATOM   137 C CD  . ARG A 1 22  ? 6.816   -0.060  7.930   1.00 29.15 ? 435 ARG A CD  1 
ATOM   138 N NE  . ARG A 1 22  ? 6.862   1.148   8.727   1.00 28.08 ? 435 ARG A NE  1 
ATOM   139 C CZ  . ARG A 1 22  ? 7.511   1.274   9.886   1.00 26.30 ? 435 ARG A CZ  1 
ATOM   140 N NH1 . ARG A 1 22  ? 8.171   0.230   10.434  1.00 26.99 ? 435 ARG A NH1 1 
ATOM   141 N NH2 . ARG A 1 22  ? 7.443   2.439   10.528  1.00 29.01 ? 435 ARG A NH2 1 
ATOM   142 N N   . LEU A 1 23  ? 3.636   2.907   4.898   1.00 17.34 ? 436 LEU A N   1 
ATOM   143 C CA  . LEU A 1 23  ? 3.727   3.853   3.777   1.00 16.58 ? 436 LEU A CA  1 
ATOM   144 C C   . LEU A 1 23  ? 4.879   4.840   3.976   1.00 15.84 ? 436 LEU A C   1 
ATOM   145 O O   . LEU A 1 23  ? 5.286   5.149   5.102   1.00 17.76 ? 436 LEU A O   1 
ATOM   146 C CB  . LEU A 1 23  ? 2.429   4.668   3.652   1.00 17.14 ? 436 LEU A CB  1 
ATOM   147 C CG  . LEU A 1 23  ? 1.132   3.921   3.405   1.00 17.61 ? 436 LEU A CG  1 
ATOM   148 C CD1 . LEU A 1 23  ? -0.032  4.877   3.330   1.00 19.18 ? 436 LEU A CD1 1 
ATOM   149 C CD2 . LEU A 1 23  ? 1.219   3.035   2.192   1.00 19.89 ? 436 LEU A CD2 1 
ATOM   150 N N   . ALA A 1 24  ? 5.346   5.373   2.851   1.00 16.93 ? 437 ALA A N   1 
ATOM   151 C CA  . ALA A 1 24  ? 6.292   6.492   2.858   1.00 16.42 ? 437 ALA A CA  1 
ATOM   152 C C   . ALA A 1 24  ? 5.965   7.418   1.705   1.00 16.52 ? 437 ALA A C   1 
ATOM   153 O O   . ALA A 1 24  ? 5.431   7.014   0.671   1.00 17.01 ? 437 ALA A O   1 
ATOM   154 C CB  . ALA A 1 24  ? 7.785   6.008   2.785   1.00 19.94 ? 437 ALA A CB  1 
ATOM   155 N N   . GLY A 1 25  ? 6.371   8.660   1.864   1.00 16.44 ? 438 GLY A N   1 
ATOM   156 C CA  . GLY A 1 25  ? 6.245   9.638   0.809   1.00 17.48 ? 438 GLY A CA  1 
ATOM   157 C C   . GLY A 1 25  ? 7.145   10.832  1.125   1.00 18.06 ? 438 GLY A C   1 
ATOM   158 O O   . GLY A 1 25  ? 7.986   10.785  2.041   1.00 20.10 ? 438 GLY A O   1 
ATOM   159 N N   . GLY A 1 26  ? 7.028   11.871  0.293   1.00 20.64 ? 439 GLY A N   1 
ATOM   160 C CA  . GLY A 1 26  ? 7.729   13.128  0.497   1.00 22.75 ? 439 GLY A CA  1 
ATOM   161 C C   . GLY A 1 26  ? 6.747   14.272  0.401   1.00 22.47 ? 439 GLY A C   1 
ATOM   162 O O   . GLY A 1 26  ? 5.646   14.187  0.926   1.00 24.07 ? 439 GLY A O   1 
ATOM   163 N N   . ASN A 1 27  ? 7.158   15.341  -0.279  1.00 26.36 ? 440 ASN A N   1 
ATOM   164 C CA  . ASN A 1 27  ? 6.303   16.505  -0.480  1.00 29.26 ? 440 ASN A CA  1 
ATOM   165 C C   . ASN A 1 27  ? 5.459   16.347  -1.743  1.00 27.27 ? 440 ASN A C   1 
ATOM   166 O O   . ASN A 1 27  ? 5.804   16.873  -2.793  1.00 30.63 ? 440 ASN A O   1 
ATOM   167 C CB  . ASN A 1 27  ? 7.165   17.761  -0.554  1.00 35.17 ? 440 ASN A CB  1 
ATOM   168 C CG  . ASN A 1 27  ? 6.346   19.031  -0.534  1.00 36.62 ? 440 ASN A CG  1 
ATOM   169 O OD1 . ASN A 1 27  ? 5.117   19.003  -0.352  1.00 41.09 ? 440 ASN A OD1 1 
ATOM   170 N ND2 . ASN A 1 27  ? 7.017   20.165  -0.729  1.00 46.36 ? 440 ASN A ND2 1 
ATOM   171 N N   . ASP A 1 28  ? 4.366   15.581  -1.624  1.00 28.60 ? 441 ASP A N   1 
ATOM   172 C CA  . ASP A 1 28  ? 3.421   15.279  -2.707  1.00 27.65 ? 441 ASP A CA  1 
ATOM   173 C C   . ASP A 1 28  ? 4.141   14.793  -3.954  1.00 27.35 ? 441 ASP A C   1 
ATOM   174 O O   . ASP A 1 28  ? 3.968   15.330  -5.040  1.00 29.84 ? 441 ASP A O   1 
ATOM   175 C CB  . ASP A 1 28  ? 2.512   16.485  -2.965  1.00 31.14 ? 441 ASP A CB  1 
ATOM   176 C CG  . ASP A 1 28  ? 1.491   16.245  -4.058  1.00 39.45 ? 441 ASP A CG  1 
ATOM   177 O OD1 . ASP A 1 28  ? 0.902   15.144  -4.135  1.00 46.17 ? 441 ASP A OD1 1 
ATOM   178 O OD2 . ASP A 1 28  ? 1.273   17.194  -4.847  1.00 48.10 ? 441 ASP A OD2 1 
ATOM   179 N N   . VAL A 1 29  ? 4.905   13.719  -3.761  1.00 23.20 ? 442 VAL A N   1 
ATOM   180 C CA  . VAL A 1 29  ? 5.644   13.027  -4.801  1.00 22.93 ? 442 VAL A CA  1 
ATOM   181 C C   . VAL A 1 29  ? 5.237   11.527  -4.940  1.00 22.93 ? 442 VAL A C   1 
ATOM   182 O O   . VAL A 1 29  ? 5.997   10.694  -5.478  1.00 23.61 ? 442 VAL A O   1 
ATOM   183 C CB  . VAL A 1 29  ? 7.186   13.148  -4.571  1.00 26.47 ? 442 VAL A CB  1 
ATOM   184 C CG1 . VAL A 1 29  ? 7.618   14.612  -4.714  1.00 26.94 ? 442 VAL A CG1 1 
ATOM   185 C CG2 . VAL A 1 29  ? 7.619   12.574  -3.238  1.00 24.12 ? 442 VAL A CG2 1 
ATOM   186 N N   . GLY A 1 30  ? 4.043   11.176  -4.455  1.00 22.56 ? 443 GLY A N   1 
ATOM   187 C CA  . GLY A 1 30  ? 3.568   9.791   -4.550  1.00 19.91 ? 443 GLY A CA  1 
ATOM   188 C C   . GLY A 1 30  ? 3.561   9.121   -3.199  1.00 18.55 ? 443 GLY A C   1 
ATOM   189 O O   . GLY A 1 30  ? 4.229   9.552   -2.257  1.00 20.39 ? 443 GLY A O   1 
ATOM   190 N N   . ILE A 1 31  ? 2.784   8.051   -3.107  1.00 16.72 ? 444 ILE A N   1 
ATOM   191 C CA  . ILE A 1 31  ? 2.674   7.222   -1.899  1.00 14.99 ? 444 ILE A CA  1 
ATOM   192 C C   . ILE A 1 31  ? 3.315   5.865   -2.210  1.00 15.35 ? 444 ILE A C   1 
ATOM   193 O O   . ILE A 1 31  ? 2.959   5.219   -3.201  1.00 16.80 ? 444 ILE A O   1 
ATOM   194 C CB  . ILE A 1 31  ? 1.184   6.979   -1.518  1.00 15.86 ? 444 ILE A CB  1 
ATOM   195 C CG1 . ILE A 1 31  ? 0.410   8.318   -1.376  1.00 21.68 ? 444 ILE A CG1 1 
ATOM   196 C CG2 . ILE A 1 31  ? 1.042   6.095   -0.272  1.00 17.99 ? 444 ILE A CG2 1 
ATOM   197 C CD1 . ILE A 1 31  ? 0.903   9.253   -0.334  1.00 22.32 ? 444 ILE A CD1 1 
ATOM   198 N N   . PHE A 1 32  ? 4.252   5.439   -1.372  1.00 16.19 ? 445 PHE A N   1 
ATOM   199 C CA  . PHE A 1 32  ? 5.063   4.229   -1.620  1.00 15.66 ? 445 PHE A CA  1 
ATOM   200 C C   . PHE A 1 32  ? 4.893   3.199   -0.502  1.00 16.05 ? 445 PHE A C   1 
ATOM   201 O O   . PHE A 1 32  ? 4.642   3.580   0.651   1.00 17.15 ? 445 PHE A O   1 
ATOM   202 C CB  . PHE A 1 32  ? 6.544   4.593   -1.742  1.00 16.87 ? 445 PHE A CB  1 
ATOM   203 C CG  . PHE A 1 32  ? 6.832   5.443   -2.959  1.00 15.77 ? 445 PHE A CG  1 
ATOM   204 C CD1 . PHE A 1 32  ? 6.529   6.822   -2.964  1.00 18.50 ? 445 PHE A CD1 1 
ATOM   205 C CD2 . PHE A 1 32  ? 7.304   4.876   -4.120  1.00 18.65 ? 445 PHE A CD2 1 
ATOM   206 C CE1 . PHE A 1 32  ? 6.736   7.574   -4.084  1.00 20.19 ? 445 PHE A CE1 1 
ATOM   207 C CE2 . PHE A 1 32  ? 7.515   5.659   -5.234  1.00 20.57 ? 445 PHE A CE2 1 
ATOM   208 C CZ  . PHE A 1 32  ? 7.202   6.991   -5.206  1.00 19.57 ? 445 PHE A CZ  1 
ATOM   209 N N   . VAL A 1 33  ? 5.041   1.917   -0.860  1.00 16.82 ? 446 VAL A N   1 
ATOM   210 C CA  . VAL A 1 33  ? 5.123   0.843   0.117   1.00 17.57 ? 446 VAL A CA  1 
ATOM   211 C C   . VAL A 1 33  ? 6.485   0.892   0.822   1.00 17.42 ? 446 VAL A C   1 
ATOM   212 O O   . VAL A 1 33  ? 7.514   0.778   0.185   1.00 17.53 ? 446 VAL A O   1 
ATOM   213 C CB  . VAL A 1 33  ? 4.923   -0.520  -0.535  1.00 19.40 ? 446 VAL A CB  1 
ATOM   214 C CG1 . VAL A 1 33  ? 5.018   -1.627  0.530   1.00 20.27 ? 446 VAL A CG1 1 
ATOM   215 C CG2 . VAL A 1 33  ? 3.574   -0.567  -1.264  1.00 21.85 ? 446 VAL A CG2 1 
ATOM   216 N N   . ALA A 1 34  ? 6.468   1.127   2.135   1.00 16.85 ? 447 ALA A N   1 
ATOM   217 C CA  . ALA A 1 34  ? 7.685   1.201   2.938   1.00 15.83 ? 447 ALA A CA  1 
ATOM   218 C C   . ALA A 1 34  ? 7.898   -0.062  3.783   1.00 18.71 ? 447 ALA A C   1 
ATOM   219 O O   . ALA A 1 34  ? 8.849   -0.137  4.554   1.00 24.41 ? 447 ALA A O   1 
ATOM   220 C CB  . ALA A 1 34  ? 7.653   2.452   3.850   1.00 18.65 ? 447 ALA A CB  1 
ATOM   221 N N   . GLY A 1 35  ? 7.063   -1.058  3.613   1.00 18.67 ? 448 GLY A N   1 
ATOM   222 C CA  . GLY A 1 35  ? 7.196   -2.280  4.368   1.00 18.36 ? 448 GLY A CA  1 
ATOM   223 C C   . GLY A 1 35  ? 5.951   -3.120  4.168   1.00 18.50 ? 448 GLY A C   1 
ATOM   224 O O   . GLY A 1 35  ? 4.844   -2.578  4.010   1.00 18.99 ? 448 GLY A O   1 
ATOM   225 N N   . VAL A 1 36  ? 6.150   -4.443  4.127   1.00 18.83 ? 449 VAL A N   1 
ATOM   226 C CA  . VAL A 1 36  ? 5.060   -5.422  4.013   1.00 19.35 ? 449 VAL A CA  1 
ATOM   227 C C   . VAL A 1 36  ? 5.236   -6.437  5.137   1.00 17.32 ? 449 VAL A C   1 
ATOM   228 O O   . VAL A 1 36  ? 6.299   -6.959  5.345   1.00 18.56 ? 449 VAL A O   1 
ATOM   229 C CB  . VAL A 1 36  ? 5.042   -6.111  2.637   1.00 19.19 ? 449 VAL A CB  1 
ATOM   230 C CG1 . VAL A 1 36  ? 3.849   -7.024  2.499   1.00 24.87 ? 449 VAL A CG1 1 
ATOM   231 C CG2 . VAL A 1 36  ? 5.045   -5.051  1.506   1.00 21.83 ? 449 VAL A CG2 1 
ATOM   232 N N   . LEU A 1 37  ? 4.185   -6.648  5.906   1.00 19.16 ? 450 LEU A N   1 
ATOM   233 C CA  . LEU A 1 37  ? 4.248   -7.449  7.113   1.00 19.81 ? 450 LEU A CA  1 
ATOM   234 C C   . LEU A 1 37  ? 4.516   -8.902  6.749   1.00 18.63 ? 450 LEU A C   1 
ATOM   235 O O   . LEU A 1 37  ? 3.891   -9.463  5.843   1.00 18.12 ? 450 LEU A O   1 
ATOM   236 C CB  . LEU A 1 37  ? 2.910   -7.319  7.837   1.00 23.24 ? 450 LEU A CB  1 
ATOM   237 C CG  . LEU A 1 37  ? 2.921   -7.345  9.337   1.00 26.05 ? 450 LEU A CG  1 
ATOM   238 C CD1 . LEU A 1 37  ? 3.913   -6.354  10.083  1.00 22.23 ? 450 LEU A CD1 1 
ATOM   239 C CD2 . LEU A 1 37  ? 1.459   -7.196  9.879   1.00 23.45 ? 450 LEU A CD2 1 
ATOM   240 N N   . GLU A 1 38  ? 5.450   -9.529  7.443   1.00 16.57 ? 451 GLU A N   1 
ATOM   241 C CA  . GLU A 1 38  ? 5.777   -10.922 7.197   1.00 15.94 ? 451 GLU A CA  1 
ATOM   242 C C   . GLU A 1 38  ? 4.592   -11.801 7.575   1.00 16.83 ? 451 GLU A C   1 
ATOM   243 O O   . GLU A 1 38  ? 3.900   -11.547 8.546   1.00 17.42 ? 451 GLU A O   1 
ATOM   244 C CB  . GLU A 1 38  ? 7.062   -11.352 7.923   1.00 18.34 ? 451 GLU A CB  1 
ATOM   245 C CG  . GLU A 1 38  ? 7.664   -12.727 7.422   1.00 20.67 ? 451 GLU A CG  1 
ATOM   246 C CD  . GLU A 1 38  ? 7.851   -12.840 5.894   1.00 23.44 ? 451 GLU A CD  1 
ATOM   247 O OE1 . GLU A 1 38  ? 6.819   -13.129 5.200   1.00 24.53 ? 451 GLU A OE1 1 
ATOM   248 O OE2 . GLU A 1 38  ? 8.998   -12.688 5.380   1.00 23.43 ? 451 GLU A OE2 1 
ATOM   249 N N   . ASP A 1 39  ? 4.350   -12.812 6.746   1.00 19.19 ? 452 ASP A N   1 
ATOM   250 C CA  . ASP A 1 39  ? 3.245   -13.768 6.900   1.00 18.89 ? 452 ASP A CA  1 
ATOM   251 C C   . ASP A 1 39  ? 1.854   -13.189 6.609   1.00 19.47 ? 452 ASP A C   1 
ATOM   252 O O   . ASP A 1 39  ? 0.853   -13.893 6.748   1.00 23.77 ? 452 ASP A O   1 
ATOM   253 C CB  . ASP A 1 39  ? 3.310   -14.476 8.277   1.00 20.62 ? 452 ASP A CB  1 
ATOM   254 C CG  . ASP A 1 39  ? 4.649   -15.149 8.500   1.00 23.38 ? 452 ASP A CG  1 
ATOM   255 O OD1 . ASP A 1 39  ? 4.976   -16.123 7.756   1.00 26.40 ? 452 ASP A OD1 1 
ATOM   256 O OD2 . ASP A 1 39  ? 5.353   -14.748 9.440   1.00 31.20 ? 452 ASP A OD2 1 
ATOM   257 N N   . SER A 1 40  ? 1.787   -11.950 6.144   1.00 19.79 ? 453 SER A N   1 
ATOM   258 C CA  . SER A 1 40  ? 0.487   -11.311 5.918   1.00 18.90 ? 453 SER A CA  1 
ATOM   259 C C   . SER A 1 40  ? -0.087  -11.676 4.551   1.00 17.57 ? 453 SER A C   1 
ATOM   260 O O   . SER A 1 40  ? 0.646   -12.075 3.642   1.00 19.59 ? 453 SER A O   1 
ATOM   261 C CB  . SER A 1 40  ? 0.606   -9.789  5.960   1.00 19.66 ? 453 SER A CB  1 
ATOM   262 O OG  . SER A 1 40  ? 1.401   -9.281  4.871   1.00 19.61 ? 453 SER A OG  1 
ATOM   263 N N   . PRO A 1 41  ? -1.406  -11.508 4.384   1.00 18.76 ? 454 PRO A N   1 
ATOM   264 C CA  . PRO A 1 41  ? -2.022  -11.634 3.063   1.00 19.15 ? 454 PRO A CA  1 
ATOM   265 C C   . PRO A 1 41  ? -1.341  -10.744 2.020   1.00 18.52 ? 454 PRO A C   1 
ATOM   266 O O   . PRO A 1 41  ? -1.130  -11.174 0.885   1.00 19.71 ? 454 PRO A O   1 
ATOM   267 C CB  . PRO A 1 41  ? -3.462  -11.169 3.314   1.00 20.29 ? 454 PRO A CB  1 
ATOM   268 C CG  . PRO A 1 41  ? -3.723  -11.534 4.773   1.00 21.74 ? 454 PRO A CG  1 
ATOM   269 C CD  . PRO A 1 41  ? -2.402  -11.284 5.456   1.00 20.60 ? 454 PRO A CD  1 
ATOM   270 N N   . ALA A 1 42  ? -0.980  -9.525  2.390   1.00 19.14 ? 455 ALA A N   1 
ATOM   271 C CA  . ALA A 1 42  ? -0.291  -8.638  1.440   1.00 17.81 ? 455 ALA A CA  1 
ATOM   272 C C   . ALA A 1 42  ? 1.027   -9.221  0.922   1.00 20.15 ? 455 ALA A C   1 
ATOM   273 O O   . ALA A 1 42  ? 1.351   -9.103  -0.253  1.00 20.35 ? 455 ALA A O   1 
ATOM   274 C CB  . ALA A 1 42  ? -0.072  -7.262  2.058   1.00 17.88 ? 455 ALA A CB  1 
ATOM   275 N N   . ALA A 1 43  ? 1.793   -9.829  1.811   1.00 20.04 ? 456 ALA A N   1 
ATOM   276 C CA  . ALA A 1 43  ? 3.032   -10.546 1.465   1.00 19.60 ? 456 ALA A CA  1 
ATOM   277 C C   . ALA A 1 43  ? 2.808   -11.729 0.559   1.00 21.41 ? 456 ALA A C   1 
ATOM   278 O O   . ALA A 1 43  ? 3.536   -11.962 -0.398  1.00 23.20 ? 456 ALA A O   1 
ATOM   279 C CB  . ALA A 1 43  ? 3.748   -11.007 2.757   1.00 22.20 ? 456 ALA A CB  1 
ATOM   280 N N   . LYS A 1 44  ? 1.792   -12.505 0.894   1.00 20.86 ? 457 LYS A N   1 
ATOM   281 C CA  . LYS A 1 44  ? 1.460   -13.680 0.113   1.00 23.52 ? 457 LYS A CA  1 
ATOM   282 C C   . LYS A 1 44  ? 1.123   -13.300 -1.320  1.00 20.80 ? 457 LYS A C   1 
ATOM   283 O O   . LYS A 1 44  ? 1.504   -13.996 -2.234  1.00 26.41 ? 457 LYS A O   1 
ATOM   284 C CB  . LYS A 1 44  ? 0.295   -14.421 0.773   1.00 23.85 ? 457 LYS A CB  1 
ATOM   285 C CG  . LYS A 1 44  ? -0.129  -15.656 0.057   1.00 28.07 ? 457 LYS A CG  1 
ATOM   286 C CD  . LYS A 1 44  ? -1.291  -16.270 0.813   1.00 30.64 ? 457 LYS A CD  1 
ATOM   287 C CE  . LYS A 1 44  ? -1.895  -17.453 0.078   1.00 37.52 ? 457 LYS A CE  1 
ATOM   288 N NZ  . LYS A 1 44  ? -0.912  -18.587 0.015   1.00 43.72 ? 457 LYS A NZ  1 
ATOM   289 N N   . GLU A 1 45  ? 0.450   -12.157 -1.501  1.00 21.23 ? 458 GLU A N   1 
ATOM   290 C CA  . GLU A 1 45  ? -0.028  -11.728 -2.815  1.00 21.73 ? 458 GLU A CA  1 
ATOM   291 C C   . GLU A 1 45  ? 0.966   -10.883 -3.577  1.00 23.80 ? 458 GLU A C   1 
ATOM   292 O O   . GLU A 1 45  ? 0.705   -10.480 -4.680  1.00 30.91 ? 458 GLU A O   1 
ATOM   293 C CB  . GLU A 1 45  ? -1.342  -10.967 -2.638  1.00 23.52 ? 458 GLU A CB  1 
ATOM   294 C CG  . GLU A 1 45  ? -2.472  -11.841 -2.066  1.00 25.37 ? 458 GLU A CG  1 
ATOM   295 C CD  . GLU A 1 45  ? -2.734  -13.114 -2.851  1.00 27.80 ? 458 GLU A CD  1 
ATOM   296 O OE1 . GLU A 1 45  ? -2.680  -13.051 -4.096  1.00 30.16 ? 458 GLU A OE1 1 
ATOM   297 O OE2 . GLU A 1 45  ? -2.988  -14.194 -2.244  1.00 34.67 ? 458 GLU A OE2 1 
ATOM   298 N N   . GLY A 1 46  ? 2.114   -10.588 -2.989  1.00 23.45 ? 459 GLY A N   1 
ATOM   299 C CA  . GLY A 1 46  ? 3.220   -10.015 -3.766  1.00 24.46 ? 459 GLY A CA  1 
ATOM   300 C C   . GLY A 1 46  ? 3.461   -8.522  -3.665  1.00 22.06 ? 459 GLY A C   1 
ATOM   301 O O   . GLY A 1 46  ? 4.168   -7.999  -4.495  1.00 24.76 ? 459 GLY A O   1 
ATOM   302 N N   . LEU A 1 47  ? 2.885   -7.822  -2.689  1.00 20.40 ? 460 LEU A N   1 
ATOM   303 C CA  . LEU A 1 47  ? 3.230   -6.406  -2.479  1.00 21.65 ? 460 LEU A CA  1 
ATOM   304 C C   . LEU A 1 47  ? 4.687   -6.340  -2.024  1.00 23.16 ? 460 LEU A C   1 
ATOM   305 O O   . LEU A 1 47  ? 5.120   -7.232  -1.278  1.00 26.40 ? 460 LEU A O   1 
ATOM   306 C CB  . LEU A 1 47  ? 2.272   -5.783  -1.461  1.00 22.29 ? 460 LEU A CB  1 
ATOM   307 C CG  . LEU A 1 47  ? 2.220   -4.261  -1.357  1.00 24.53 ? 460 LEU A CG  1 
ATOM   308 C CD1 . LEU A 1 47  ? 1.641   -3.661  -2.648  1.00 27.55 ? 460 LEU A CD1 1 
ATOM   309 C CD2 . LEU A 1 47  ? 1.413   -3.829  -0.179  1.00 25.86 ? 460 LEU A CD2 1 
ATOM   310 N N   . GLU A 1 48  ? 5.455   -5.345  -2.506  1.00 23.86 ? 461 GLU A N   1 
ATOM   311 C CA  . GLU A 1 48  ? 6.885   -5.191  -2.143  1.00 24.73 ? 461 GLU A CA  1 
ATOM   312 C C   . GLU A 1 48  ? 7.276   -3.778  -1.775  1.00 21.35 ? 461 GLU A C   1 
ATOM   313 O O   . GLU A 1 48  ? 6.740   -2.824  -2.325  1.00 23.70 ? 461 GLU A O   1 
ATOM   314 C CB  . GLU A 1 48  ? 7.780   -5.653  -3.265  1.00 30.24 ? 461 GLU A CB  1 
ATOM   315 C CG  . GLU A 1 48  ? 7.604   -7.143  -3.546  1.00 35.82 ? 461 GLU A CG  1 
ATOM   316 C CD  . GLU A 1 48  ? 8.456   -7.646  -4.691  1.00 41.93 ? 461 GLU A CD  1 
ATOM   317 O OE1 . GLU A 1 48  ? 9.055   -6.806  -5.410  1.00 47.98 ? 461 GLU A OE1 1 
ATOM   318 O OE2 . GLU A 1 48  ? 8.532   -8.891  -4.853  1.00 49.70 ? 461 GLU A OE2 1 
ATOM   319 N N   . GLU A 1 49  ? 8.198   -3.648  -0.820  1.00 22.61 ? 462 GLU A N   1 
ATOM   320 C CA  . GLU A 1 49  ? 8.745   -2.351  -0.417  1.00 20.84 ? 462 GLU A CA  1 
ATOM   321 C C   . GLU A 1 49  ? 9.326   -1.697  -1.667  1.00 19.76 ? 462 GLU A C   1 
ATOM   322 O O   . GLU A 1 49  ? 9.983   -2.359  -2.483  1.00 22.09 ? 462 GLU A O   1 
ATOM   323 C CB  . GLU A 1 49  ? 9.793   -2.516  0.692   1.00 21.41 ? 462 GLU A CB  1 
ATOM   324 C CG  . GLU A 1 49  ? 10.422  -1.205  1.121   1.00 20.29 ? 462 GLU A CG  1 
ATOM   325 C CD  . GLU A 1 49  ? 10.962  -1.122  2.523   1.00 25.97 ? 462 GLU A CD  1 
ATOM   326 O OE1 . GLU A 1 49  ? 10.883  -2.104  3.289   1.00 29.55 ? 462 GLU A OE1 1 
ATOM   327 O OE2 . GLU A 1 49  ? 11.479  -0.007  2.854   1.00 29.34 ? 462 GLU A OE2 1 
ATOM   328 N N   . GLY A 1 50  ? 9.049   -0.400  -1.830  1.00 18.51 ? 463 GLY A N   1 
ATOM   329 C CA  . GLY A 1 50  ? 9.524   0.378   -2.979  1.00 19.37 ? 463 GLY A CA  1 
ATOM   330 C C   . GLY A 1 50  ? 8.522   0.583   -4.082  1.00 20.10 ? 463 GLY A C   1 
ATOM   331 O O   . GLY A 1 50  ? 8.677   1.473   -4.910  1.00 21.35 ? 463 GLY A O   1 
ATOM   332 N N   . ASP A 1 51  ? 7.476   -0.243  -4.079  1.00 20.88 ? 464 ASP A N   1 
ATOM   333 C CA  . ASP A 1 51  ? 6.375   -0.106  -5.036  1.00 22.32 ? 464 ASP A CA  1 
ATOM   334 C C   . ASP A 1 51  ? 5.668   1.247   -4.809  1.00 22.47 ? 464 ASP A C   1 
ATOM   335 O O   . ASP A 1 51  ? 5.440   1.633   -3.678  1.00 19.15 ? 464 ASP A O   1 
ATOM   336 C CB  . ASP A 1 51  ? 5.335   -1.242  -4.826  1.00 24.05 ? 464 ASP A CB  1 
ATOM   337 C CG  . ASP A 1 51  ? 5.818   -2.600  -5.282  1.00 27.89 ? 464 ASP A CG  1 
ATOM   338 O OD1 . ASP A 1 51  ? 6.880   -2.649  -5.966  1.00 30.41 ? 464 ASP A OD1 1 
ATOM   339 O OD2 . ASP A 1 51  ? 5.085   -3.602  -4.972  1.00 29.96 ? 464 ASP A OD2 1 
ATOM   340 N N   . GLN A 1 52  ? 5.282   1.950   -5.870  1.00 19.51 ? 465 GLN A N   1 
ATOM   341 C CA  . GLN A 1 52  ? 4.408   3.106   -5.719  1.00 19.32 ? 465 GLN A CA  1 
ATOM   342 C C   . GLN A 1 52  ? 2.965   2.601   -5.787  1.00 17.00 ? 465 GLN A C   1 
ATOM   343 O O   . GLN A 1 52  ? 2.599   1.854   -6.695  1.00 19.49 ? 465 GLN A O   1 
ATOM   344 C CB  . GLN A 1 52  ? 4.644   4.127   -6.829  1.00 18.96 ? 465 GLN A CB  1 
ATOM   345 C CG  . GLN A 1 52  ? 3.844   5.438   -6.562  1.00 16.93 ? 465 GLN A CG  1 
ATOM   346 C CD  . GLN A 1 52  ? 3.952   6.489   -7.625  1.00 19.62 ? 465 GLN A CD  1 
ATOM   347 O OE1 . GLN A 1 52  ? 4.788   6.404   -8.535  1.00 25.66 ? 465 GLN A OE1 1 
ATOM   348 N NE2 . GLN A 1 52  ? 3.083   7.495   -7.534  1.00 21.73 ? 465 GLN A NE2 1 
ATOM   349 N N   . ILE A 1 53  ? 2.130   3.032   -4.854  1.00 16.53 ? 466 ILE A N   1 
ATOM   350 C CA  . ILE A 1 53  ? 0.696   2.698   -4.876  1.00 16.50 ? 466 ILE A CA  1 
ATOM   351 C C   . ILE A 1 53  ? -0.001  3.706   -5.758  1.00 17.52 ? 466 ILE A C   1 
ATOM   352 O O   . ILE A 1 53  ? 0.012   4.910   -5.487  1.00 18.82 ? 466 ILE A O   1 
ATOM   353 C CB  . ILE A 1 53  ? 0.060   2.726   -3.459  1.00 17.87 ? 466 ILE A CB  1 
ATOM   354 C CG1 . ILE A 1 53  ? 0.803   1.735   -2.551  1.00 18.24 ? 466 ILE A CG1 1 
ATOM   355 C CG2 . ILE A 1 53  ? -1.466  2.432   -3.516  1.00 18.44 ? 466 ILE A CG2 1 
ATOM   356 C CD1 . ILE A 1 53  ? 0.328   1.746   -1.135  1.00 21.51 ? 466 ILE A CD1 1 
ATOM   357 N N   . LEU A 1 54  ? -0.616  3.197   -6.808  1.00 17.10 ? 467 LEU A N   1 
ATOM   358 C CA  . LEU A 1 54  ? -1.365  4.044   -7.746  1.00 17.82 ? 467 LEU A CA  1 
ATOM   359 C C   . LEU A 1 54  ? -2.835  4.176   -7.432  1.00 16.71 ? 467 LEU A C   1 
ATOM   360 O O   . LEU A 1 54  ? -3.444  5.235   -7.629  1.00 18.29 ? 467 LEU A O   1 
ATOM   361 C CB  . LEU A 1 54  ? -1.142  3.561   -9.205  1.00 17.91 ? 467 LEU A CB  1 
ATOM   362 C CG  . LEU A 1 54  ? 0.327   3.445   -9.681  1.00 20.20 ? 467 LEU A CG  1 
ATOM   363 C CD1 . LEU A 1 54  ? 0.330   2.959   -11.127 1.00 22.77 ? 467 LEU A CD1 1 
ATOM   364 C CD2 . LEU A 1 54  ? 1.082   4.803   -9.506  1.00 23.94 ? 467 LEU A CD2 1 
ATOM   365 N N   . ARG A 1 55  ? -3.402  3.099   -6.950  1.00 17.86 ? 468 ARG A N   1 
ATOM   366 C CA  . ARG A 1 55  ? -4.830  3.011   -6.687  1.00 17.59 ? 468 ARG A CA  1 
ATOM   367 C C   . ARG A 1 55  ? -5.034  1.996   -5.561  1.00 17.08 ? 468 ARG A C   1 
ATOM   368 O O   . ARG A 1 55  ? -4.397  0.940   -5.548  1.00 17.38 ? 468 ARG A O   1 
ATOM   369 C CB  . ARG A 1 55  ? -5.611  2.545   -7.947  1.00 18.70 ? 468 ARG A CB  1 
ATOM   370 C CG  . ARG A 1 55  ? -7.079  2.297   -7.676  1.00 19.11 ? 468 ARG A CG  1 
ATOM   371 C CD  . ARG A 1 55  ? -7.841  1.960   -8.904  1.00 20.89 ? 468 ARG A CD  1 
ATOM   372 N NE  . ARG A 1 55  ? -7.465  0.698   -9.547  1.00 22.40 ? 468 ARG A NE  1 
ATOM   373 C CZ  . ARG A 1 55  ? -7.861  -0.520  -9.170  1.00 24.26 ? 468 ARG A CZ  1 
ATOM   374 N NH1 . ARG A 1 55  ? -8.560  -0.735  -8.039  1.00 25.32 ? 468 ARG A NH1 1 
ATOM   375 N NH2 . ARG A 1 55  ? -7.509  -1.557  -9.919  1.00 28.30 ? 468 ARG A NH2 1 
ATOM   376 N N   . VAL A 1 56  ? -5.952  2.321   -4.659  1.00 16.34 ? 469 VAL A N   1 
ATOM   377 C CA  . VAL A 1 56  ? -6.490  1.345   -3.711  1.00 15.46 ? 469 VAL A CA  1 
ATOM   378 C C   . VAL A 1 56  ? -8.002  1.391   -3.841  1.00 16.50 ? 469 VAL A C   1 
ATOM   379 O O   . VAL A 1 56  ? -8.611  2.444   -3.740  1.00 18.26 ? 469 VAL A O   1 
ATOM   380 C CB  . VAL A 1 56  ? -6.080  1.555   -2.238  1.00 16.98 ? 469 VAL A CB  1 
ATOM   381 C CG1 . VAL A 1 56  ? -6.623  0.386   -1.336  1.00 19.04 ? 469 VAL A CG1 1 
ATOM   382 C CG2 . VAL A 1 56  ? -4.555  1.711   -2.108  1.00 17.53 ? 469 VAL A CG2 1 
ATOM   383 N N   . ASN A 1 57  ? -8.594  0.247   -4.113  1.00 16.09 ? 470 ASN A N   1 
ATOM   384 C CA  . ASN A 1 57  ? -10.055 0.153   -4.342  1.00 17.51 ? 470 ASN A CA  1 
ATOM   385 C C   . ASN A 1 57  ? -10.491 1.209   -5.324  1.00 18.36 ? 470 ASN A C   1 
ATOM   386 O O   . ASN A 1 57  ? -9.985  1.192   -6.458  1.00 18.15 ? 470 ASN A O   1 
ATOM   387 C CB  . ASN A 1 57  ? -10.806 0.145   -2.984  1.00 17.86 ? 470 ASN A CB  1 
ATOM   388 C CG  . ASN A 1 57  ? -10.549 -1.129  -2.167  1.00 16.95 ? 470 ASN A CG  1 
ATOM   389 O OD1 . ASN A 1 57  ? -9.796  -1.992  -2.576  1.00 19.87 ? 470 ASN A OD1 1 
ATOM   390 N ND2 . ASN A 1 57  ? -11.188 -1.238  -1.023  1.00 21.48 ? 470 ASN A ND2 1 
ATOM   391 N N   . ASN A 1 58  ? -11.374 2.123   -4.935  1.00 17.30 ? 471 ASN A N   1 
ATOM   392 C CA  . ASN A 1 58  ? -11.873 3.141   -5.866  1.00 17.04 ? 471 ASN A CA  1 
ATOM   393 C C   . ASN A 1 58  ? -11.261 4.523   -5.676  1.00 18.24 ? 471 ASN A C   1 
ATOM   394 O O   . ASN A 1 58  ? -11.849 5.501   -6.052  1.00 17.95 ? 471 ASN A O   1 
ATOM   395 C CB  . ASN A 1 58  ? -13.399 3.214   -5.806  1.00 19.38 ? 471 ASN A CB  1 
ATOM   396 C CG  . ASN A 1 58  ? -14.068 1.854   -5.948  1.00 21.06 ? 471 ASN A CG  1 
ATOM   397 O OD1 . ASN A 1 58  ? -13.681 1.008   -6.783  1.00 26.83 ? 471 ASN A OD1 1 
ATOM   398 N ND2 . ASN A 1 58  ? -15.079 1.631   -5.128  1.00 27.94 ? 471 ASN A ND2 1 
ATOM   399 N N   . VAL A 1 59  ? -10.057 4.586   -5.109  1.00 17.88 ? 472 VAL A N   1 
ATOM   400 C CA  . VAL A 1 59  ? -9.369  5.840   -4.790  1.00 17.91 ? 472 VAL A CA  1 
ATOM   401 C C   . VAL A 1 59  ? -8.050  6.001   -5.567  1.00 17.50 ? 472 VAL A C   1 
ATOM   402 O O   . VAL A 1 59  ? -7.215  5.106   -5.589  1.00 16.83 ? 472 VAL A O   1 
ATOM   403 C CB  . VAL A 1 59  ? -9.087  5.953   -3.258  1.00 17.74 ? 472 VAL A CB  1 
ATOM   404 C CG1 . VAL A 1 59  ? -8.356  7.268   -2.909  1.00 20.30 ? 472 VAL A CG1 1 
ATOM   405 C CG2 . VAL A 1 59  ? -10.380 5.858   -2.474  1.00 20.62 ? 472 VAL A CG2 1 
ATOM   406 N N   . ASP A 1 60  ? -7.857  7.188   -6.142  1.00 18.70 ? 473 ASP A N   1 
ATOM   407 C CA  . ASP A 1 60  ? -6.626  7.545   -6.842  1.00 17.12 ? 473 ASP A CA  1 
ATOM   408 C C   . ASP A 1 60  ? -5.554  7.922   -5.819  1.00 16.97 ? 473 ASP A C   1 
ATOM   409 O O   . ASP A 1 60  ? -5.553  9.032   -5.257  1.00 18.72 ? 473 ASP A O   1 
ATOM   410 C CB  . ASP A 1 60  ? -6.900  8.736   -7.761  1.00 16.92 ? 473 ASP A CB  1 
ATOM   411 C CG  . ASP A 1 60  ? -5.694  9.161   -8.584  1.00 19.88 ? 473 ASP A CG  1 
ATOM   412 O OD1 . ASP A 1 60  ? -4.585  8.617   -8.366  1.00 19.26 ? 473 ASP A OD1 1 
ATOM   413 O OD2 . ASP A 1 60  ? -5.897  10.034  -9.467  1.00 20.15 ? 473 ASP A OD2 1 
ATOM   414 N N   . PHE A 1 61  ? -4.626  7.000   -5.610  1.00 18.10 ? 474 PHE A N   1 
ATOM   415 C CA  . PHE A 1 61  ? -3.577  7.198   -4.617  1.00 17.60 ? 474 PHE A CA  1 
ATOM   416 C C   . PHE A 1 61  ? -2.434  8.102   -5.122  1.00 18.00 ? 474 PHE A C   1 
ATOM   417 O O   . PHE A 1 61  ? -1.458  8.340   -4.390  1.00 18.36 ? 474 PHE A O   1 
ATOM   418 C CB  . PHE A 1 61  ? -3.055  5.849   -4.059  1.00 17.93 ? 474 PHE A CB  1 
ATOM   419 C CG  . PHE A 1 61  ? -3.596  5.506   -2.702  1.00 16.84 ? 474 PHE A CG  1 
ATOM   420 C CD1 . PHE A 1 61  ? -4.965  5.426   -2.495  1.00 17.16 ? 474 PHE A CD1 1 
ATOM   421 C CD2 . PHE A 1 61  ? -2.743  5.230   -1.661  1.00 19.12 ? 474 PHE A CD2 1 
ATOM   422 C CE1 . PHE A 1 61  ? -5.468  5.128   -1.245  1.00 17.19 ? 474 PHE A CE1 1 
ATOM   423 C CE2 . PHE A 1 61  ? -3.231  4.964   -0.417  1.00 18.84 ? 474 PHE A CE2 1 
ATOM   424 C CZ  . PHE A 1 61  ? -4.610  4.894   -0.216  1.00 16.98 ? 474 PHE A CZ  1 
ATOM   425 N N   . THR A 1 62  ? -2.564  8.627   -6.339  1.00 19.18 ? 475 THR A N   1 
ATOM   426 C CA  . THR A 1 62  ? -1.643  9.633   -6.862  1.00 19.53 ? 475 THR A CA  1 
ATOM   427 C C   . THR A 1 62  ? -2.143  11.069  -6.625  1.00 20.28 ? 475 THR A C   1 
ATOM   428 O O   . THR A 1 62  ? -1.395  12.019  -6.954  1.00 22.52 ? 475 THR A O   1 
ATOM   429 C CB  . THR A 1 62  ? -1.274  9.427   -8.374  1.00 18.54 ? 475 THR A CB  1 
ATOM   430 O OG1 . THR A 1 62  ? -2.352  9.842   -9.206  1.00 20.15 ? 475 THR A OG1 1 
ATOM   431 C CG2 . THR A 1 62  ? -0.875  7.954   -8.665  1.00 20.53 ? 475 THR A CG2 1 
ATOM   432 N N   . ASN A 1 63  ? -3.355  11.240  -6.054  1.00 19.83 ? 476 ASN A N   1 
ATOM   433 C CA  . ASN A 1 63  ? -3.934  12.573  -5.766  1.00 21.16 ? 476 ASN A CA  1 
ATOM   434 C C   . ASN A 1 63  ? -4.579  12.764  -4.387  1.00 21.34 ? 476 ASN A C   1 
ATOM   435 O O   . ASN A 1 63  ? -5.609  13.456  -4.236  1.00 26.39 ? 476 ASN A O   1 
ATOM   436 C CB  . ASN A 1 63  ? -4.920  12.963  -6.873  1.00 20.56 ? 476 ASN A CB  1 
ATOM   437 C CG  . ASN A 1 63  ? -4.226  13.310  -8.144  1.00 20.81 ? 476 ASN A CG  1 
ATOM   438 O OD1 . ASN A 1 63  ? -3.493  14.309  -8.183  1.00 26.77 ? 476 ASN A OD1 1 
ATOM   439 N ND2 . ASN A 1 63  ? -4.428  12.498  -9.198  1.00 23.95 ? 476 ASN A ND2 1 
ATOM   440 N N   . ILE A 1 64  ? -4.058  12.016  -3.439  1.00 25.30 ? 477 ILE A N   1 
ATOM   441 C CA  . ILE A 1 64  ? -4.540  11.947  -2.038  1.00 25.17 ? 477 ILE A CA  1 
ATOM   442 C C   . ILE A 1 64  ? -3.421  12.508  -1.126  1.00 26.13 ? 477 ILE A C   1 
ATOM   443 O O   . ILE A 1 64  ? -2.242  12.238  -1.357  1.00 23.74 ? 477 ILE A O   1 
ATOM   444 C CB  . ILE A 1 64  ? -4.932  10.418  -1.720  1.00 26.50 ? 477 ILE A CB  1 
ATOM   445 C CG1 . ILE A 1 64  ? -5.713  10.183  -0.429  1.00 28.11 ? 477 ILE A CG1 1 
ATOM   446 C CG2 . ILE A 1 64  ? -3.795  9.498   -1.665  1.00 26.90 ? 477 ILE A CG2 1 
ATOM   447 C CD1 . ILE A 1 64  ? -6.274  8.706   -0.306  1.00 30.60 ? 477 ILE A CD1 1 
ATOM   448 N N   . ILE A 1 65  ? -3.759  13.312  -0.109  1.00 27.28 ? 478 ILE A N   1 
ATOM   449 C CA  . ILE A 1 65  ? -2.743  13.783  0.844   1.00 28.58 ? 478 ILE A CA  1 
ATOM   450 C C   . ILE A 1 65  ? -2.402  12.634  1.790   1.00 24.21 ? 478 ILE A C   1 
ATOM   451 O O   . ILE A 1 65  ? -3.189  11.710  2.005   1.00 24.71 ? 478 ILE A O   1 
ATOM   452 C CB  . ILE A 1 65  ? -3.105  15.105  1.633   1.00 31.18 ? 478 ILE A CB  1 
ATOM   453 C CG1 . ILE A 1 65  ? -4.141  14.859  2.713   1.00 28.53 ? 478 ILE A CG1 1 
ATOM   454 C CG2 . ILE A 1 65  ? -3.533  16.205  0.646   1.00 33.90 ? 478 ILE A CG2 1 
ATOM   455 C CD1 . ILE A 1 65  ? -4.599  16.095  3.494   1.00 34.54 ? 478 ILE A CD1 1 
ATOM   456 N N   . ARG A 1 66  ? -1.202  12.727  2.330   1.00 25.85 ? 479 ARG A N   1 
ATOM   457 C CA  . ARG A 1 66  ? -0.624  11.708  3.194   1.00 23.65 ? 479 ARG A CA  1 
ATOM   458 C C   . ARG A 1 66  ? -1.589  11.195  4.280   1.00 20.13 ? 479 ARG A C   1 
ATOM   459 O O   . ARG A 1 66  ? -1.736  9.993   4.495   1.00 23.50 ? 479 ARG A O   1 
ATOM   460 C CB  . ARG A 1 66  ? 0.641   12.288  3.838   1.00 30.09 ? 479 ARG A CB  1 
ATOM   461 C CG  . ARG A 1 66  ? 1.055   11.581  5.107   1.00 32.66 ? 479 ARG A CG  1 
ATOM   462 C CD  . ARG A 1 66  ? 2.067   12.357  5.907   1.00 34.68 ? 479 ARG A CD  1 
ATOM   463 N NE  . ARG A 1 66  ? 2.519   11.554  7.046   1.00 38.55 ? 479 ARG A NE  1 
ATOM   464 C CZ  . ARG A 1 66  ? 3.417   11.950  7.949   1.00 44.10 ? 479 ARG A CZ  1 
ATOM   465 N NH1 . ARG A 1 66  ? 3.963   13.171  7.888   1.00 46.50 ? 479 ARG A NH1 1 
ATOM   466 N NH2 . ARG A 1 66  ? 3.771   11.114  8.928   1.00 46.25 ? 479 ARG A NH2 1 
ATOM   467 N N   . GLU A 1 67  ? -2.240  12.127  4.963   1.00 22.57 ? 480 GLU A N   1 
ATOM   468 C CA  . GLU A 1 67  ? -3.041  11.748  6.116   1.00 22.37 ? 480 GLU A CA  1 
ATOM   469 C C   . GLU A 1 67  ? -4.272  10.913  5.747   1.00 21.10 ? 480 GLU A C   1 
ATOM   470 O O   . GLU A 1 67  ? -4.635  9.986   6.474   1.00 20.82 ? 480 GLU A O   1 
ATOM   471 C CB  . GLU A 1 67  ? -3.430  12.993  6.940   1.00 24.32 ? 480 GLU A CB  1 
ATOM   472 C CG  . GLU A 1 67  ? -2.232  13.783  7.530   1.00 26.77 ? 480 GLU A CG  1 
ATOM   473 C CD  . GLU A 1 67  ? -1.548  14.785  6.590   1.00 31.38 ? 480 GLU A CD  1 
ATOM   474 O OE1 . GLU A 1 67  ? -1.926  14.939  5.397   1.00 32.37 ? 480 GLU A OE1 1 
ATOM   475 O OE2 . GLU A 1 67  ? -0.607  15.468  7.071   1.00 41.15 ? 480 GLU A OE2 1 
ATOM   476 N N   A GLU A 1 68  ? -4.876  11.249  4.617   0.50 21.99 ? 481 GLU A N   1 
ATOM   477 N N   B GLU A 1 68  ? -4.959  11.207  4.637   0.50 21.93 ? 481 GLU A N   1 
ATOM   478 C CA  A GLU A 1 68  ? -5.990  10.475  4.131   0.50 21.27 ? 481 GLU A CA  1 
ATOM   479 C CA  B GLU A 1 68  ? -6.114  10.357  4.235   0.50 21.28 ? 481 GLU A CA  1 
ATOM   480 C C   A GLU A 1 68  ? -5.585  9.075   3.683   0.50 20.21 ? 481 GLU A C   1 
ATOM   481 C C   B GLU A 1 68  ? -5.673  9.054   3.541   0.50 21.13 ? 481 GLU A C   1 
ATOM   482 O O   A GLU A 1 68  ? -6.291  8.099   3.957   0.50 21.33 ? 481 GLU A O   1 
ATOM   483 O O   B GLU A 1 68  ? -6.442  8.097   3.525   0.50 24.64 ? 481 GLU A O   1 
ATOM   484 C CB  A GLU A 1 68  ? -6.684  11.175  2.985   0.50 21.11 ? 481 GLU A CB  1 
ATOM   485 C CB  B GLU A 1 68  ? -7.174  11.151  3.425   0.50 21.96 ? 481 GLU A CB  1 
ATOM   486 C CG  A GLU A 1 68  ? -7.783  10.277  2.526   0.50 23.06 ? 481 GLU A CG  1 
ATOM   487 C CG  B GLU A 1 68  ? -8.379  10.359  2.786   0.50 19.56 ? 481 GLU A CG  1 
ATOM   488 C CD  A GLU A 1 68  ? -8.835  10.923  1.721   0.50 20.21 ? 481 GLU A CD  1 
ATOM   489 C CD  B GLU A 1 68  ? -9.285  9.567   3.742   0.50 19.57 ? 481 GLU A CD  1 
ATOM   490 O OE1 A GLU A 1 68  ? -8.533  11.898  1.018   0.50 20.33 ? 481 GLU A OE1 1 
ATOM   491 O OE1 B GLU A 1 68  ? -9.251  9.786   4.957   0.50 20.88 ? 481 GLU A OE1 1 
ATOM   492 O OE2 A GLU A 1 68  ? -9.960  10.417  1.808   0.50 19.92 ? 481 GLU A OE2 1 
ATOM   493 O OE2 B GLU A 1 68  ? -10.072 8.698   3.259   0.50 20.84 ? 481 GLU A OE2 1 
ATOM   494 N N   . ALA A 1 69  ? -4.447  8.993   3.004   1.00 22.77 ? 482 ALA A N   1 
ATOM   495 C CA  . ALA A 1 69  ? -3.891  7.689   2.521   1.00 22.81 ? 482 ALA A CA  1 
ATOM   496 C C   . ALA A 1 69  ? -3.774  6.715   3.712   1.00 20.12 ? 482 ALA A C   1 
ATOM   497 O O   . ALA A 1 69  ? -4.186  5.569   3.651   1.00 23.99 ? 482 ALA A O   1 
ATOM   498 C CB  . ALA A 1 69  ? -2.517  7.888   1.866   1.00 25.21 ? 482 ALA A CB  1 
ATOM   499 N N   . VAL A 1 70  ? -3.284  7.237   4.824   1.00 21.48 ? 483 VAL A N   1 
ATOM   500 C CA  . VAL A 1 70  ? -3.158  6.456   6.033   1.00 21.43 ? 483 VAL A CA  1 
ATOM   501 C C   . VAL A 1 70  ? -4.514  6.055   6.608   1.00 20.26 ? 483 VAL A C   1 
ATOM   502 O O   . VAL A 1 70  ? -4.732  4.878   6.870   1.00 20.66 ? 483 VAL A O   1 
ATOM   503 C CB  . VAL A 1 70  ? -2.323  7.232   7.095   1.00 21.65 ? 483 VAL A CB  1 
ATOM   504 C CG1 . VAL A 1 70  ? -2.388  6.536   8.466   1.00 21.60 ? 483 VAL A CG1 1 
ATOM   505 C CG2 . VAL A 1 70  ? -0.879  7.375   6.625   1.00 23.59 ? 483 VAL A CG2 1 
ATOM   506 N N   . LEU A 1 71  ? -5.397  7.035   6.835   1.00 22.28 ? 484 LEU A N   1 
ATOM   507 C CA  . LEU A 1 71  ? -6.672  6.758   7.471   1.00 23.95 ? 484 LEU A CA  1 
ATOM   508 C C   . LEU A 1 71  ? -7.583  5.891   6.612   1.00 21.41 ? 484 LEU A C   1 
ATOM   509 O O   . LEU A 1 71  ? -8.310  5.045   7.133   1.00 22.96 ? 484 LEU A O   1 
ATOM   510 C CB  . LEU A 1 71  ? -7.375  8.048   7.890   1.00 23.94 ? 484 LEU A CB  1 
ATOM   511 C CG  . LEU A 1 71  ? -6.945  8.676   9.224   1.00 27.93 ? 484 LEU A CG  1 
ATOM   512 C CD1 . LEU A 1 71  ? -7.495  10.071  9.331   1.00 34.65 ? 484 LEU A CD1 1 
ATOM   513 C CD2 . LEU A 1 71  ? -7.443  7.865   10.373  1.00 33.86 ? 484 LEU A CD2 1 
ATOM   514 N N   . PHE A 1 72  ? -7.556  6.102   5.293   1.00 20.83 ? 485 PHE A N   1 
ATOM   515 C CA  . PHE A 1 72  ? -8.336  5.272   4.401   1.00 21.26 ? 485 PHE A CA  1 
ATOM   516 C C   . PHE A 1 72  ? -8.004  3.793   4.620   1.00 19.58 ? 485 PHE A C   1 
ATOM   517 O O   . PHE A 1 72  ? -8.886  2.945   4.737   1.00 20.89 ? 485 PHE A O   1 
ATOM   518 C CB  . PHE A 1 72  ? -8.086  5.686   2.944   1.00 19.73 ? 485 PHE A CB  1 
ATOM   519 C CG  . PHE A 1 72  ? -8.800  4.828   1.965   1.00 18.78 ? 485 PHE A CG  1 
ATOM   520 C CD1 . PHE A 1 72  ? -10.128 4.997   1.730   1.00 26.80 ? 485 PHE A CD1 1 
ATOM   521 C CD2 . PHE A 1 72  ? -8.131  3.878   1.255   1.00 18.41 ? 485 PHE A CD2 1 
ATOM   522 C CE1 . PHE A 1 72  ? -10.773 4.184   0.836   1.00 27.14 ? 485 PHE A CE1 1 
ATOM   523 C CE2 . PHE A 1 72  ? -8.807  3.053   0.378   1.00 22.65 ? 485 PHE A CE2 1 
ATOM   524 C CZ  . PHE A 1 72  ? -10.116 3.221   0.172   1.00 24.41 ? 485 PHE A CZ  1 
ATOM   525 N N   . LEU A 1 73  ? -6.724  3.464   4.650   1.00 19.42 ? 486 LEU A N   1 
ATOM   526 C CA  . LEU A 1 73  ? -6.315  2.055   4.776   1.00 19.57 ? 486 LEU A CA  1 
ATOM   527 C C   . LEU A 1 73  ? -6.631  1.524   6.175   1.00 20.39 ? 486 LEU A C   1 
ATOM   528 O O   . LEU A 1 73  ? -7.152  0.415   6.321   1.00 21.94 ? 486 LEU A O   1 
ATOM   529 C CB  . LEU A 1 73  ? -4.823  1.929   4.479   1.00 20.36 ? 486 LEU A CB  1 
ATOM   530 C CG  . LEU A 1 73  ? -4.451  2.137   3.015   1.00 18.63 ? 486 LEU A CG  1 
ATOM   531 C CD1 . LEU A 1 73  ? -2.957  2.151   2.836   1.00 21.72 ? 486 LEU A CD1 1 
ATOM   532 C CD2 . LEU A 1 73  ? -5.083  1.139   2.088   1.00 21.13 ? 486 LEU A CD2 1 
ATOM   533 N N   . LEU A 1 74  ? -6.394  2.326   7.191   1.00 22.66 ? 487 LEU A N   1 
ATOM   534 C CA  . LEU A 1 74  ? -6.770  1.911   8.566   1.00 25.70 ? 487 LEU A CA  1 
ATOM   535 C C   . LEU A 1 74  ? -8.250  1.604   8.735   1.00 27.85 ? 487 LEU A C   1 
ATOM   536 O O   . LEU A 1 74  ? -8.636  0.680   9.479   1.00 33.93 ? 487 LEU A O   1 
ATOM   537 C CB  . LEU A 1 74  ? -6.401  3.008   9.557   1.00 27.49 ? 487 LEU A CB  1 
ATOM   538 C CG  . LEU A 1 74  ? -4.957  3.138   9.953   1.00 27.38 ? 487 LEU A CG  1 
ATOM   539 C CD1 . LEU A 1 74  ? -4.885  4.293   10.935  1.00 25.87 ? 487 LEU A CD1 1 
ATOM   540 C CD2 . LEU A 1 74  ? -4.486  1.829   10.621  1.00 27.24 ? 487 LEU A CD2 1 
ATOM   541 N N   . ASP A 1 75  ? -9.076  2.413   8.101   1.00 26.82 ? 488 ASP A N   1 
ATOM   542 C CA  . ASP A 1 75  ? -10.524 2.319   8.302   1.00 27.65 ? 488 ASP A CA  1 
ATOM   543 C C   . ASP A 1 75  ? -11.244 1.273   7.459   1.00 32.07 ? 488 ASP A C   1 
ATOM   544 O O   . ASP A 1 75  ? -12.389 0.947   7.766   1.00 30.62 ? 488 ASP A O   1 
ATOM   545 C CB  . ASP A 1 75  ? -11.151 3.667   8.086   1.00 34.33 ? 488 ASP A CB  1 
ATOM   546 C CG  . ASP A 1 75  ? -12.413 3.848   8.857   1.00 36.27 ? 488 ASP A CG  1 
ATOM   547 O OD1 . ASP A 1 75  ? -12.598 3.238   9.947   1.00 40.51 ? 488 ASP A OD1 1 
ATOM   548 O OD2 . ASP A 1 75  ? -13.234 4.589   8.319   1.00 30.86 ? 488 ASP A OD2 1 
ATOM   549 N N   . LEU A 1 76  ? -10.602 0.708   6.432   1.00 24.12 ? 489 LEU A N   1 
ATOM   550 C CA  . LEU A 1 76  ? -11.268 -0.347  5.671   1.00 26.73 ? 489 LEU A CA  1 
ATOM   551 C C   . LEU A 1 76  ? -11.672 -1.461  6.636   1.00 23.73 ? 489 LEU A C   1 
ATOM   552 O O   . LEU A 1 76  ? -10.879 -1.835  7.507   1.00 24.91 ? 489 LEU A O   1 
ATOM   553 C CB  . LEU A 1 76  ? -10.370 -0.920  4.585   1.00 24.94 ? 489 LEU A CB  1 
ATOM   554 C CG  . LEU A 1 76  ? -10.134 -0.058  3.379   1.00 25.15 ? 489 LEU A CG  1 
ATOM   555 C CD1 . LEU A 1 76  ? -9.004  -0.670  2.530   1.00 25.40 ? 489 LEU A CD1 1 
ATOM   556 C CD2 . LEU A 1 76  ? -11.473 0.104   2.635   1.00 27.21 ? 489 LEU A CD2 1 
ATOM   557 N N   . PRO A 1 77  ? -12.911 -1.965  6.517   1.00 27.62 ? 490 PRO A N   1 
ATOM   558 C CA  . PRO A 1 77  ? -13.297 -3.021  7.448   1.00 28.23 ? 490 PRO A CA  1 
ATOM   559 C C   . PRO A 1 77  ? -12.611 -4.361  7.233   1.00 27.63 ? 490 PRO A C   1 
ATOM   560 O O   . PRO A 1 77  ? -12.341 -4.776  6.108   1.00 24.34 ? 490 PRO A O   1 
ATOM   561 C CB  . PRO A 1 77  ? -14.812 -3.190  7.211   1.00 30.82 ? 490 PRO A CB  1 
ATOM   562 C CG  . PRO A 1 77  ? -15.109 -2.594  5.874   1.00 27.40 ? 490 PRO A CG  1 
ATOM   563 C CD  . PRO A 1 77  ? -13.986 -1.599  5.574   1.00 29.16 ? 490 PRO A CD  1 
ATOM   564 N N   . LYS A 1 78  ? -12.386 -5.060  8.334   1.00 29.55 ? 491 LYS A N   1 
ATOM   565 C CA  . LYS A 1 78  ? -11.944 -6.434  8.301   1.00 26.45 ? 491 LYS A CA  1 
ATOM   566 C C   . LYS A 1 78  ? -12.844 -7.268  7.420   1.00 26.19 ? 491 LYS A C   1 
ATOM   567 O O   . LYS A 1 78  ? -14.075 -7.193  7.524   1.00 28.93 ? 491 LYS A O   1 
ATOM   568 C CB  . LYS A 1 78  ? -11.928 -7.026  9.735   1.00 29.09 ? 491 LYS A CB  1 
ATOM   569 C CG  . LYS A 1 78  ? -11.396 -8.434  9.804   1.00 29.25 ? 491 LYS A CG  1 
ATOM   570 C CD  . LYS A 1 78  ? -11.328 -8.903  11.234  1.00 32.72 ? 491 LYS A CD  1 
ATOM   571 C CE  . LYS A 1 78  ? -10.700 -10.244 11.287  1.00 35.20 ? 491 LYS A CE  1 
ATOM   572 N NZ  . LYS A 1 78  ? -10.686 -10.702 12.700  1.00 37.07 ? 491 LYS A NZ  1 
ATOM   573 N N   . GLY A 1 79  ? -12.239 -8.103  6.593   1.00 25.87 ? 492 GLY A N   1 
ATOM   574 C CA  . GLY A 1 79  ? -12.983 -8.964  5.710   1.00 27.55 ? 492 GLY A CA  1 
ATOM   575 C C   . GLY A 1 79  ? -13.217 -8.419  4.338   1.00 28.48 ? 492 GLY A C   1 
ATOM   576 O O   . GLY A 1 79  ? -13.481 -9.183  3.395   1.00 29.71 ? 492 GLY A O   1 
ATOM   577 N N   . GLU A 1 80  ? -13.142 -7.101  4.198   1.00 26.40 ? 493 GLU A N   1 
ATOM   578 C CA  . GLU A 1 80  ? -13.312 -6.519  2.883   1.00 25.33 ? 493 GLU A CA  1 
ATOM   579 C C   . GLU A 1 80  ? -12.102 -6.826  2.008   1.00 25.31 ? 493 GLU A C   1 
ATOM   580 O O   . GLU A 1 80  ? -10.967 -6.813  2.475   1.00 25.14 ? 493 GLU A O   1 
ATOM   581 C CB  . GLU A 1 80  ? -13.479 -5.019  2.990   1.00 24.97 ? 493 GLU A CB  1 
ATOM   582 C CG  . GLU A 1 80  ? -13.633 -4.359  1.666   1.00 26.95 ? 493 GLU A CG  1 
ATOM   583 C CD  . GLU A 1 80  ? -14.070 -2.911  1.727   1.00 27.28 ? 493 GLU A CD  1 
ATOM   584 O OE1 . GLU A 1 80  ? -14.658 -2.416  2.709   1.00 29.67 ? 493 GLU A OE1 1 
ATOM   585 O OE2 . GLU A 1 80  ? -13.785 -2.260  0.729   1.00 25.70 ? 493 GLU A OE2 1 
ATOM   586 N N   . GLU A 1 81  ? -12.351 -7.058  0.723   1.00 26.31 ? 494 GLU A N   1 
ATOM   587 C CA  . GLU A 1 81  ? -11.280 -7.213  -0.241  1.00 24.07 ? 494 GLU A CA  1 
ATOM   588 C C   . GLU A 1 81  ? -10.574 -5.874  -0.497  1.00 22.96 ? 494 GLU A C   1 
ATOM   589 O O   . GLU A 1 81  ? -11.209 -4.857  -0.668  1.00 23.57 ? 494 GLU A O   1 
ATOM   590 C CB  . GLU A 1 81  ? -11.829 -7.747  -1.563  1.00 27.08 ? 494 GLU A CB  1 
ATOM   591 C CG  . GLU A 1 81  ? -10.786 -8.404  -2.408  1.00 37.81 ? 494 GLU A CG  1 
ATOM   592 C CD  . GLU A 1 81  ? -10.423 -9.802  -1.926  1.00 42.43 ? 494 GLU A CD  1 
ATOM   593 O OE1 . GLU A 1 81  ? -10.902 -10.236 -0.860  1.00 47.37 ? 494 GLU A OE1 1 
ATOM   594 O OE2 . GLU A 1 81  ? -9.635  -10.471 -2.610  1.00 53.57 ? 494 GLU A OE2 1 
ATOM   595 N N   . VAL A 1 82  ? -9.250  -5.896  -0.500  1.00 20.92 ? 495 VAL A N   1 
ATOM   596 C CA  . VAL A 1 82  ? -8.422  -4.752  -0.835  1.00 19.79 ? 495 VAL A CA  1 
ATOM   597 C C   . VAL A 1 82  ? -7.746  -5.050  -2.172  1.00 18.92 ? 495 VAL A C   1 
ATOM   598 O O   . VAL A 1 82  ? -7.104  -6.083  -2.344  1.00 20.14 ? 495 VAL A O   1 
ATOM   599 C CB  . VAL A 1 82  ? -7.309  -4.541  0.250   1.00 20.59 ? 495 VAL A CB  1 
ATOM   600 C CG1 . VAL A 1 82  ? -6.438  -3.323  -0.074  1.00 24.88 ? 495 VAL A CG1 1 
ATOM   601 C CG2 . VAL A 1 82  ? -7.898  -4.430  1.636   1.00 22.83 ? 495 VAL A CG2 1 
ATOM   602 N N   . THR A 1 83  ? -7.903  -4.135  -3.129  1.00 18.26 ? 496 THR A N   1 
ATOM   603 C CA  . THR A 1 83  ? -7.247  -4.211  -4.430  1.00 17.57 ? 496 THR A CA  1 
ATOM   604 C C   . THR A 1 83  ? -6.267  -3.037  -4.517  1.00 18.21 ? 496 THR A C   1 
ATOM   605 O O   . THR A 1 83  ? -6.645  -1.880  -4.373  1.00 19.39 ? 496 THR A O   1 
ATOM   606 C CB  . THR A 1 83  ? -8.255  -4.139  -5.576  1.00 22.89 ? 496 THR A CB  1 
ATOM   607 O OG1 . THR A 1 83  ? -9.149  -5.232  -5.456  1.00 25.22 ? 496 THR A OG1 1 
ATOM   608 C CG2 . THR A 1 83  ? -7.558  -4.231  -6.929  1.00 24.34 ? 496 THR A CG2 1 
ATOM   609 N N   . ILE A 1 84  ? -5.007  -3.350  -4.756  1.00 20.17 ? 497 ILE A N   1 
ATOM   610 C CA  . ILE A 1 84  ? -3.969  -2.365  -4.903  1.00 18.71 ? 497 ILE A CA  1 
ATOM   611 C C   . ILE A 1 84  ? -3.310  -2.522  -6.272  1.00 20.43 ? 497 ILE A C   1 
ATOM   612 O O   . ILE A 1 84  ? -2.848  -3.605  -6.633  1.00 23.70 ? 497 ILE A O   1 
ATOM   613 C CB  . ILE A 1 84  ? -2.905  -2.529  -3.816  1.00 20.91 ? 497 ILE A CB  1 
ATOM   614 C CG1 . ILE A 1 84  ? -3.512  -2.363  -2.415  1.00 22.11 ? 497 ILE A CG1 1 
ATOM   615 C CG2 . ILE A 1 84  ? -1.749  -1.547  -4.036  1.00 21.96 ? 497 ILE A CG2 1 
ATOM   616 C CD1 . ILE A 1 84  ? -2.476  -2.579  -1.274  1.00 26.31 ? 497 ILE A CD1 1 
ATOM   617 N N   . LEU A 1 85  ? -3.304  -1.437  -7.029  1.00 20.17 ? 498 LEU A N   1 
ATOM   618 C CA  . LEU A 1 85  ? -2.510  -1.305  -8.242  1.00 19.79 ? 498 LEU A CA  1 
ATOM   619 C C   . LEU A 1 85  ? -1.241  -0.571  -7.856  1.00 18.66 ? 498 LEU A C   1 
ATOM   620 O O   . LEU A 1 85  ? -1.285  0.547   -7.375  1.00 18.94 ? 498 LEU A O   1 
ATOM   621 C CB  . LEU A 1 85  ? -3.258  -0.531  -9.349  1.00 20.97 ? 498 LEU A CB  1 
ATOM   622 C CG  . LEU A 1 85  ? -2.462  -0.338  -10.630 1.00 22.12 ? 498 LEU A CG  1 
ATOM   623 C CD1 . LEU A 1 85  ? -2.314  -1.662  -11.339 1.00 27.17 ? 498 LEU A CD1 1 
ATOM   624 C CD2 . LEU A 1 85  ? -3.156  0.685   -11.527 1.00 26.72 ? 498 LEU A CD2 1 
ATOM   625 N N   . ALA A 1 86  ? -0.118  -1.234  -8.066  1.00 18.95 ? 499 ALA A N   1 
ATOM   626 C CA  . ALA A 1 86  ? 1.181   -0.705  -7.743  1.00 21.54 ? 499 ALA A CA  1 
ATOM   627 C C   . ALA A 1 86  ? 2.118   -0.731  -8.934  1.00 22.90 ? 499 ALA A C   1 
ATOM   628 O O   . ALA A 1 86  ? 2.002   -1.565  -9.807  1.00 26.23 ? 499 ALA A O   1 
ATOM   629 C CB  . ALA A 1 86  ? 1.778   -1.504  -6.609  1.00 23.56 ? 499 ALA A CB  1 
ATOM   630 N N   . GLN A 1 87  ? 3.098   0.155   -8.900  1.00 24.58 ? 500 GLN A N   1 
ATOM   631 C CA  . GLN A 1 87  ? 4.114   0.259   -9.949  1.00 23.84 ? 500 GLN A CA  1 
ATOM   632 C C   . GLN A 1 87  ? 5.441   -0.037  -9.321  1.00 28.37 ? 500 GLN A C   1 
ATOM   633 O O   . GLN A 1 87  ? 5.765   0.526   -8.293  1.00 28.62 ? 500 GLN A O   1 
ATOM   634 C CB  . GLN A 1 87  ? 4.081   1.665   -10.484 1.00 28.85 ? 500 GLN A CB  1 
ATOM   635 C CG  . GLN A 1 87  ? 4.926   1.951   -11.658 1.00 34.52 ? 500 GLN A CG  1 
ATOM   636 C CD  . GLN A 1 87  ? 4.466   3.242   -12.236 1.00 35.56 ? 500 GLN A CD  1 
ATOM   637 O OE1 . GLN A 1 87  ? 3.582   3.246   -13.083 1.00 43.48 ? 500 GLN A OE1 1 
ATOM   638 N NE2 . GLN A 1 87  ? 4.966   4.357   -11.704 1.00 39.49 ? 500 GLN A NE2 1 
ATOM   639 N N   . LYS A 1 88  ? 6.175   -0.963  -9.927  1.00 32.19 ? 501 LYS A N   1 
ATOM   640 C CA  . LYS A 1 88  ? 7.339   -1.585  -9.301  1.00 40.20 ? 501 LYS A CA  1 
ATOM   641 C C   . LYS A 1 88  ? 8.470   -0.608  -9.410  1.00 37.37 ? 501 LYS A C   1 
ATOM   642 O O   . LYS A 1 88  ? 8.357   0.357   -10.161 1.00 39.32 ? 501 LYS A O   1 
ATOM   643 C CB  . LYS A 1 88  ? 7.695   -2.912  -9.999  1.00 47.66 ? 501 LYS A CB  1 
ATOM   644 C CG  . LYS A 1 88  ? 6.546   -3.944  -10.039 1.00 50.76 ? 501 LYS A CG  1 
ATOM   645 C CD  . LYS A 1 88  ? 6.939   -5.208  -10.799 1.00 51.30 ? 501 LYS A CD  1 
ATOM   646 C CE  . LYS A 1 88  ? 5.701   -5.979  -11.297 1.00 53.38 ? 501 LYS A CE  1 
ATOM   647 N NZ  . LYS A 1 88  ? 6.023   -7.053  -12.287 1.00 56.13 ? 501 LYS A NZ  1 
ATOM   648 N N   . GLY A 1 95  ? 8.663   9.892   -6.747  1.00 36.59 ? 508 GLY A N   1 
ATOM   649 C CA  . GLY A 1 95  ? 9.710   10.739  -6.254  1.00 31.90 ? 508 GLY A CA  1 
ATOM   650 C C   . GLY A 1 95  ? 10.689  10.023  -5.351  1.00 26.82 ? 508 GLY A C   1 
ATOM   651 O O   . GLY A 1 95  ? 11.821  10.460  -5.211  1.00 38.05 ? 508 GLY A O   1 
ATOM   652 N N   . LEU A 1 96  ? 10.289  8.907   -4.753  1.00 23.90 ? 509 LEU A N   1 
ATOM   653 C CA  . LEU A 1 96  ? 11.154  8.238   -3.807  1.00 19.89 ? 509 LEU A CA  1 
ATOM   654 C C   . LEU A 1 96  ? 11.935  7.109   -4.460  1.00 20.67 ? 509 LEU A C   1 
ATOM   655 O O   . LEU A 1 96  ? 11.408  6.423   -5.367  1.00 25.09 ? 509 LEU A O   1 
ATOM   656 C CB  . LEU A 1 96  ? 10.347  7.694   -2.626  1.00 20.77 ? 509 LEU A CB  1 
ATOM   657 C CG  . LEU A 1 96  ? 10.033  8.572   -1.418  1.00 23.50 ? 509 LEU A CG  1 
ATOM   658 C CD1 . LEU A 1 96  ? 9.338   9.818   -1.805  1.00 29.60 ? 509 LEU A CD1 1 
ATOM   659 C CD2 . LEU A 1 96  ? 9.266   7.848   -0.345  1.00 22.30 ? 509 LEU A CD2 1 
ATOM   660 N N   . TRP A 1 97  ? 13.145  6.883   -3.945  1.00 20.43 ? 510 TRP A N   1 
ATOM   661 C CA  . TRP A 1 97  ? 13.915  5.694   -4.250  1.00 19.85 ? 510 TRP A CA  1 
ATOM   662 C C   . TRP A 1 97  ? 14.110  4.850   -2.985  1.00 19.49 ? 510 TRP A C   1 
ATOM   663 O O   . TRP A 1 97  ? 14.127  5.373   -1.883  1.00 19.27 ? 510 TRP A O   1 
ATOM   664 C CB  . TRP A 1 97  ? 15.286  6.019   -4.888  1.00 20.78 ? 510 TRP A CB  1 
ATOM   665 C CG  . TRP A 1 97  ? 16.134  6.917   -4.056  1.00 20.87 ? 510 TRP A CG  1 
ATOM   666 C CD1 . TRP A 1 97  ? 16.181  8.262   -4.137  1.00 22.28 ? 510 TRP A CD1 1 
ATOM   667 C CD2 . TRP A 1 97  ? 17.051  6.547   -2.994  1.00 20.80 ? 510 TRP A CD2 1 
ATOM   668 N NE1 . TRP A 1 97  ? 17.042  8.761   -3.201  1.00 23.20 ? 510 TRP A NE1 1 
ATOM   669 C CE2 . TRP A 1 97  ? 17.590  7.736   -2.489  1.00 19.87 ? 510 TRP A CE2 1 
ATOM   670 C CE3 . TRP A 1 97  ? 17.461  5.342   -2.444  1.00 21.17 ? 510 TRP A CE3 1 
ATOM   671 C CZ2 . TRP A 1 97  ? 18.522  7.758   -1.444  1.00 20.88 ? 510 TRP A CZ2 1 
ATOM   672 C CZ3 . TRP A 1 97  ? 18.375  5.352   -1.397  1.00 22.08 ? 510 TRP A CZ3 1 
ATOM   673 C CH2 . TRP A 1 97  ? 18.906  6.548   -0.917  1.00 20.52 ? 510 TRP A CH2 1 
ATOM   674 N N   . PHE A 1 98  ? 14.290  3.541   -3.189  1.00 21.17 ? 511 PHE A N   1 
ATOM   675 C CA  . PHE A 1 98  ? 14.518  2.581   -2.126  1.00 20.09 ? 511 PHE A CA  1 
ATOM   676 C C   . PHE A 1 98  ? 15.650  1.636   -2.538  1.00 21.78 ? 511 PHE A C   1 
ATOM   677 O O   . PHE A 1 98  ? 15.622  1.057   -3.638  1.00 23.35 ? 511 PHE A O   1 
ATOM   678 C CB  . PHE A 1 98  ? 13.253  1.721   -1.902  1.00 20.37 ? 511 PHE A CB  1 
ATOM   679 C CG  . PHE A 1 98  ? 12.103  2.476   -1.261  1.00 19.53 ? 511 PHE A CG  1 
ATOM   680 C CD1 . PHE A 1 98  ? 11.326  3.339   -1.995  1.00 23.95 ? 511 PHE A CD1 1 
ATOM   681 C CD2 . PHE A 1 98  ? 11.794  2.282   0.084   1.00 22.70 ? 511 PHE A CD2 1 
ATOM   682 C CE1 . PHE A 1 98  ? 10.287  4.029   -1.394  1.00 23.35 ? 511 PHE A CE1 1 
ATOM   683 C CE2 . PHE A 1 98  ? 10.743  2.969   0.692   1.00 22.94 ? 511 PHE A CE2 1 
ATOM   684 C CZ  . PHE A 1 98  ? 9.991   3.812   -0.058  1.00 22.93 ? 511 PHE A CZ  1 
ATOM   685 N N   . SER A 1 99  ? 16.621  1.458   -1.660  1.00 19.30 ? 512 SER A N   1 
ATOM   686 C CA  . SER A 1 99  ? 17.703  0.512   -1.907  1.00 18.98 ? 512 SER A CA  1 
ATOM   687 C C   . SER A 1 99  ? 17.246  -0.891  -1.594  1.00 22.32 ? 512 SER A C   1 
ATOM   688 O O   . SER A 1 99  ? 16.215  -1.091  -0.973  1.00 21.97 ? 512 SER A O   1 
ATOM   689 C CB  . SER A 1 99  ? 18.940  0.839   -1.060  1.00 19.05 ? 512 SER A CB  1 
ATOM   690 O OG  . SER A 1 99  ? 18.785  0.398   0.272   1.00 18.70 ? 512 SER A OG  1 
ATOM   691 N N   . ASP A 1 100 ? 18.048  -1.857  -2.009  1.00 21.01 ? 513 ASP A N   1 
ATOM   692 C CA  . ASP A 1 100 ? 17.929  -3.208  -1.515  1.00 21.21 ? 513 ASP A CA  1 
ATOM   693 C C   . ASP A 1 100 ? 18.525  -3.281  -0.102  1.00 20.49 ? 513 ASP A C   1 
ATOM   694 O O   . ASP A 1 100 ? 19.094  -2.329  0.409   1.00 20.38 ? 513 ASP A O   1 
ATOM   695 C CB  . ASP A 1 100 ? 18.683  -4.154  -2.453  1.00 25.99 ? 513 ASP A CB  1 
ATOM   696 C CG  . ASP A 1 100 ? 18.164  -4.114  -3.887  1.00 38.52 ? 513 ASP A CG  1 
ATOM   697 O OD1 . ASP A 1 100 ? 16.943  -3.946  -4.105  1.00 39.28 ? 513 ASP A OD1 1 
ATOM   698 O OD2 . ASP A 1 100 ? 18.988  -4.263  -4.812  1.00 49.96 ? 513 ASP A OD2 1 
ATOM   699 N N   . TRP A 1 101 ? 18.375  -4.420  0.563   1.00 21.36 ? 514 TRP A N   1 
ATOM   700 C CA  . TRP A 1 101 ? 19.073  -4.690  1.803   1.00 21.64 ? 514 TRP A CA  1 
ATOM   701 C C   . TRP A 1 101 ? 20.583  -4.585  1.581   1.00 22.71 ? 514 TRP A C   1 
ATOM   702 O O   . TRP A 1 101 ? 21.115  -5.131  0.608   1.00 24.95 ? 514 TRP A O   1 
ATOM   703 C CB  . TRP A 1 101 ? 18.739  -6.086  2.306   1.00 21.52 ? 514 TRP A CB  1 
ATOM   704 C CG  . TRP A 1 101 ? 17.350  -6.207  2.922   1.00 20.16 ? 514 TRP A CG  1 
ATOM   705 C CD1 . TRP A 1 101 ? 16.287  -6.877  2.413   1.00 23.27 ? 514 TRP A CD1 1 
ATOM   706 C CD2 . TRP A 1 101 ? 16.893  -5.599  4.127   1.00 23.46 ? 514 TRP A CD2 1 
ATOM   707 N NE1 . TRP A 1 101 ? 15.205  -6.777  3.249   1.00 23.93 ? 514 TRP A NE1 1 
ATOM   708 C CE2 . TRP A 1 101 ? 15.544  -5.987  4.309   1.00 22.61 ? 514 TRP A CE2 1 
ATOM   709 C CE3 . TRP A 1 101 ? 17.482  -4.765  5.074   1.00 22.53 ? 514 TRP A CE3 1 
ATOM   710 C CZ2 . TRP A 1 101 ? 14.786  -5.558  5.392   1.00 22.90 ? 514 TRP A CZ2 1 
ATOM   711 C CZ3 . TRP A 1 101 ? 16.727  -4.347  6.156   1.00 23.18 ? 514 TRP A CZ3 1 
ATOM   712 C CH2 . TRP A 1 101 ? 15.386  -4.748  6.307   1.00 23.89 ? 514 TRP A CH2 1 
ATOM   713 N N   . LEU A 1 102 ? 21.248  -3.879  2.503   1.00 20.35 ? 515 LEU A N   1 
ATOM   714 C CA  . LEU A 1 102 ? 22.679  -3.626  2.485   1.00 23.17 ? 515 LEU A CA  1 
ATOM   715 C C   . LEU A 1 102 ? 23.282  -4.206  3.743   1.00 26.59 ? 515 LEU A C   1 
ATOM   716 O O   . LEU A 1 102 ? 24.521  -4.381  3.783   1.00 35.77 ? 515 LEU A O   1 
ATOM   717 C CB  . LEU A 1 102 ? 22.950  -2.122  2.481   1.00 22.41 ? 515 LEU A CB  1 
ATOM   718 C CG  . LEU A 1 102 ? 22.181  -1.243  1.481   1.00 19.75 ? 515 LEU A CG  1 
ATOM   719 C CD1 . LEU A 1 102 ? 22.543  0.220   1.718   1.00 22.32 ? 515 LEU A CD1 1 
ATOM   720 C CD2 . LEU A 1 102 ? 22.376  -1.713  0.039   1.00 21.44 ? 515 LEU A CD2 1 
ATOM   721 O OXT . LEU A 1 102 ? 22.603  -4.436  4.768   1.00 26.61 ? 515 LEU A OXT 1 
HETATM 722 O O   . HOH B 2 .   ? -2.201  -8.055  4.662   1.00 21.00 ? 601 HOH A O   1 
HETATM 723 O O   . HOH B 2 .   ? 1.084   7.388   -5.352  1.00 18.36 ? 602 HOH A O   1 
HETATM 724 O O   . HOH B 2 .   ? -11.151 -1.252  10.369  1.00 42.13 ? 603 HOH A O   1 
HETATM 725 O O   . HOH B 2 .   ? -2.933  12.523  -11.806 1.00 28.04 ? 604 HOH A O   1 
HETATM 726 O O   . HOH B 2 .   ? 7.359   -17.476 8.562   1.00 29.34 ? 605 HOH A O   1 
HETATM 727 O O   . HOH B 2 .   ? -1.069  10.969  -3.510  1.00 20.96 ? 606 HOH A O   1 
HETATM 728 O O   . HOH B 2 .   ? 10.961  -11.536 6.750   1.00 23.85 ? 607 HOH A O   1 
HETATM 729 O O   . HOH B 2 .   ? 4.708   12.069  -1.358  1.00 22.42 ? 608 HOH A O   1 
HETATM 730 O O   . HOH B 2 .   ? -7.155  -11.951 5.728   1.00 29.68 ? 609 HOH A O   1 
HETATM 731 O O   . HOH B 2 .   ? -4.375  -8.256  6.452   1.00 26.69 ? 610 HOH A O   1 
HETATM 732 O O   . HOH B 2 .   ? -0.029  -4.046  9.939   1.00 29.70 ? 611 HOH A O   1 
HETATM 733 O O   . HOH B 2 .   ? 2.774   9.892   -9.236  1.00 46.72 ? 612 HOH A O   1 
HETATM 734 O O   . HOH B 2 .   ? -4.592  10.110  -11.805 1.00 25.28 ? 613 HOH A O   1 
HETATM 735 O O   . HOH B 2 .   ? 1.720   8.776   8.917   1.00 35.85 ? 614 HOH A O   1 
HETATM 736 O O   . HOH B 2 .   ? -8.477  -12.423 -2.138  1.00 56.57 ? 615 HOH A O   1 
HETATM 737 O O   . HOH B 2 .   ? -0.659  14.372  -8.033  1.00 46.62 ? 616 HOH A O   1 
HETATM 738 O O   . HOH B 2 .   ? 9.925   15.285  -1.152  1.00 43.38 ? 617 HOH A O   1 
HETATM 739 O O   . HOH B 2 .   ? 1.524   12.399  -3.658  1.00 31.84 ? 618 HOH A O   1 
HETATM 740 O O   . HOH B 2 .   ? 10.316  -2.133  6.061   0.50 29.87 ? 619 HOH A O   1 
HETATM 741 O O   . HOH B 2 .   ? 0.449   13.058  -0.983  1.00 28.32 ? 620 HOH A O   1 
HETATM 742 O O   . HOH B 2 .   ? -11.293 -4.526  -3.822  1.00 32.30 ? 621 HOH A O   1 
HETATM 743 O O   . HOH B 2 .   ? -4.250  -1.561  11.889  1.00 48.37 ? 622 HOH A O   1 
HETATM 744 O O   . HOH B 2 .   ? -3.426  10.134  9.156   1.00 33.86 ? 623 HOH A O   1 
HETATM 745 O O   . HOH B 2 .   ? -3.276  -10.747 -5.879  1.00 28.98 ? 624 HOH A O   1 
HETATM 746 O O   . HOH B 2 .   ? -8.557  -4.050  -11.041 1.00 50.47 ? 625 HOH A O   1 
HETATM 747 O O   . HOH B 2 .   ? 11.770  -4.334  -2.286  1.00 38.11 ? 626 HOH A O   1 
HETATM 748 O O   . HOH B 2 .   ? -10.034 1.664   12.099  1.00 43.47 ? 627 HOH A O   1 
HETATM 749 O O   . HOH B 2 .   ? -7.360  0.357   12.722  1.00 47.80 ? 628 HOH A O   1 
HETATM 750 O O   . HOH B 2 .   ? -6.291  2.008   -11.952 1.00 31.43 ? 629 HOH A O   1 
HETATM 751 O O   . HOH B 2 .   ? -0.641  16.919  3.858   1.00 46.01 ? 630 HOH A O   1 
HETATM 752 O O   . HOH B 2 .   ? -3.922  15.990  -6.412  1.00 45.23 ? 631 HOH A O   1 
HETATM 753 O O   . HOH B 2 .   ? 0.458   -15.889 -4.115  1.00 39.13 ? 632 HOH A O   1 
HETATM 754 O O   . HOH B 2 .   ? 6.726   3.667   7.129   1.00 22.81 ? 633 HOH A O   1 
HETATM 755 O O   . HOH B 2 .   ? -9.568  -6.446  14.709  1.00 42.43 ? 634 HOH A O   1 
HETATM 756 O O   . HOH B 2 .   ? -15.121 -6.804  -0.641  1.00 36.40 ? 635 HOH A O   1 
HETATM 757 O O   . HOH B 2 .   ? -5.661  0.512   -14.151 1.00 37.09 ? 636 HOH A O   1 
HETATM 758 O O   . HOH B 2 .   ? -0.755  -10.948 -6.761  1.00 35.64 ? 637 HOH A O   1 
HETATM 759 O O   . HOH B 2 .   ? 9.377   -2.035  9.645   1.00 37.51 ? 638 HOH A O   1 
HETATM 760 O O   . HOH B 2 .   ? -13.622 -5.733  -4.654  1.00 36.23 ? 639 HOH A O   1 
HETATM 761 O O   . HOH B 2 .   ? -9.129  -0.668  11.439  1.00 39.09 ? 640 HOH A O   1 
HETATM 762 O O   . HOH B 2 .   ? -10.637 -5.917  -7.551  1.00 42.01 ? 641 HOH A O   1 
HETATM 763 O O   . HOH B 2 .   ? -0.833  -14.030 -6.431  1.00 47.83 ? 642 HOH A O   1 
HETATM 764 O O   . HOH B 2 .   ? 9.033   -5.373  3.465   1.00 21.82 ? 643 HOH A O   1 
HETATM 765 O O   . HOH B 2 .   ? -6.240  -12.727 -3.628  1.00 43.63 ? 644 HOH A O   1 
HETATM 766 O O   . HOH B 2 .   ? -0.408  -8.146  -11.680 1.00 41.45 ? 645 HOH A O   1 
HETATM 767 O O   . HOH B 2 .   ? -9.216  -10.392 16.068  1.00 40.10 ? 646 HOH A O   1 
HETATM 768 O O   . HOH B 2 .   ? -0.692  10.664  8.852   1.00 37.29 ? 647 HOH A O   1 
HETATM 769 O O   . HOH B 2 .   ? -2.077  15.520  -4.075  1.00 37.94 ? 648 HOH A O   1 
HETATM 770 O O   . HOH B 2 .   ? -4.250  12.553  10.509  1.00 38.80 ? 649 HOH A O   1 
HETATM 771 O O   . HOH B 2 .   ? -9.885  -4.935  12.701  1.00 49.60 ? 650 HOH A O   1 
HETATM 772 O O   . HOH B 2 .   ? 2.752   12.866  0.395   1.00 24.28 ? 651 HOH A O   1 
HETATM 773 O O   . HOH B 2 .   ? 9.071   -6.017  0.639   1.00 27.87 ? 652 HOH A O   1 
HETATM 774 O O   . HOH B 2 .   ? -0.697  -15.417 5.014   1.00 38.91 ? 653 HOH A O   1 
HETATM 775 O O   . HOH B 2 .   ? -7.142  15.206  -3.287  1.00 31.78 ? 654 HOH A O   1 
HETATM 776 O O   . HOH B 2 .   ? -1.021  9.783   -11.717 1.00 30.44 ? 655 HOH A O   1 
HETATM 777 O O   . HOH B 2 .   ? -3.807  -8.017  10.544  1.00 34.62 ? 656 HOH A O   1 
HETATM 778 O O   . HOH B 2 .   ? 8.376   -7.091  7.119   1.00 34.61 ? 657 HOH A O   1 
HETATM 779 O O   . HOH B 2 .   ? 1.421   11.600  -6.702  1.00 36.52 ? 658 HOH A O   1 
HETATM 780 O O   . HOH B 2 .   ? 9.969   -2.048  -5.651  1.00 40.92 ? 659 HOH A O   1 
HETATM 781 O O   . HOH B 2 .   ? 9.697   -9.056  8.199   1.00 33.96 ? 660 HOH A O   1 
HETATM 782 O O   . HOH B 2 .   ? -6.482  -12.848 1.105   1.00 37.40 ? 661 HOH A O   1 
HETATM 783 O O   . HOH B 2 .   ? -13.815 -4.199  -1.641  1.00 39.76 ? 662 HOH A O   1 
HETATM 784 O O   . HOH B 2 .   ? 5.199   -5.869  -6.191  1.00 46.76 ? 663 HOH A O   1 
HETATM 785 O O   . HOH B 2 .   ? -13.530 0.262   10.514  1.00 41.67 ? 664 HOH A O   1 
HETATM 786 O O   . HOH B 2 .   ? 10.349  -11.334 9.614   0.50 25.78 ? 665 HOH A O   1 
HETATM 787 O O   . HOH B 2 .   ? -3.331  -15.110 4.275   1.00 47.55 ? 666 HOH A O   1 
HETATM 788 O O   . HOH B 2 .   ? -7.205  -1.984  10.660  1.00 40.47 ? 667 HOH A O   1 
HETATM 789 O O   . HOH B 2 .   ? 2.610   14.010  -7.097  1.00 42.19 ? 668 HOH A O   1 
HETATM 790 O O   . HOH B 2 .   ? 7.121   -8.214  0.178   1.00 39.59 ? 669 HOH A O   1 
HETATM 791 O O   . HOH B 2 .   ? 7.938   -15.055 10.832  1.00 33.54 ? 670 HOH A O   1 
HETATM 792 O O   . HOH B 2 .   ? -4.101  5.998   -10.495 1.00 38.93 ? 671 HOH A O   1 
HETATM 793 O O   . HOH B 2 .   ? 16.679  -6.190  -0.974  1.00 42.16 ? 672 HOH A O   1 
HETATM 794 O O   . HOH B 2 .   ? -4.172  -13.672 0.541   1.00 47.54 ? 673 HOH A O   1 
HETATM 795 O O   . HOH B 2 .   ? -13.063 -11.836 8.432   1.00 51.21 ? 674 HOH A O   1 
HETATM 796 O O   . HOH B 2 .   ? -2.198  -5.754  13.102  1.00 43.14 ? 675 HOH A O   1 
HETATM 797 O O   . HOH B 2 .   ? 10.261  -13.458 10.867  0.50 21.11 ? 676 HOH A O   1 
HETATM 798 O O   . HOH B 2 .   ? 14.971  -1.750  -4.019  1.00 51.32 ? 677 HOH A O   1 
HETATM 799 O O   . HOH B 2 .   ? -14.913 -9.666  1.191   1.00 43.94 ? 678 HOH A O   1 
HETATM 800 O O   . HOH B 2 .   ? 13.702  2.624   -5.836  1.00 34.51 ? 679 HOH A O   1 
HETATM 801 O O   . HOH B 2 .   ? 10.905  4.780   -7.465  1.00 41.51 ? 680 HOH A O   1 
HETATM 802 O O   . HOH B 2 .   ? 10.816  3.435   -5.584  1.00 39.10 ? 681 HOH A O   1 
HETATM 803 O O   . HOH B 2 .   ? 9.633   0.528   13.348  1.00 49.67 ? 682 HOH A O   1 
HETATM 804 O O   . HOH B 2 .   ? 20.417  -1.075  -3.685  1.00 30.24 ? 683 HOH A O   1 
HETATM 805 O O   . HOH B 2 .   ? 22.547  -2.820  -3.664  1.00 39.50 ? 684 HOH A O   1 
HETATM 806 O O   . HOH B 2 .   ? 22.497  -4.985  -1.744  1.00 38.74 ? 685 HOH A O   1 
HETATM 807 O O   . HOH B 2 .   ? 20.247  -7.201  -2.759  1.00 54.50 ? 686 HOH A O   1 
HETATM 808 O O   . HOH B 2 .   ? -6.703  -1.501  -12.755 1.00 50.40 ? 687 HOH A O   1 
HETATM 809 O O   . HOH B 2 .   ? 9.464   -4.678  6.646   1.00 45.90 ? 688 HOH A O   1 
HETATM 810 O O   . HOH B 2 .   ? 12.583  -1.201  -4.920  1.00 55.75 ? 689 HOH A O   1 
HETATM 811 O O   . HOH B 2 .   ? 0.310   12.930  10.069  1.00 57.32 ? 690 HOH A O   1 
HETATM 812 O O   . HOH B 2 .   ? 2.832   15.414  1.024   1.00 42.46 ? 691 HOH A O   1 
HETATM 813 O O   . HOH B 2 .   ? 0.920   15.834  0.057   1.00 47.50 ? 692 HOH A O   1 
HETATM 814 O O   . HOH B 2 .   ? 4.737   17.671  -6.075  1.00 52.93 ? 693 HOH A O   1 
HETATM 815 O O   . HOH B 2 .   ? 13.972  10.969  -6.663  1.00 38.61 ? 694 HOH A O   1 
# 
loop_
_atom_site_anisotrop.id 
_atom_site_anisotrop.type_symbol 
_atom_site_anisotrop.pdbx_label_atom_id 
_atom_site_anisotrop.pdbx_label_alt_id 
_atom_site_anisotrop.pdbx_label_comp_id 
_atom_site_anisotrop.pdbx_label_asym_id 
_atom_site_anisotrop.pdbx_label_seq_id 
_atom_site_anisotrop.pdbx_PDB_ins_code 
_atom_site_anisotrop.U[1][1] 
_atom_site_anisotrop.U[2][2] 
_atom_site_anisotrop.U[3][3] 
_atom_site_anisotrop.U[1][2] 
_atom_site_anisotrop.U[1][3] 
_atom_site_anisotrop.U[2][3] 
_atom_site_anisotrop.pdbx_auth_seq_id 
_atom_site_anisotrop.pdbx_auth_comp_id 
_atom_site_anisotrop.pdbx_auth_asym_id 
_atom_site_anisotrop.pdbx_auth_atom_id 
1   N N   . SER A 7   ? 0.5730 0.6289 0.6094 0.0431  0.1048  -0.0458 420 SER A N   
2   C CA  . SER A 7   ? 0.5369 0.5916 0.5494 -0.0010 0.0771  -0.0374 420 SER A CA  
3   C C   . SER A 7   ? 0.4665 0.5881 0.4806 -0.0145 0.0599  -0.0756 420 SER A C   
4   O O   . SER A 7   ? 0.4043 0.6363 0.5317 -0.0579 0.0702  -0.1233 420 SER A O   
5   C CB  . SER A 7   ? 0.5741 0.5858 0.5686 0.0156  0.0486  -0.0229 420 SER A CB  
6   O OG  . SER A 7   ? 0.5755 0.5845 0.5364 -0.0145 0.0880  -0.0856 420 SER A OG  
7   N N   . MET A 8   ? 0.4578 0.4535 0.3485 -0.0232 0.0396  -0.1056 421 MET A N   
8   C CA  . MET A 8   ? 0.4274 0.4522 0.4028 -0.0159 0.0393  -0.0175 421 MET A CA  
9   C C   . MET A 8   ? 0.4042 0.3472 0.3472 -0.0035 0.0136  -0.1133 421 MET A C   
10  O O   . MET A 8   ? 0.4282 0.4649 0.4189 -0.0224 0.0486  -0.0985 421 MET A O   
11  C CB  . MET A 8   ? 0.4214 0.4861 0.4093 -0.0373 0.0588  0.0312  421 MET A CB  
12  C CG  . MET A 8   ? 0.4244 0.4720 0.4400 0.0310  0.0257  0.0374  421 MET A CG  
13  S SD  . MET A 8   ? 0.4634 0.5864 0.5030 0.0105  0.0424  -0.0022 421 MET A SD  
14  C CE  . MET A 8   ? 0.4786 0.5478 0.3999 -0.0318 0.0454  0.0282  421 MET A CE  
15  N N   . LYS A 9   ? 0.3364 0.4460 0.2790 -0.0286 0.0260  -0.0786 422 LYS A N   
16  C CA  . LYS A 9   ? 0.3571 0.3877 0.3614 -0.0052 0.0160  -0.0558 422 LYS A CA  
17  C C   . LYS A 9   ? 0.3056 0.3442 0.2817 -0.0101 0.0082  -0.0396 422 LYS A C   
18  O O   . LYS A 9   ? 0.3258 0.3305 0.3679 -0.0456 0.0204  -0.0731 422 LYS A O   
19  C CB  . LYS A 9   ? 0.3979 0.4717 0.4583 0.0125  0.0174  0.0167  422 LYS A CB  
20  C CG  . LYS A 9   ? 0.4955 0.5305 0.5037 0.0122  0.0026  0.0175  422 LYS A CG  
21  C CD  . LYS A 9   ? 0.5374 0.5485 0.5493 0.0177  -0.0052 0.0183  422 LYS A CD  
22  C CE  . LYS A 9   ? 0.5682 0.5484 0.5691 -0.0025 0.0101  0.0174  422 LYS A CE  
23  N NZ  . LYS A 9   ? 0.6840 0.6402 0.6798 -0.0207 -0.0238 -0.0045 422 LYS A NZ  
24  N N   . LEU A 10  ? 0.3575 0.3392 0.3680 -0.0048 0.0228  -0.0397 423 LEU A N   
25  C CA  . LEU A 10  ? 0.3060 0.3427 0.3479 0.0076  0.0074  -0.0650 423 LEU A CA  
26  C C   . LEU A 10  ? 0.3734 0.2928 0.3644 0.0022  0.0048  -0.0865 423 LEU A C   
27  O O   . LEU A 10  ? 0.4493 0.2762 0.4214 0.0119  0.0310  -0.0511 423 LEU A O   
28  C CB  . LEU A 10  ? 0.3721 0.4125 0.4322 -0.0006 -0.0204 -0.0701 423 LEU A CB  
29  C CG  . LEU A 10  ? 0.3921 0.4440 0.4643 -0.0242 -0.0294 -0.0654 423 LEU A CG  
30  C CD1 . LEU A 10  ? 0.3675 0.4215 0.4143 -0.0118 -0.0385 -0.0731 423 LEU A CD1 
31  C CD2 . LEU A 10  ? 0.4308 0.4610 0.4110 -0.0277 -0.0312 -0.0497 423 LEU A CD2 
32  N N   . VAL A 11  ? 0.2797 0.2781 0.2938 0.0269  0.0000  -0.0235 424 VAL A N   
33  C CA  . VAL A 11  ? 0.2905 0.3420 0.3665 0.0418  0.0436  -0.0024 424 VAL A CA  
34  C C   . VAL A 11  ? 0.3060 0.2930 0.4045 0.0341  0.0381  0.0154  424 VAL A C   
35  O O   . VAL A 11  ? 0.3177 0.3101 0.4664 0.0462  0.0943  0.0112  424 VAL A O   
36  C CB  . VAL A 11  ? 0.2745 0.3408 0.3533 0.0397  0.0378  0.0600  424 VAL A CB  
37  C CG1 . VAL A 11  ? 0.3412 0.3374 0.3650 -0.0027 0.0040  0.0165  424 VAL A CG1 
38  C CG2 . VAL A 11  ? 0.2847 0.4497 0.3698 0.0382  0.0674  0.0439  424 VAL A CG2 
39  N N   . LYS A 12  ? 0.2793 0.2878 0.3187 0.0029  0.0156  0.0214  425 LYS A N   
40  C CA  . LYS A 12  ? 0.2771 0.2637 0.2856 0.0091  -0.0056 -0.0079 425 LYS A CA  
41  C C   . LYS A 12  ? 0.2878 0.2198 0.2852 0.0007  -0.0340 -0.0037 425 LYS A C   
42  O O   . LYS A 12  ? 0.3027 0.2661 0.2903 -0.0094 -0.0245 -0.0109 425 LYS A O   
43  C CB  . LYS A 12  ? 0.3240 0.3368 0.3966 -0.0189 -0.0168 -0.0096 425 LYS A CB  
44  C CG  . LYS A 12  ? 0.4178 0.4292 0.4560 -0.0216 -0.0237 -0.0135 425 LYS A CG  
45  C CD  . LYS A 12  ? 0.4279 0.4513 0.4938 -0.0038 -0.0546 -0.0204 425 LYS A CD  
46  C CE  . LYS A 12  ? 0.4745 0.5263 0.5484 -0.0200 -0.0301 -0.0111 425 LYS A CE  
47  N NZ  . LYS A 12  ? 0.4870 0.5745 0.5625 -0.0032 -0.0677 -0.0155 425 LYS A NZ  
48  N N   . PHE A 13  ? 0.2850 0.2568 0.3018 0.0254  -0.0226 0.0687  426 PHE A N   
49  C CA  . PHE A 13  ? 0.3331 0.2564 0.3157 -0.0012 -0.0174 0.0455  426 PHE A CA  
50  C C   . PHE A 13  ? 0.3034 0.2902 0.2607 0.0026  0.0045  0.0649  426 PHE A C   
51  O O   . PHE A 13  ? 0.2670 0.2795 0.3127 0.0033  0.0126  0.0539  426 PHE A O   
52  C CB  . PHE A 13  ? 0.3144 0.3508 0.3200 0.0421  -0.0030 0.0422  426 PHE A CB  
53  C CG  . PHE A 13  ? 0.2504 0.3854 0.3286 0.0590  -0.0390 0.0472  426 PHE A CG  
54  C CD1 . PHE A 13  ? 0.2621 0.4027 0.3233 0.0543  -0.0376 0.0301  426 PHE A CD1 
55  C CD2 . PHE A 13  ? 0.2197 0.3522 0.3284 0.0479  -0.0283 0.0203  426 PHE A CD2 
56  C CE1 . PHE A 13  ? 0.2599 0.4098 0.3176 0.0075  -0.0170 0.0423  426 PHE A CE1 
57  C CE2 . PHE A 13  ? 0.2418 0.3645 0.3433 0.0361  -0.0418 0.0442  426 PHE A CE2 
58  C CZ  . PHE A 13  ? 0.2356 0.3888 0.3287 -0.0147 -0.0461 -0.0024 426 PHE A CZ  
59  N N   . ARG A 14  ? 0.3950 0.3300 0.3353 0.0041  0.0325  0.0579  427 ARG A N   
60  C CA  . ARG A 14  ? 0.4022 0.3592 0.3790 -0.0042 0.0075  0.0409  427 ARG A CA  
61  C C   . ARG A 14  ? 0.3167 0.3151 0.3279 -0.0075 0.0217  0.0747  427 ARG A C   
62  O O   . ARG A 14  ? 0.3479 0.3985 0.3845 0.0307  0.0210  0.1500  427 ARG A O   
63  C CB  . ARG A 14  ? 0.4566 0.3703 0.4136 -0.0385 0.0188  0.0471  427 ARG A CB  
64  C CG  . ARG A 14  ? 0.4622 0.4525 0.4862 -0.0131 0.0327  0.0362  427 ARG A CG  
65  C CD  . ARG A 14  ? 0.5666 0.5219 0.5692 -0.0179 0.0167  0.0526  427 ARG A CD  
66  N NE  . ARG A 14  ? 0.6586 0.6442 0.6234 -0.0020 -0.0215 0.0197  427 ARG A NE  
67  C CZ  . ARG A 14  ? 0.6376 0.6369 0.6214 -0.0021 -0.0024 0.0266  427 ARG A CZ  
68  N NH1 . ARG A 14  ? 0.5936 0.6099 0.6007 0.0050  0.0150  0.0405  427 ARG A NH1 
69  N NH2 . ARG A 14  ? 0.6103 0.6281 0.6245 -0.0011 -0.0024 0.0303  427 ARG A NH2 
70  N N   . LYS A 15  ? 0.3104 0.3314 0.3067 -0.0008 0.0277  0.0625  428 LYS A N   
71  C CA  . LYS A 15  ? 0.3191 0.3007 0.2961 -0.0156 0.0206  0.0745  428 LYS A CA  
72  C C   . LYS A 15  ? 0.2417 0.3115 0.2919 -0.0155 -0.0307 0.1198  428 LYS A C   
73  O O   . LYS A 15  ? 0.2570 0.3671 0.3296 -0.0310 -0.0134 0.1222  428 LYS A O   
74  C CB  . LYS A 15  ? 0.2973 0.3017 0.3028 -0.0222 0.0247  0.0545  428 LYS A CB  
75  C CG  . LYS A 15  ? 0.3286 0.3078 0.3249 -0.0219 0.0091  0.0492  428 LYS A CG  
76  C CD  . LYS A 15  ? 0.2621 0.2997 0.3185 -0.0019 0.0086  0.0508  428 LYS A CD  
77  C CE  . LYS A 15  ? 0.2993 0.3315 0.3419 0.0428  -0.0350 0.0524  428 LYS A CE  
78  N NZ  . LYS A 15  ? 0.3075 0.3129 0.3005 0.0141  -0.0108 0.0614  428 LYS A NZ  
79  N N   . GLY A 16  ? 0.2342 0.3514 0.2551 -0.0174 -0.0201 0.1099  429 GLY A N   
80  C CA  . GLY A 16  ? 0.2275 0.3568 0.2606 0.0129  0.0072  0.1031  429 GLY A CA  
81  C C   . GLY A 16  ? 0.2055 0.3598 0.2864 -0.0143 0.0040  0.1007  429 GLY A C   
82  O O   . GLY A 16  ? 0.2339 0.3969 0.3724 0.0025  -0.0178 0.0989  429 GLY A O   
83  N N   . ASP A 17  ? 0.2063 0.3831 0.3169 -0.0525 -0.0153 0.0976  430 ASP A N   
84  C CA  . ASP A 17  ? 0.2515 0.3923 0.2999 -0.0390 -0.0052 0.0662  430 ASP A CA  
85  C C   . ASP A 17  ? 0.3040 0.4076 0.3357 -0.0389 0.0395  0.0180  430 ASP A C   
86  O O   . ASP A 17  ? 0.3753 0.4306 0.4287 -0.0492 0.0776  0.0140  430 ASP A O   
87  C CB  . ASP A 17  ? 0.3184 0.4555 0.3321 0.0105  -0.0453 0.0792  430 ASP A CB  
88  C CG  . ASP A 17  ? 0.3212 0.4671 0.4163 0.0257  0.0087  0.0778  430 ASP A CG  
89  O OD1 . ASP A 17  ? 0.3386 0.6018 0.4632 0.0078  0.0268  0.1314  430 ASP A OD1 
90  O OD2 . ASP A 17  ? 0.3195 0.4819 0.4409 -0.0335 -0.0117 0.1323  430 ASP A OD2 
91  N N   A SER A 18  ? 0.2933 0.3793 0.3427 -0.0204 0.0388  0.0137  431 SER A N   
92  N N   B SER A 18  ? 0.2550 0.3735 0.3566 -0.0210 0.0384  0.0129  431 SER A N   
93  C CA  A SER A 18  ? 0.2678 0.3107 0.3638 -0.0228 0.0050  0.0284  431 SER A CA  
94  C CA  B SER A 18  ? 0.2602 0.3127 0.3838 -0.0107 0.0120  0.0402  431 SER A CA  
95  C C   A SER A 18  ? 0.2671 0.2726 0.3174 0.0149  -0.0106 0.0524  431 SER A C   
96  C C   B SER A 18  ? 0.2481 0.2963 0.3813 0.0179  0.0174  0.0457  431 SER A C   
97  O O   A SER A 18  ? 0.1747 0.3216 0.3650 -0.0840 0.0643  0.0560  431 SER A O   
98  O O   B SER A 18  ? 0.1524 0.3399 0.4469 -0.0106 0.0219  0.0415  431 SER A O   
99  C CB  A SER A 18  ? 0.3403 0.3527 0.3675 -0.0083 -0.0021 -0.0157 431 SER A CB  
100 C CB  B SER A 18  ? 0.3106 0.3522 0.3720 0.0130  0.0091  0.0060  431 SER A CB  
101 O OG  A SER A 18  ? 0.3729 0.3486 0.3891 -0.0142 -0.0149 -0.0273 431 SER A OG  
102 O OG  B SER A 18  ? 0.2127 0.2868 0.4328 0.0186  0.0047  0.0458  431 SER A OG  
103 N N   . VAL A 19  ? 0.2640 0.2610 0.4275 0.0112  0.0159  0.0526  432 VAL A N   
104 C CA  A VAL A 19  ? 0.2362 0.2568 0.3545 0.0064  -0.0173 0.0303  432 VAL A CA  
105 C CA  B VAL A 19  ? 0.2276 0.2710 0.3716 0.0125  -0.0032 0.0369  432 VAL A CA  
106 C C   . VAL A 19  ? 0.1964 0.2236 0.3021 -0.0078 -0.0145 0.0456  432 VAL A C   
107 O O   . VAL A 19  ? 0.2520 0.3426 0.3927 0.0554  0.0098  0.0401  432 VAL A O   
108 C CB  A VAL A 19  ? 0.2916 0.2767 0.3300 0.0356  0.0028  0.0049  432 VAL A CB  
109 C CB  B VAL A 19  ? 0.2407 0.2915 0.4236 0.0578  0.0212  0.0171  432 VAL A CB  
110 C CG1 A VAL A 19  ? 0.2733 0.2603 0.3148 -0.0223 -0.0564 -0.0187 432 VAL A CG1 
111 C CG1 B VAL A 19  ? 0.3025 0.3587 0.4292 0.0621  0.0190  0.0266  432 VAL A CG1 
112 C CG2 A VAL A 19  ? 0.2391 0.2735 0.3496 0.0368  -0.0063 -0.0314 432 VAL A CG2 
113 C CG2 B VAL A 19  ? 0.2179 0.2757 0.4441 0.0303  0.0546  -0.0086 432 VAL A CG2 
114 N N   . GLY A 20  ? 0.1926 0.2708 0.3264 -0.0406 -0.0020 0.0455  433 GLY A N   
115 C CA  . GLY A 20  ? 0.1766 0.2758 0.3301 -0.0276 -0.0280 0.0475  433 GLY A CA  
116 C C   . GLY A 20  ? 0.2188 0.2280 0.3722 -0.0024 -0.0038 0.0539  433 GLY A C   
117 O O   . GLY A 20  ? 0.1965 0.2337 0.4372 0.0103  -0.0123 0.0352  433 GLY A O   
118 N N   . LEU A 21  ? 0.1622 0.2539 0.2640 -0.0146 -0.0010 0.0294  434 LEU A N   
119 C CA  A LEU A 21  ? 0.1874 0.2689 0.2271 -0.0061 -0.0021 0.0319  434 LEU A CA  
120 C CA  B LEU A 21  ? 0.1872 0.2716 0.1946 -0.0027 -0.0062 0.0150  434 LEU A CA  
121 C C   . LEU A 21  ? 0.1677 0.2630 0.2186 -0.0013 -0.0047 0.0369  434 LEU A C   
122 O O   . LEU A 21  ? 0.1845 0.2852 0.2266 -0.0215 -0.0049 0.0444  434 LEU A O   
123 C CB  A LEU A 21  ? 0.2210 0.2893 0.2630 0.0101  0.0095  0.0209  434 LEU A CB  
124 C CB  B LEU A 21  ? 0.1933 0.2793 0.1856 -0.0072 -0.0112 0.0082  434 LEU A CB  
125 C CG  A LEU A 21  ? 0.2782 0.2868 0.2697 -0.0066 -0.0143 0.0490  434 LEU A CG  
126 C CG  B LEU A 21  ? 0.1775 0.2383 0.2301 0.0301  -0.0038 -0.0032 434 LEU A CG  
127 C CD1 A LEU A 21  ? 0.3394 0.3691 0.3169 0.0423  -0.0479 0.0237  434 LEU A CD1 
128 C CD1 B LEU A 21  ? 0.2273 0.2933 0.2761 0.0117  -0.0364 0.0141  434 LEU A CD1 
129 C CD2 A LEU A 21  ? 0.3234 0.3726 0.3659 -0.0101 0.0114  0.0248  434 LEU A CD2 
130 C CD2 B LEU A 21  ? 0.2333 0.2991 0.2975 0.0196  -0.0471 -0.0060 434 LEU A CD2 
131 N N   . ARG A 22  ? 0.1798 0.2573 0.2508 0.0013  -0.0050 0.0713  435 ARG A N   
132 C CA  . ARG A 22  ? 0.2101 0.2725 0.2095 -0.0135 0.0027  0.0480  435 ARG A CA  
133 C C   . ARG A 22  ? 0.1478 0.2426 0.2479 0.0219  0.0196  0.0505  435 ARG A C   
134 O O   . ARG A 22  ? 0.1830 0.2485 0.2490 0.0121  0.0302  0.0638  435 ARG A O   
135 C CB  . ARG A 22  ? 0.2842 0.3136 0.2960 -0.0296 -0.0383 0.0190  435 ARG A CB  
136 C CG  . ARG A 22  ? 0.3787 0.3586 0.3243 -0.0343 -0.0240 0.0317  435 ARG A CG  
137 C CD  . ARG A 22  ? 0.3746 0.3771 0.3559 -0.0349 -0.0630 0.0363  435 ARG A CD  
138 N NE  . ARG A 22  ? 0.3915 0.3658 0.3095 -0.0224 -0.1112 0.0808  435 ARG A NE  
139 C CZ  . ARG A 22  ? 0.3146 0.3484 0.3360 -0.0457 -0.0560 0.0407  435 ARG A CZ  
140 N NH1 . ARG A 22  ? 0.3061 0.3662 0.3531 -0.0411 -0.0769 0.1171  435 ARG A NH1 
141 N NH2 . ARG A 22  ? 0.3254 0.4326 0.3442 -0.0382 -0.0435 0.0513  435 ARG A NH2 
142 N N   . LEU A 23  ? 0.2247 0.2256 0.2085 0.0451  0.0149  0.0705  436 LEU A N   
143 C CA  . LEU A 23  ? 0.2141 0.2133 0.2022 0.0293  0.0204  0.0450  436 LEU A CA  
144 C C   . LEU A 23  ? 0.2095 0.2132 0.1791 0.0354  0.0154  0.0477  436 LEU A C   
145 O O   . LEU A 23  ? 0.2154 0.2500 0.2092 0.0142  -0.0123 0.0513  436 LEU A O   
146 C CB  . LEU A 23  ? 0.1918 0.2535 0.2055 0.0186  0.0070  0.0665  436 LEU A CB  
147 C CG  . LEU A 23  ? 0.1998 0.2478 0.2213 -0.0085 0.0118  0.0532  436 LEU A CG  
148 C CD1 . LEU A 23  ? 0.1817 0.3062 0.2405 0.0591  0.0245  0.0512  436 LEU A CD1 
149 C CD2 . LEU A 23  ? 0.2491 0.2606 0.2458 0.0262  -0.0068 -0.0261 436 LEU A CD2 
150 N N   . ALA A 24  ? 0.1923 0.2539 0.1969 0.0071  0.0074  0.0459  437 ALA A N   
151 C CA  . ALA A 24  ? 0.1828 0.2537 0.1872 -0.0165 -0.0052 0.0388  437 ALA A CA  
152 C C   . ALA A 24  ? 0.1888 0.2177 0.2211 -0.0116 0.0063  0.0210  437 ALA A C   
153 O O   . ALA A 24  ? 0.2105 0.2201 0.2157 -0.0140 -0.0216 0.0356  437 ALA A O   
154 C CB  . ALA A 24  ? 0.1979 0.2803 0.2794 0.0126  0.0083  0.0554  437 ALA A CB  
155 N N   . GLY A 25  ? 0.2042 0.2214 0.1988 0.0006  -0.0109 0.0226  438 GLY A N   
156 C CA  . GLY A 25  ? 0.2305 0.2117 0.2218 0.0151  0.0145  0.0180  438 GLY A CA  
157 C C   . GLY A 25  ? 0.2199 0.2195 0.2467 -0.0118 -0.0212 0.0192  438 GLY A C   
158 O O   . GLY A 25  ? 0.2085 0.2808 0.2742 -0.0147 -0.0078 0.0241  438 GLY A O   
159 N N   . GLY A 26  ? 0.2988 0.2137 0.2715 -0.0069 -0.0175 0.0361  439 GLY A N   
160 C CA  . GLY A 26  ? 0.3109 0.2336 0.3199 -0.0021 -0.0122 0.0017  439 GLY A CA  
161 C C   . GLY A 26  ? 0.3011 0.2225 0.3299 -0.0275 -0.0117 -0.0020 439 GLY A C   
162 O O   . GLY A 26  ? 0.3161 0.2515 0.3467 0.0132  -0.0162 0.0098  439 GLY A O   
163 N N   . ASN A 27  ? 0.3379 0.2659 0.3977 -0.0371 -0.0282 0.0491  440 ASN A N   
164 C CA  . ASN A 27  ? 0.3976 0.3064 0.4074 -0.0003 0.0080  0.0318  440 ASN A CA  
165 C C   . ASN A 27  ? 0.3811 0.2715 0.3833 -0.0157 0.0062  0.0435  440 ASN A C   
166 O O   . ASN A 27  ? 0.4787 0.3190 0.3657 0.0224  0.0000  0.0861  440 ASN A O   
167 C CB  . ASN A 27  ? 0.4587 0.3909 0.4866 -0.0085 -0.0120 0.0178  440 ASN A CB  
168 C CG  . ASN A 27  ? 0.5291 0.3324 0.5297 -0.0217 -0.0194 0.0264  440 ASN A CG  
169 O OD1 . ASN A 27  ? 0.5805 0.3947 0.5857 0.0082  -0.0273 0.0375  440 ASN A OD1 
170 N ND2 . ASN A 27  ? 0.6536 0.4726 0.6353 -0.0754 -0.0177 0.0237  440 ASN A ND2 
171 N N   . ASP A 28  ? 0.4432 0.2341 0.4093 -0.0043 0.0089  0.0123  441 ASP A N   
172 C CA  . ASP A 28  ? 0.3818 0.2884 0.3801 0.0279  -0.0013 0.0315  441 ASP A CA  
173 C C   . ASP A 28  ? 0.4105 0.3259 0.3027 0.0139  -0.0643 0.0631  441 ASP A C   
174 O O   . ASP A 28  ? 0.4324 0.2949 0.4062 0.0553  -0.0462 0.0761  441 ASP A O   
175 C CB  . ASP A 28  ? 0.4137 0.3384 0.4311 0.0257  -0.0173 0.0236  441 ASP A CB  
176 C CG  . ASP A 28  ? 0.5248 0.4456 0.5284 -0.0036 -0.0271 0.0323  441 ASP A CG  
177 O OD1 . ASP A 28  ? 0.6732 0.4266 0.6542 0.0331  -0.0157 0.0086  441 ASP A OD1 
178 O OD2 . ASP A 28  ? 0.6907 0.4965 0.6402 0.0194  -0.0635 0.0466  441 ASP A OD2 
179 N N   . VAL A 29  ? 0.3293 0.2285 0.3237 -0.0106 -0.0125 0.0741  442 VAL A N   
180 C CA  . VAL A 29  ? 0.3388 0.2567 0.2754 -0.0046 0.0078  0.0616  442 VAL A CA  
181 C C   . VAL A 29  ? 0.3351 0.2859 0.2501 -0.0031 -0.0012 0.0635  442 VAL A C   
182 O O   . VAL A 29  ? 0.3362 0.2619 0.2989 -0.0223 -0.0042 0.0240  442 VAL A O   
183 C CB  . VAL A 29  ? 0.3762 0.3062 0.3233 -0.0316 0.0140  0.0546  442 VAL A CB  
184 C CG1 . VAL A 29  ? 0.3447 0.3163 0.3627 -0.0717 -0.0002 0.0361  442 VAL A CG1 
185 C CG2 . VAL A 29  ? 0.2878 0.3167 0.3116 -0.0124 -0.0328 0.0154  442 VAL A CG2 
186 N N   . GLY A 30  ? 0.3088 0.2594 0.2890 0.0072  -0.0223 0.0691  443 GLY A N   
187 C CA  . GLY A 30  ? 0.3050 0.2072 0.2440 0.0021  -0.0157 0.0591  443 GLY A CA  
188 C C   . GLY A 30  ? 0.2369 0.2491 0.2185 0.0172  -0.0297 0.0111  443 GLY A C   
189 O O   . GLY A 30  ? 0.2791 0.2418 0.2535 -0.0223 -0.0636 0.0318  443 GLY A O   
190 N N   . ILE A 31  ? 0.2185 0.2265 0.1902 -0.0038 -0.0267 0.0391  444 ILE A N   
191 C CA  . ILE A 31  ? 0.2081 0.1845 0.1769 0.0042  -0.0366 0.0226  444 ILE A CA  
192 C C   . ILE A 31  ? 0.1840 0.1891 0.2100 0.0031  -0.0057 0.0317  444 ILE A C   
193 O O   . ILE A 31  ? 0.2013 0.2187 0.2181 0.0033  -0.0278 0.0101  444 ILE A O   
194 C CB  . ILE A 31  ? 0.1945 0.2120 0.1961 0.0128  -0.0341 -0.0024 444 ILE A CB  
195 C CG1 . ILE A 31  ? 0.3022 0.2656 0.2559 0.0130  -0.0185 0.0261  444 ILE A CG1 
196 C CG2 . ILE A 31  ? 0.2288 0.2521 0.2024 0.0129  -0.0280 0.0517  444 ILE A CG2 
197 C CD1 . ILE A 31  ? 0.2458 0.3050 0.2973 0.0141  -0.0297 -0.0196 444 ILE A CD1 
198 N N   . PHE A 32  ? 0.1619 0.2383 0.2147 0.0294  -0.0217 0.0579  445 PHE A N   
199 C CA  . PHE A 32  ? 0.1639 0.2187 0.2125 -0.0060 0.0001  0.0508  445 PHE A CA  
200 C C   . PHE A 32  ? 0.1739 0.2068 0.2288 -0.0275 0.0346  0.0358  445 PHE A C   
201 O O   . PHE A 32  ? 0.1794 0.2480 0.2239 0.0163  -0.0096 0.0536  445 PHE A O   
202 C CB  . PHE A 32  ? 0.1689 0.2429 0.2290 -0.0101 0.0199  0.0486  445 PHE A CB  
203 C CG  . PHE A 32  ? 0.1492 0.2309 0.2188 -0.0276 -0.0397 0.0571  445 PHE A CG  
204 C CD1 . PHE A 32  ? 0.2215 0.2648 0.2164 0.0119  0.0041  0.0721  445 PHE A CD1 
205 C CD2 . PHE A 32  ? 0.2204 0.2429 0.2450 -0.0120 0.0176  0.0672  445 PHE A CD2 
206 C CE1 . PHE A 32  ? 0.2076 0.2611 0.2984 0.0254  -0.0100 0.0637  445 PHE A CE1 
207 C CE2 . PHE A 32  ? 0.2361 0.3045 0.2409 -0.0361 0.0054  0.0674  445 PHE A CE2 
208 C CZ  . PHE A 32  ? 0.2434 0.2907 0.2094 -0.0428 0.0037  0.0547  445 PHE A CZ  
209 N N   . VAL A 33  ? 0.1874 0.2217 0.2300 0.0122  -0.0228 0.0309  446 VAL A N   
210 C CA  . VAL A 33  ? 0.1891 0.2493 0.2292 0.0290  -0.0308 0.0524  446 VAL A CA  
211 C C   . VAL A 33  ? 0.1943 0.2076 0.2599 -0.0067 0.0044  0.0419  446 VAL A C   
212 O O   . VAL A 33  ? 0.1818 0.2414 0.2427 -0.0104 -0.0005 0.0327  446 VAL A O   
213 C CB  . VAL A 33  ? 0.1834 0.2823 0.2712 -0.0057 -0.0493 0.0635  446 VAL A CB  
214 C CG1 . VAL A 33  ? 0.2223 0.2689 0.2788 -0.0263 -0.0430 0.1020  446 VAL A CG1 
215 C CG2 . VAL A 33  ? 0.2376 0.2776 0.3152 -0.0256 -0.1055 0.0851  446 VAL A CG2 
216 N N   . ALA A 34  ? 0.1611 0.2388 0.2402 0.0086  0.0149  0.0525  447 ALA A N   
217 C CA  . ALA A 34  ? 0.1854 0.2004 0.2155 -0.0194 -0.0276 0.0347  447 ALA A CA  
218 C C   . ALA A 34  ? 0.1852 0.2026 0.3228 -0.0160 -0.0432 0.0306  447 ALA A C   
219 O O   . ALA A 34  ? 0.2234 0.2955 0.4082 -0.0197 -0.0889 0.1158  447 ALA A O   
220 C CB  . ALA A 34  ? 0.2696 0.1911 0.2476 -0.0275 -0.0169 0.0316  447 ALA A CB  
221 N N   . GLY A 35  ? 0.2254 0.2170 0.2668 0.0129  -0.0220 0.0734  448 GLY A N   
222 C CA  . GLY A 35  ? 0.2053 0.2187 0.2737 0.0079  -0.0204 0.0566  448 GLY A CA  
223 C C   . GLY A 35  ? 0.1679 0.2653 0.2695 0.0201  -0.0483 0.0525  448 GLY A C   
224 O O   . GLY A 35  ? 0.1902 0.2351 0.2960 0.0173  -0.0068 0.0839  448 GLY A O   
225 N N   . VAL A 36  ? 0.1986 0.2218 0.2948 0.0165  -0.0234 0.0520  449 VAL A N   
226 C CA  . VAL A 36  ? 0.2281 0.2187 0.2883 -0.0028 0.0200  0.0619  449 VAL A CA  
227 C C   . VAL A 36  ? 0.1424 0.2473 0.2680 -0.0299 0.0074  0.0379  449 VAL A C   
228 O O   . VAL A 36  ? 0.1671 0.2449 0.2930 0.0275  -0.0044 0.0582  449 VAL A O   
229 C CB  . VAL A 36  ? 0.1971 0.2480 0.2837 -0.0054 -0.0417 0.0747  449 VAL A CB  
230 C CG1 . VAL A 36  ? 0.2552 0.3183 0.3712 -0.0742 -0.0264 0.0496  449 VAL A CG1 
231 C CG2 . VAL A 36  ? 0.2877 0.2784 0.2632 -0.0047 -0.0583 0.1251  449 VAL A CG2 
232 N N   . LEU A 37  ? 0.1913 0.2408 0.2959 0.0113  0.0273  0.0481  450 LEU A N   
233 C CA  . LEU A 37  ? 0.2356 0.2920 0.2249 -0.0081 0.0467  0.0268  450 LEU A CA  
234 C C   . LEU A 37  ? 0.2334 0.2526 0.2218 -0.0243 0.0177  0.0608  450 LEU A C   
235 O O   . LEU A 37  ? 0.2492 0.2251 0.2142 -0.0044 -0.0434 0.0430  450 LEU A O   
236 C CB  . LEU A 37  ? 0.2808 0.2842 0.3179 -0.0311 0.0381  -0.0382 450 LEU A CB  
237 C CG  . LEU A 37  ? 0.2695 0.4596 0.2607 -0.0048 -0.0017 0.0621  450 LEU A CG  
238 C CD1 . LEU A 37  ? 0.2818 0.3919 0.1708 -0.0059 -0.0342 0.0355  450 LEU A CD1 
239 C CD2 . LEU A 37  ? 0.2291 0.3863 0.2755 -0.0294 0.0751  0.0517  450 LEU A CD2 
240 N N   . GLU A 38  ? 0.2028 0.2234 0.2034 -0.0199 -0.0042 0.0319  451 GLU A N   
241 C CA  . GLU A 38  ? 0.1684 0.2213 0.2157 -0.0198 -0.0027 0.0283  451 GLU A CA  
242 C C   . GLU A 38  ? 0.2028 0.2518 0.1848 0.0185  -0.0121 0.0404  451 GLU A C   
243 O O   . GLU A 38  ? 0.2086 0.2300 0.2230 -0.0214 -0.0085 0.0350  451 GLU A O   
244 C CB  . GLU A 38  ? 0.1892 0.2445 0.2632 -0.0199 -0.0220 0.0085  451 GLU A CB  
245 C CG  . GLU A 38  ? 0.2342 0.2638 0.2870 -0.0084 -0.0491 0.0078  451 GLU A CG  
246 C CD  . GLU A 38  ? 0.2583 0.2992 0.3330 -0.0161 -0.0519 -0.0451 451 GLU A CD  
247 O OE1 . GLU A 38  ? 0.2428 0.2864 0.4028 -0.0140 -0.0068 -0.0550 451 GLU A OE1 
248 O OE2 . GLU A 38  ? 0.2493 0.2977 0.3430 0.0083  -0.0252 -0.0307 451 GLU A OE2 
249 N N   . ASP A 39  ? 0.2359 0.2759 0.2171 -0.0481 -0.0168 0.0261  452 ASP A N   
250 C CA  . ASP A 39  ? 0.2575 0.2367 0.2233 -0.0356 -0.0872 0.0713  452 ASP A CA  
251 C C   . ASP A 39  ? 0.2383 0.2527 0.2485 -0.0635 -0.0941 0.0991  452 ASP A C   
252 O O   . ASP A 39  ? 0.2666 0.3204 0.3159 -0.0978 -0.0545 0.0600  452 ASP A O   
253 C CB  . ASP A 39  ? 0.2949 0.2312 0.2574 -0.0751 -0.0903 0.0785  452 ASP A CB  
254 C CG  . ASP A 39  ? 0.4177 0.1980 0.2725 0.0268  -0.0879 -0.0060 452 ASP A CG  
255 O OD1 . ASP A 39  ? 0.3586 0.3568 0.2874 0.0036  -0.0454 0.0057  452 ASP A OD1 
256 O OD2 . ASP A 39  ? 0.5029 0.3256 0.3566 0.0791  -0.1514 -0.0007 452 ASP A OD2 
257 N N   . SER A 40  ? 0.2298 0.2563 0.2657 -0.0500 -0.0235 0.0962  453 SER A N   
258 C CA  . SER A 40  ? 0.1926 0.3020 0.2234 -0.0125 -0.0318 0.0555  453 SER A CA  
259 C C   . SER A 40  ? 0.1720 0.2583 0.2372 -0.0149 -0.0132 0.0153  453 SER A C   
260 O O   . SER A 40  ? 0.1983 0.3141 0.2318 -0.0058 -0.0308 0.0390  453 SER A O   
261 C CB  . SER A 40  ? 0.2264 0.3193 0.2010 -0.0309 -0.0351 0.0301  453 SER A CB  
262 O OG  . SER A 40  ? 0.2397 0.2910 0.2145 0.0286  -0.0287 0.0534  453 SER A OG  
263 N N   . PRO A 41  ? 0.2056 0.2710 0.2361 -0.0068 -0.0225 0.0436  454 PRO A N   
264 C CA  . PRO A 41  ? 0.2245 0.2529 0.2499 0.0052  -0.0406 0.0428  454 PRO A CA  
265 C C   . PRO A 41  ? 0.2151 0.2541 0.2343 0.0194  -0.0361 -0.0074 454 PRO A C   
266 O O   . PRO A 41  ? 0.2356 0.2970 0.2161 0.0108  -0.0601 -0.0091 454 PRO A O   
267 C CB  . PRO A 41  ? 0.2376 0.2747 0.2585 0.0044  -0.0325 0.0526  454 PRO A CB  
268 C CG  . PRO A 41  ? 0.2332 0.3140 0.2788 -0.0103 -0.0259 0.0104  454 PRO A CG  
269 C CD  . PRO A 41  ? 0.2062 0.3336 0.2428 0.0094  -0.0424 0.0301  454 PRO A CD  
270 N N   . ALA A 42  ? 0.2357 0.2706 0.2206 -0.0003 -0.0628 0.0292  455 ALA A N   
271 C CA  . ALA A 42  ? 0.2355 0.2550 0.1861 0.0061  -0.0396 0.0409  455 ALA A CA  
272 C C   . ALA A 42  ? 0.2360 0.2828 0.2467 -0.0170 -0.0193 0.0323  455 ALA A C   
273 O O   . ALA A 42  ? 0.2375 0.3180 0.2176 0.0063  -0.0179 0.0452  455 ALA A O   
274 C CB  . ALA A 42  ? 0.2253 0.2224 0.2313 -0.0114 0.0087  0.0170  455 ALA A CB  
275 N N   . ALA A 43  ? 0.2551 0.2863 0.2197 0.0133  -0.0047 0.0199  456 ALA A N   
276 C CA  . ALA A 43  ? 0.1958 0.3086 0.2401 -0.0047 -0.0254 -0.0019 456 ALA A CA  
277 C C   . ALA A 43  ? 0.2164 0.3615 0.2355 0.0088  -0.0603 0.0234  456 ALA A C   
278 O O   . ALA A 43  ? 0.2691 0.3322 0.2801 -0.0087 -0.0147 -0.0142 456 ALA A O   
279 C CB  . ALA A 43  ? 0.2342 0.3831 0.2261 0.0097  -0.0526 0.0284  456 ALA A CB  
280 N N   . LYS A 44  ? 0.2017 0.2998 0.2909 0.0191  -0.0331 0.0370  457 LYS A N   
281 C CA  . LYS A 44  ? 0.2801 0.3135 0.3000 0.0097  -0.0647 0.0000  457 LYS A CA  
282 C C   . LYS A 44  ? 0.2689 0.2417 0.2795 0.0368  -0.0264 -0.0331 457 LYS A C   
283 O O   . LYS A 44  ? 0.3030 0.3452 0.3551 0.0489  -0.0071 -0.0413 457 LYS A O   
284 C CB  . LYS A 44  ? 0.2922 0.3167 0.2971 0.0408  -0.0257 0.0083  457 LYS A CB  
285 C CG  . LYS A 44  ? 0.3365 0.3444 0.3854 0.0288  -0.0194 -0.0150 457 LYS A CG  
286 C CD  . LYS A 44  ? 0.3529 0.3528 0.4582 -0.0009 0.0020  -0.0103 457 LYS A CD  
287 C CE  . LYS A 44  ? 0.4510 0.4312 0.5431 0.0142  -0.0261 -0.0416 457 LYS A CE  
288 N NZ  . LYS A 44  ? 0.4423 0.5380 0.6807 0.0408  -0.0027 -0.0471 457 LYS A NZ  
289 N N   . GLU A 45  ? 0.2846 0.2332 0.2887 0.0112  -0.0775 -0.0033 458 GLU A N   
290 C CA  . GLU A 45  ? 0.2964 0.2581 0.2711 0.0129  -0.0747 0.0034  458 GLU A CA  
291 C C   . GLU A 45  ? 0.3302 0.2842 0.2897 -0.0277 -0.0592 -0.0499 458 GLU A C   
292 O O   . GLU A 45  ? 0.4686 0.3736 0.3320 0.0046  -0.0729 -0.0121 458 GLU A O   
293 C CB  . GLU A 45  ? 0.3278 0.3288 0.2371 0.0548  -0.0807 -0.0257 458 GLU A CB  
294 C CG  . GLU A 45  ? 0.2976 0.3393 0.3269 0.0421  -0.0692 0.0132  458 GLU A CG  
295 C CD  . GLU A 45  ? 0.3310 0.3880 0.3371 0.0116  -0.0311 0.0190  458 GLU A CD  
296 O OE1 . GLU A 45  ? 0.4236 0.3649 0.3574 0.0290  -0.1107 -0.0065 458 GLU A OE1 
297 O OE2 . GLU A 45  ? 0.4752 0.4437 0.3983 -0.0039 -0.0833 0.0118  458 GLU A OE2 
298 N N   . GLY A 46  ? 0.3444 0.2818 0.2647 -0.0098 -0.0799 -0.0224 459 GLY A N   
299 C CA  . GLY A 46  ? 0.3468 0.2939 0.2885 -0.0191 -0.0220 -0.0111 459 GLY A CA  
300 C C   . GLY A 46  ? 0.3271 0.3193 0.1913 -0.0050 -0.0170 -0.0178 459 GLY A C   
301 O O   . GLY A 46  ? 0.3321 0.3374 0.2711 -0.0265 0.0113  0.0736  459 GLY A O   
302 N N   . LEU A 47  ? 0.2548 0.2852 0.2349 -0.0203 -0.0310 0.0043  460 LEU A N   
303 C CA  . LEU A 47  ? 0.2663 0.2842 0.2721 -0.0250 -0.0338 0.0030  460 LEU A CA  
304 C C   . LEU A 47  ? 0.3026 0.2287 0.3485 -0.0206 -0.0389 0.0058  460 LEU A C   
305 O O   . LEU A 47  ? 0.2722 0.3236 0.4073 -0.0436 -0.0302 0.0410  460 LEU A O   
306 C CB  . LEU A 47  ? 0.2395 0.3194 0.2881 -0.0165 -0.0457 0.0115  460 LEU A CB  
307 C CG  . LEU A 47  ? 0.2466 0.3625 0.3226 -0.0216 0.0180  -0.0304 460 LEU A CG  
308 C CD1 . LEU A 47  ? 0.2941 0.3585 0.3939 0.0232  -0.0477 0.0406  460 LEU A CD1 
309 C CD2 . LEU A 47  ? 0.2889 0.3273 0.3660 -0.0058 0.0106  -0.0429 460 LEU A CD2 
310 N N   . GLU A 48  ? 0.2768 0.2971 0.3323 0.0053  -0.0654 0.0337  461 GLU A N   
311 C CA  . GLU A 48  ? 0.3048 0.2823 0.3524 -0.0159 -0.0489 -0.0062 461 GLU A CA  
312 C C   . GLU A 48  ? 0.2134 0.2684 0.3295 0.0094  -0.0416 -0.0205 461 GLU A C   
313 O O   . GLU A 48  ? 0.2415 0.2783 0.3808 0.0145  -0.0516 0.0098  461 GLU A O   
314 C CB  . GLU A 48  ? 0.3697 0.3265 0.4527 0.0054  0.0145  -0.0182 461 GLU A CB  
315 C CG  . GLU A 48  ? 0.4784 0.3931 0.4895 -0.0146 0.0106  -0.0384 461 GLU A CG  
316 C CD  . GLU A 48  ? 0.5423 0.5046 0.5462 0.0095  0.0537  -0.0421 461 GLU A CD  
317 O OE1 . GLU A 48  ? 0.6857 0.5576 0.5793 -0.0034 0.0584  -0.0095 461 GLU A OE1 
318 O OE2 . GLU A 48  ? 0.6497 0.5600 0.6784 -0.0534 0.0438  -0.0511 461 GLU A OE2 
319 N N   . GLU A 49  ? 0.2479 0.2684 0.3426 0.0201  -0.0557 0.0079  462 GLU A N   
320 C CA  . GLU A 49  ? 0.2077 0.2577 0.3262 0.0227  -0.0179 0.0073  462 GLU A CA  
321 C C   . GLU A 49  ? 0.2004 0.2813 0.2688 0.0219  -0.0012 -0.0165 462 GLU A C   
322 O O   . GLU A 49  ? 0.2607 0.2717 0.3068 0.0338  -0.0036 -0.0014 462 GLU A O   
323 C CB  . GLU A 49  ? 0.2181 0.2813 0.3139 0.0220  -0.0071 0.0185  462 GLU A CB  
324 C CG  . GLU A 49  ? 0.2458 0.2467 0.2782 0.0050  -0.0080 0.0257  462 GLU A CG  
325 C CD  . GLU A 49  ? 0.3126 0.2996 0.3745 -0.0386 -0.0351 0.0054  462 GLU A CD  
326 O OE1 . GLU A 49  ? 0.3292 0.3641 0.4291 -0.0492 -0.0048 -0.0276 462 GLU A OE1 
327 O OE2 . GLU A 49  ? 0.3363 0.3190 0.4592 -0.0925 -0.0937 0.0969  462 GLU A OE2 
328 N N   . GLY A 50  ? 0.1768 0.2411 0.2854 0.0113  -0.0440 -0.0053 463 GLY A N   
329 C CA  . GLY A 50  ? 0.1855 0.2710 0.2796 0.0095  0.0032  -0.0172 463 GLY A CA  
330 C C   . GLY A 50  ? 0.2039 0.3020 0.2576 0.0054  0.0152  0.0116  463 GLY A C   
331 O O   . GLY A 50  ? 0.2271 0.3204 0.2636 0.0036  -0.0058 0.0067  463 GLY A O   
332 N N   . ASP A 51  ? 0.2174 0.2728 0.3029 -0.0005 -0.0337 -0.0039 464 ASP A N   
333 C CA  . ASP A 51  ? 0.2138 0.3020 0.3320 0.0325  -0.0264 0.0376  464 ASP A CA  
334 C C   . ASP A 51  ? 0.2454 0.2975 0.3109 0.0219  -0.0187 0.0091  464 ASP A C   
335 O O   . ASP A 51  ? 0.1993 0.2621 0.2660 -0.0155 -0.0270 0.0146  464 ASP A O   
336 C CB  . ASP A 51  ? 0.2706 0.2606 0.3827 0.0099  -0.0916 0.0187  464 ASP A CB  
337 C CG  . ASP A 51  ? 0.3368 0.2663 0.4565 -0.0356 -0.0495 0.0418  464 ASP A CG  
338 O OD1 . ASP A 51  ? 0.3953 0.3318 0.4283 0.0358  -0.0697 -0.0800 464 ASP A OD1 
339 O OD2 . ASP A 51  ? 0.3784 0.3110 0.4490 -0.0272 -0.1094 0.0322  464 ASP A OD2 
340 N N   . GLN A 52  ? 0.2406 0.2774 0.2231 0.0196  -0.0023 -0.0220 465 GLN A N   
341 C CA  . GLN A 52  ? 0.1907 0.2895 0.2537 -0.0032 -0.0174 0.0261  465 GLN A CA  
342 C C   . GLN A 52  ? 0.1735 0.2427 0.2296 0.0114  -0.0074 -0.0234 465 GLN A C   
343 O O   . GLN A 52  ? 0.2121 0.2891 0.2395 -0.0350 -0.0155 -0.0370 465 GLN A O   
344 C CB  . GLN A 52  ? 0.1773 0.2885 0.2547 -0.0019 0.0118  0.0231  465 GLN A CB  
345 C CG  . GLN A 52  ? 0.1589 0.2560 0.2281 -0.0290 -0.0104 0.0188  465 GLN A CG  
346 C CD  . GLN A 52  ? 0.2679 0.2685 0.2089 -0.0160 0.0312  0.0006  465 GLN A CD  
347 O OE1 . GLN A 52  ? 0.3440 0.3152 0.3155 0.0188  0.0823  0.0557  465 GLN A OE1 
348 N NE2 . GLN A 52  ? 0.2748 0.2828 0.2677 -0.0155 0.0122  -0.0054 465 GLN A NE2 
349 N N   . ILE A 53  ? 0.1821 0.2452 0.2006 -0.0069 -0.0308 0.0138  466 ILE A N   
350 C CA  . ILE A 53  ? 0.1627 0.2318 0.2321 0.0011  -0.0228 0.0339  466 ILE A CA  
351 C C   . ILE A 53  ? 0.1674 0.2558 0.2422 -0.0367 -0.0255 0.0098  466 ILE A C   
352 O O   . ILE A 53  ? 0.2241 0.2648 0.2260 -0.0097 -0.0442 0.0154  466 ILE A O   
353 C CB  . ILE A 53  ? 0.2059 0.2289 0.2438 0.0156  -0.0341 0.0240  466 ILE A CB  
354 C CG1 . ILE A 53  ? 0.2054 0.2512 0.2363 0.0106  -0.0341 0.0293  466 ILE A CG1 
355 C CG2 . ILE A 53  ? 0.1572 0.2957 0.2477 -0.0247 -0.0239 0.0255  466 ILE A CG2 
356 C CD1 . ILE A 53  ? 0.2822 0.3319 0.2031 -0.0090 -0.0359 0.0499  466 ILE A CD1 
357 N N   . LEU A 54  ? 0.1728 0.2470 0.2300 -0.0052 -0.0072 0.0188  467 LEU A N   
358 C CA  . LEU A 54  ? 0.1844 0.2901 0.2026 -0.0045 -0.0407 0.0404  467 LEU A CA  
359 C C   . LEU A 54  ? 0.2005 0.2621 0.1723 -0.0062 -0.0300 0.0530  467 LEU A C   
360 O O   . LEU A 54  ? 0.2122 0.2767 0.2058 -0.0091 -0.0103 0.0606  467 LEU A O   
361 C CB  . LEU A 54  ? 0.1603 0.2801 0.2400 0.0267  -0.0112 0.0198  467 LEU A CB  
362 C CG  . LEU A 54  ? 0.2179 0.2823 0.2670 -0.0059 0.0165  0.0078  467 LEU A CG  
363 C CD1 . LEU A 54  ? 0.2784 0.3931 0.1935 -0.0085 0.0088  0.0035  467 LEU A CD1 
364 C CD2 . LEU A 54  ? 0.2535 0.3422 0.3138 -0.0314 0.0278  0.0476  467 LEU A CD2 
365 N N   . ARG A 55  ? 0.1698 0.2979 0.2107 -0.0060 -0.0225 0.0611  468 ARG A N   
366 C CA  . ARG A 55  ? 0.1835 0.2665 0.2182 -0.0147 -0.0232 0.0303  468 ARG A CA  
367 C C   . ARG A 55  ? 0.1960 0.2625 0.1903 -0.0091 -0.0076 0.0478  468 ARG A C   
368 O O   . ARG A 55  ? 0.2064 0.2568 0.1972 -0.0099 -0.0229 0.0365  468 ARG A O   
369 C CB  . ARG A 55  ? 0.2032 0.2893 0.2177 -0.0145 -0.0212 0.0167  468 ARG A CB  
370 C CG  . ARG A 55  ? 0.2077 0.2821 0.2361 0.0211  -0.0449 0.0283  468 ARG A CG  
371 C CD  . ARG A 55  ? 0.2180 0.3313 0.2443 -0.0130 -0.0313 0.0033  468 ARG A CD  
372 N NE  . ARG A 55  ? 0.2211 0.3588 0.2710 -0.0054 -0.0784 0.0165  468 ARG A NE  
373 C CZ  . ARG A 55  ? 0.2668 0.3705 0.2844 0.0300  -0.1052 0.0116  468 ARG A CZ  
374 N NH1 . ARG A 55  ? 0.3258 0.2929 0.3434 0.0447  -0.0762 0.0375  468 ARG A NH1 
375 N NH2 . ARG A 55  ? 0.3221 0.3794 0.3738 0.0454  -0.0613 0.0299  468 ARG A NH2 
376 N N   . VAL A 56  ? 0.1904 0.2545 0.1759 -0.0186 -0.0300 0.0284  469 VAL A N   
377 C CA  . VAL A 56  ? 0.1656 0.2153 0.2062 0.0131  -0.0425 0.0546  469 VAL A CA  
378 C C   . VAL A 56  ? 0.1820 0.2540 0.1907 -0.0300 -0.0295 0.0564  469 VAL A C   
379 O O   . VAL A 56  ? 0.1816 0.2902 0.2221 -0.0082 -0.0496 0.0628  469 VAL A O   
380 C CB  . VAL A 56  ? 0.1892 0.2852 0.1704 0.0042  -0.0359 0.0523  469 VAL A CB  
381 C CG1 . VAL A 56  ? 0.2068 0.2871 0.2292 -0.0535 -0.0161 0.1039  469 VAL A CG1 
382 C CG2 . VAL A 56  ? 0.1592 0.2935 0.2133 -0.0397 -0.0479 0.0170  469 VAL A CG2 
383 N N   . ASN A 57  ? 0.1575 0.2427 0.2112 -0.0085 -0.0327 0.0416  470 ASN A N   
384 C CA  . ASN A 57  ? 0.1879 0.2517 0.2254 0.0131  -0.0216 0.0392  470 ASN A CA  
385 C C   . ASN A 57  ? 0.2080 0.2773 0.2121 0.0083  -0.0032 0.0053  470 ASN A C   
386 O O   . ASN A 57  ? 0.1877 0.2974 0.2044 0.0119  -0.0439 0.0095  470 ASN A O   
387 C CB  . ASN A 57  ? 0.1879 0.2570 0.2335 0.0168  -0.0334 0.0196  470 ASN A CB  
388 C CG  . ASN A 57  ? 0.1699 0.2587 0.2151 0.0176  -0.0389 0.0293  470 ASN A CG  
389 O OD1 . ASN A 57  ? 0.2328 0.2539 0.2681 0.0198  0.0141  0.0820  470 ASN A OD1 
390 N ND2 . ASN A 57  ? 0.2663 0.3199 0.2297 0.0285  -0.0231 0.0793  470 ASN A ND2 
391 N N   . ASN A 58  ? 0.2111 0.2575 0.1885 -0.0238 -0.0292 0.0280  471 ASN A N   
392 C CA  . ASN A 58  ? 0.2125 0.2643 0.1706 0.0337  -0.0100 0.0245  471 ASN A CA  
393 C C   . ASN A 58  ? 0.2229 0.2440 0.2258 0.0618  -0.0247 0.0307  471 ASN A C   
394 O O   . ASN A 58  ? 0.2256 0.2364 0.2199 0.0109  -0.0288 0.0416  471 ASN A O   
395 C CB  . ASN A 58  ? 0.2015 0.2875 0.2472 0.0253  -0.0252 0.0656  471 ASN A CB  
396 C CG  . ASN A 58  ? 0.2293 0.3168 0.2542 0.0301  0.0125  0.0435  471 ASN A CG  
397 O OD1 . ASN A 58  ? 0.2447 0.4635 0.3110 -0.0014 -0.0516 -0.0095 471 ASN A OD1 
398 N ND2 . ASN A 58  ? 0.2750 0.3883 0.3980 0.0193  0.0953  0.0586  471 ASN A ND2 
399 N N   . VAL A 59  ? 0.1884 0.2761 0.2147 -0.0046 -0.0201 0.0755  472 VAL A N   
400 C CA  . VAL A 59  ? 0.1667 0.3005 0.2129 -0.0042 -0.0332 0.0642  472 VAL A CA  
401 C C   . VAL A 59  ? 0.1639 0.2663 0.2345 -0.0083 -0.0204 0.0171  472 VAL A C   
402 O O   . VAL A 59  ? 0.1789 0.2860 0.1746 0.0091  -0.0137 0.0392  472 VAL A O   
403 C CB  . VAL A 59  ? 0.1958 0.3082 0.1697 -0.0313 -0.0229 0.0521  472 VAL A CB  
404 C CG1 . VAL A 59  ? 0.2216 0.2982 0.2515 -0.0121 -0.0072 0.0028  472 VAL A CG1 
405 C CG2 . VAL A 59  ? 0.2334 0.3369 0.2128 -0.0368 0.0219  0.0935  472 VAL A CG2 
406 N N   . ASP A 60  ? 0.1958 0.2975 0.2170 -0.0258 -0.0080 0.0507  473 ASP A N   
407 C CA  . ASP A 60  ? 0.2018 0.2778 0.1709 -0.0066 -0.0299 0.0463  473 ASP A CA  
408 C C   . ASP A 60  ? 0.2057 0.2662 0.1725 -0.0408 0.0081  0.0417  473 ASP A C   
409 O O   . ASP A 60  ? 0.1951 0.2863 0.2299 -0.0115 -0.0278 0.0418  473 ASP A O   
410 C CB  . ASP A 60  ? 0.1908 0.2670 0.1847 -0.0057 -0.0277 0.0459  473 ASP A CB  
411 C CG  . ASP A 60  ? 0.2404 0.3433 0.1713 0.0029  -0.0278 0.0436  473 ASP A CG  
412 O OD1 . ASP A 60  ? 0.2059 0.2996 0.2261 -0.0154 -0.0059 0.0742  473 ASP A OD1 
413 O OD2 . ASP A 60  ? 0.2106 0.3498 0.2051 -0.0187 -0.0204 0.0480  473 ASP A OD2 
414 N N   . PHE A 61  ? 0.2101 0.2809 0.1964 -0.0151 -0.0198 0.0339  474 PHE A N   
415 C CA  . PHE A 61  ? 0.2186 0.2538 0.1963 -0.0173 -0.0270 0.0491  474 PHE A CA  
416 C C   . PHE A 61  ? 0.2106 0.2842 0.1891 -0.0081 -0.0081 0.0181  474 PHE A C   
417 O O   . PHE A 61  ? 0.1976 0.2750 0.2248 -0.0043 -0.0518 0.0209  474 PHE A O   
418 C CB  . PHE A 61  ? 0.2134 0.2704 0.1977 -0.0128 -0.0147 0.0339  474 PHE A CB  
419 C CG  . PHE A 61  ? 0.2053 0.2535 0.1808 -0.0040 0.0023  0.0241  474 PHE A CG  
420 C CD1 . PHE A 61  ? 0.2113 0.2309 0.2095 0.0063  -0.0073 0.0305  474 PHE A CD1 
421 C CD2 . PHE A 61  ? 0.2026 0.2647 0.2590 -0.0314 -0.0106 0.0251  474 PHE A CD2 
422 C CE1 . PHE A 61  ? 0.2175 0.2616 0.1738 -0.0040 -0.0502 0.0328  474 PHE A CE1 
423 C CE2 . PHE A 61  ? 0.2206 0.2959 0.1992 -0.0239 -0.0088 0.0319  474 PHE A CE2 
424 C CZ  . PHE A 61  ? 0.2246 0.2295 0.1908 -0.0516 0.0051  0.0624  474 PHE A CZ  
425 N N   . THR A 62  ? 0.2100 0.3174 0.2013 -0.0609 -0.0249 0.0508  475 THR A N   
426 C CA  . THR A 62  ? 0.1891 0.3371 0.2158 -0.0271 -0.0046 0.0541  475 THR A CA  
427 C C   . THR A 62  ? 0.2496 0.2971 0.2240 -0.0243 -0.0287 0.0604  475 THR A C   
428 O O   . THR A 62  ? 0.2830 0.3069 0.2659 -0.0617 0.0076  0.0177  475 THR A O   
429 C CB  . THR A 62  ? 0.2223 0.2775 0.2044 -0.0624 -0.0150 0.0378  475 THR A CB  
430 O OG1 . THR A 62  ? 0.2375 0.2902 0.2377 -0.0144 -0.0391 0.0811  475 THR A OG1 
431 C CG2 . THR A 62  ? 0.2357 0.2608 0.2833 -0.0085 -0.0124 0.0475  475 THR A CG2 
432 N N   . ASN A 63  ? 0.2289 0.3179 0.2066 -0.0395 -0.0161 0.0566  476 ASN A N   
433 C CA  . ASN A 63  ? 0.2040 0.3215 0.2783 -0.0331 -0.0149 0.0545  476 ASN A CA  
434 C C   . ASN A 63  ? 0.2536 0.3215 0.2354 0.0257  0.0259  0.0795  476 ASN A C   
435 O O   . ASN A 63  ? 0.2766 0.4003 0.3256 0.0220  -0.0138 0.0231  476 ASN A O   
436 C CB  . ASN A 63  ? 0.2440 0.2696 0.2677 -0.0208 -0.0055 0.0726  476 ASN A CB  
437 C CG  . ASN A 63  ? 0.2397 0.3098 0.2409 -0.0604 -0.0681 0.0546  476 ASN A CG  
438 O OD1 . ASN A 63  ? 0.3707 0.3255 0.3205 -0.1205 -0.0254 0.0561  476 ASN A OD1 
439 N ND2 . ASN A 63  ? 0.2725 0.3862 0.2511 -0.0401 -0.0694 0.0288  476 ASN A ND2 
440 N N   . ILE A 64  ? 0.2742 0.4262 0.2607 0.0988  -0.0117 0.0420  477 ILE A N   
441 C CA  . ILE A 64  ? 0.3168 0.3946 0.2449 0.0581  -0.0179 0.0196  477 ILE A CA  
442 C C   . ILE A 64  ? 0.3201 0.3741 0.2985 0.0748  0.0063  0.0212  477 ILE A C   
443 O O   . ILE A 64  ? 0.2554 0.3800 0.2665 0.0635  0.0110  0.0230  477 ILE A O   
444 C CB  . ILE A 64  ? 0.2817 0.4674 0.2576 -0.0572 -0.0259 0.0697  477 ILE A CB  
445 C CG1 . ILE A 64  ? 0.3186 0.4581 0.2914 -0.0119 -0.0574 0.0305  477 ILE A CG1 
446 C CG2 . ILE A 64  ? 0.2927 0.4582 0.2710 -0.0759 -0.0848 0.0704  477 ILE A CG2 
447 C CD1 . ILE A 64  ? 0.4531 0.3726 0.3366 0.0328  -0.0611 -0.0071 477 ILE A CD1 
448 N N   . ILE A 65  ? 0.3480 0.3869 0.3012 0.1439  0.0397  0.0403  478 ILE A N   
449 C CA  . ILE A 65  ? 0.4301 0.3493 0.3062 0.0948  -0.0003 0.0118  478 ILE A CA  
450 C C   . ILE A 65  ? 0.3607 0.3119 0.2471 0.0884  0.0463  -0.0001 478 ILE A C   
451 O O   . ILE A 65  ? 0.4080 0.3171 0.2137 0.1191  -0.0129 -0.0043 478 ILE A O   
452 C CB  . ILE A 65  ? 0.4628 0.3709 0.3509 0.0594  -0.0281 0.0335  478 ILE A CB  
453 C CG1 . ILE A 65  ? 0.4356 0.3562 0.2922 0.0695  -0.0195 -0.0516 478 ILE A CG1 
454 C CG2 . ILE A 65  ? 0.5347 0.3636 0.3895 0.1132  0.0072  0.0701  478 ILE A CG2 
455 C CD1 . ILE A 65  ? 0.4949 0.4014 0.4160 0.0640  0.0171  -0.0651 478 ILE A CD1 
456 N N   . ARG A 66  ? 0.3897 0.3259 0.2665 0.0932  0.0496  0.0141  479 ARG A N   
457 C CA  . ARG A 66  ? 0.3492 0.2865 0.2627 0.0539  0.0028  0.0393  479 ARG A CA  
458 C C   . ARG A 66  ? 0.2579 0.2394 0.2673 0.0393  -0.0098 0.0142  479 ARG A C   
459 O O   . ARG A 66  ? 0.3651 0.3130 0.2146 0.0848  0.0254  0.0004  479 ARG A O   
460 C CB  . ARG A 66  ? 0.3986 0.3964 0.3483 0.0527  0.0008  0.0305  479 ARG A CB  
461 C CG  . ARG A 66  ? 0.4416 0.4151 0.3841 0.0242  -0.0375 0.0182  479 ARG A CG  
462 C CD  . ARG A 66  ? 0.4439 0.4598 0.4136 0.0197  -0.0206 -0.0522 479 ARG A CD  
463 N NE  . ARG A 66  ? 0.5045 0.4945 0.4655 0.0556  -0.0233 -0.0253 479 ARG A NE  
464 C CZ  . ARG A 66  ? 0.5669 0.6008 0.5075 0.0205  -0.0132 -0.0146 479 ARG A CZ  
465 N NH1 . ARG A 66  ? 0.6138 0.6218 0.5309 0.0198  0.0137  -0.0134 479 ARG A NH1 
466 N NH2 . ARG A 66  ? 0.5844 0.6169 0.5557 0.0008  -0.0155 -0.0014 479 ARG A NH2 
467 N N   . GLU A 67  ? 0.2907 0.3266 0.2401 0.0839  -0.0123 0.0254  480 GLU A N   
468 C CA  . GLU A 67  ? 0.2908 0.3264 0.2324 0.0550  0.0007  -0.0424 480 GLU A CA  
469 C C   . GLU A 67  ? 0.2983 0.2490 0.2545 0.0827  -0.0402 -0.0093 480 GLU A C   
470 O O   . GLU A 67  ? 0.2827 0.2835 0.2246 0.0551  -0.0392 -0.0436 480 GLU A O   
471 C CB  . GLU A 67  ? 0.3044 0.3278 0.2918 0.0191  -0.0016 -0.0698 480 GLU A CB  
472 C CG  . GLU A 67  ? 0.3375 0.3446 0.3349 -0.0118 0.0072  -0.0890 480 GLU A CG  
473 C CD  . GLU A 67  ? 0.4312 0.3807 0.3804 -0.0140 0.0108  -0.0800 480 GLU A CD  
474 O OE1 . GLU A 67  ? 0.4798 0.3583 0.3918 0.0271  -0.0091 -0.0775 480 GLU A OE1 
475 O OE2 . GLU A 67  ? 0.5211 0.5560 0.4863 -0.0822 0.0028  -0.0552 480 GLU A OE2 
476 N N   A GLU A 68  ? 0.3202 0.2671 0.2479 0.0593  -0.0744 -0.0338 481 GLU A N   
477 N N   B GLU A 68  ? 0.3039 0.2637 0.2655 0.0608  -0.0760 -0.0091 481 GLU A N   
478 C CA  A GLU A 68  ? 0.3224 0.2481 0.2376 0.0523  -0.0404 -0.0268 481 GLU A CA  
479 C CA  B GLU A 68  ? 0.3203 0.2456 0.2424 0.0639  -0.0531 -0.0117 481 GLU A CA  
480 C C   A GLU A 68  ? 0.3059 0.2401 0.2216 0.0411  -0.0633 -0.0022 481 GLU A C   
481 C C   B GLU A 68  ? 0.3200 0.2477 0.2350 0.0361  -0.0443 -0.0123 481 GLU A C   
482 O O   A GLU A 68  ? 0.4357 0.2028 0.1717 0.0191  -0.0969 0.0085  481 GLU A O   
483 O O   B GLU A 68  ? 0.3721 0.3132 0.2506 0.0193  -0.0477 -0.0261 481 GLU A O   
484 C CB  A GLU A 68  ? 0.3317 0.2370 0.2331 0.0412  0.0082  -0.0210 481 GLU A CB  
485 C CB  B GLU A 68  ? 0.3199 0.2471 0.2672 0.0281  -0.0314 0.0097  481 GLU A CB  
486 C CG  A GLU A 68  ? 0.3056 0.2910 0.2796 0.0278  -0.0308 -0.0428 481 GLU A CG  
487 C CG  B GLU A 68  ? 0.2551 0.2230 0.2651 0.0850  -0.0288 0.0010  481 GLU A CG  
488 C CD  A GLU A 68  ? 0.2522 0.2543 0.2612 0.0313  -0.0082 -0.0274 481 GLU A CD  
489 C CD  B GLU A 68  ? 0.2191 0.2843 0.2400 0.0283  -0.0617 -0.0108 481 GLU A CD  
490 O OE1 A GLU A 68  ? 0.2636 0.2355 0.2732 0.0692  -0.0119 0.0107  481 GLU A OE1 
491 O OE1 B GLU A 68  ? 0.2757 0.2562 0.2612 -0.0106 0.0069  -0.0249 481 GLU A OE1 
492 O OE2 A GLU A 68  ? 0.2075 0.2963 0.2529 -0.0134 -0.0122 0.0308  481 GLU A OE2 
493 O OE2 B GLU A 68  ? 0.2174 0.3323 0.2420 -0.0529 0.0003  -0.0690 481 GLU A OE2 
494 N N   . ALA A 69  ? 0.4071 0.2367 0.2210 0.0686  -0.0623 -0.0369 482 ALA A N   
495 C CA  . ALA A 69  ? 0.3917 0.2151 0.2596 0.0973  -0.0425 -0.0174 482 ALA A CA  
496 C C   . ALA A 69  ? 0.3387 0.2263 0.1993 0.0617  -0.0632 -0.0305 482 ALA A C   
497 O O   . ALA A 69  ? 0.4263 0.2590 0.2259 0.0428  -0.0498 -0.0235 482 ALA A O   
498 C CB  . ALA A 69  ? 0.4021 0.3037 0.2518 0.1062  0.0011  -0.0170 482 ALA A CB  
499 N N   . VAL A 70  ? 0.3276 0.2902 0.1979 0.0776  -0.0303 -0.0511 483 VAL A N   
500 C CA  . VAL A 70  ? 0.3092 0.2934 0.2114 0.0720  -0.0309 -0.0050 483 VAL A CA  
501 C C   . VAL A 70  ? 0.3188 0.2469 0.2038 0.0687  -0.0512 -0.0246 483 VAL A C   
502 O O   . VAL A 70  ? 0.3204 0.2889 0.1757 0.0630  -0.0149 -0.0057 483 VAL A O   
503 C CB  . VAL A 70  ? 0.3061 0.3002 0.2162 0.0499  -0.0300 0.0206  483 VAL A CB  
504 C CG1 . VAL A 70  ? 0.3250 0.3068 0.1889 0.0497  -0.0489 0.0298  483 VAL A CG1 
505 C CG2 . VAL A 70  ? 0.2886 0.3091 0.2985 0.0344  -0.0348 0.0187  483 VAL A CG2 
506 N N   . LEU A 71  ? 0.3141 0.2922 0.2401 0.0533  -0.0435 -0.0054 484 LEU A N   
507 C CA  . LEU A 71  ? 0.3417 0.3148 0.2535 0.0801  0.0019  -0.0245 484 LEU A CA  
508 C C   . LEU A 71  ? 0.2840 0.3069 0.2224 0.0593  0.0181  0.0101  484 LEU A C   
509 O O   . LEU A 71  ? 0.2993 0.3664 0.2065 0.0859  0.0188  -0.0376 484 LEU A O   
510 C CB  . LEU A 71  ? 0.3504 0.2801 0.2789 0.1012  -0.0142 -0.0243 484 LEU A CB  
511 C CG  . LEU A 71  ? 0.4480 0.2711 0.3419 0.0881  0.0000  -0.0491 484 LEU A CG  
512 C CD1 . LEU A 71  ? 0.4522 0.4110 0.4532 0.0804  -0.0061 -0.0303 484 LEU A CD1 
513 C CD2 . LEU A 71  ? 0.5366 0.4487 0.3011 0.0692  -0.0096 -0.0074 484 LEU A CD2 
514 N N   . PHE A 72  ? 0.3070 0.2757 0.2085 0.0774  0.0059  -0.0144 485 PHE A N   
515 C CA  . PHE A 72  ? 0.2552 0.3231 0.2294 0.0836  -0.0017 -0.0036 485 PHE A CA  
516 C C   . PHE A 72  ? 0.2614 0.3054 0.1770 0.0181  -0.0123 -0.0001 485 PHE A C   
517 O O   . PHE A 72  ? 0.2473 0.3131 0.2330 0.0587  0.0163  -0.0061 485 PHE A O   
518 C CB  . PHE A 72  ? 0.2571 0.2559 0.2364 0.0639  -0.0350 -0.0238 485 PHE A CB  
519 C CG  . PHE A 72  ? 0.1916 0.3109 0.2109 0.0713  -0.0210 0.0094  485 PHE A CG  
520 C CD1 . PHE A 72  ? 0.2570 0.4672 0.2940 0.0685  -0.0404 -0.0382 485 PHE A CD1 
521 C CD2 . PHE A 72  ? 0.2170 0.2465 0.2360 0.0401  -0.0354 0.0178  485 PHE A CD2 
522 C CE1 . PHE A 72  ? 0.2443 0.4764 0.3102 0.0061  -0.0085 -0.0190 485 PHE A CE1 
523 C CE2 . PHE A 72  ? 0.2713 0.3362 0.2530 0.0147  -0.0255 0.0035  485 PHE A CE2 
524 C CZ  . PHE A 72  ? 0.3115 0.3408 0.2749 0.0169  -0.0484 0.0071  485 PHE A CZ  
525 N N   . LEU A 73  ? 0.2503 0.3086 0.1787 0.0568  -0.0093 0.0101  486 LEU A N   
526 C CA  . LEU A 73  ? 0.2456 0.2908 0.2070 0.0568  0.0126  0.0161  486 LEU A CA  
527 C C   . LEU A 73  ? 0.2930 0.2598 0.2217 0.0191  0.0392  0.0154  486 LEU A C   
528 O O   . LEU A 73  ? 0.3166 0.3152 0.2014 0.0329  0.0289  0.0541  486 LEU A O   
529 C CB  . LEU A 73  ? 0.2476 0.3096 0.2162 0.0323  -0.0184 0.0134  486 LEU A CB  
530 C CG  . LEU A 73  ? 0.2280 0.3017 0.1781 0.0149  -0.0074 0.0264  486 LEU A CG  
531 C CD1 . LEU A 73  ? 0.2376 0.3110 0.2766 0.0144  0.0483  0.0334  486 LEU A CD1 
532 C CD2 . LEU A 73  ? 0.2762 0.3507 0.1759 -0.0093 0.0085  -0.0184 486 LEU A CD2 
533 N N   . LEU A 74  ? 0.3297 0.3339 0.1974 0.0421  0.0130  0.0441  487 LEU A N   
534 C CA  . LEU A 74  ? 0.3560 0.3774 0.2428 -0.0101 -0.0321 0.0196  487 LEU A CA  
535 C C   . LEU A 74  ? 0.4375 0.3723 0.2484 -0.0090 0.0382  -0.0012 487 LEU A C   
536 O O   . LEU A 74  ? 0.4885 0.4881 0.3125 -0.0300 0.0705  0.0506  487 LEU A O   
537 C CB  . LEU A 74  ? 0.3966 0.3940 0.2536 0.0281  -0.0339 0.0497  487 LEU A CB  
538 C CG  . LEU A 74  ? 0.3248 0.3714 0.3440 0.0060  -0.0205 0.0110  487 LEU A CG  
539 C CD1 . LEU A 74  ? 0.2926 0.3457 0.3447 0.0013  -0.0282 -0.0158 487 LEU A CD1 
540 C CD2 . LEU A 74  ? 0.3547 0.3786 0.3016 0.0187  0.0028  0.0964  487 LEU A CD2 
541 N N   . ASP A 75  ? 0.3712 0.3567 0.2911 0.0198  0.0655  -0.0135 488 ASP A N   
542 C CA  . ASP A 75  ? 0.3794 0.3992 0.2719 0.0181  0.0757  0.0247  488 ASP A CA  
543 C C   . ASP A 75  ? 0.3554 0.4654 0.3974 0.0234  0.0465  0.0081  488 ASP A C   
544 O O   . ASP A 75  ? 0.3364 0.4067 0.4203 0.0047  0.0211  -0.0802 488 ASP A O   
545 C CB  . ASP A 75  ? 0.3614 0.4877 0.4551 0.0215  0.0911  -0.0027 488 ASP A CB  
546 C CG  . ASP A 75  ? 0.4609 0.4959 0.4211 0.0219  0.0577  0.0038  488 ASP A CG  
547 O OD1 . ASP A 75  ? 0.5628 0.4790 0.4974 -0.0377 0.0681  -0.0505 488 ASP A OD1 
548 O OD2 . ASP A 75  ? 0.3255 0.3507 0.4961 0.0285  0.0749  0.0492  488 ASP A OD2 
549 N N   . LEU A 76  ? 0.2648 0.3833 0.2682 0.0746  0.0585  0.0211  489 LEU A N   
550 C CA  . LEU A 76  ? 0.3232 0.3690 0.3233 0.0509  0.0403  0.0437  489 LEU A CA  
551 C C   . LEU A 76  ? 0.2488 0.3818 0.2710 0.0068  0.0010  0.0614  489 LEU A C   
552 O O   . LEU A 76  ? 0.2619 0.4492 0.2351 0.0473  0.0015  0.0873  489 LEU A O   
553 C CB  . LEU A 76  ? 0.2545 0.3809 0.3121 0.0196  0.0114  0.0370  489 LEU A CB  
554 C CG  . LEU A 76  ? 0.3170 0.3542 0.2841 0.0411  0.0054  -0.0058 489 LEU A CG  
555 C CD1 . LEU A 76  ? 0.3159 0.3504 0.2986 0.0663  0.0367  0.0086  489 LEU A CD1 
556 C CD2 . LEU A 76  ? 0.3134 0.4142 0.3061 0.0222  -0.0533 0.0340  489 LEU A CD2 
557 N N   . PRO A 77  ? 0.2795 0.3871 0.3828 0.0411  0.0198  0.0478  490 PRO A N   
558 C CA  . PRO A 77  ? 0.3236 0.3847 0.3644 0.0007  0.0432  0.0312  490 PRO A CA  
559 C C   . PRO A 77  ? 0.2848 0.4604 0.3044 0.0409  0.0113  0.0242  490 PRO A C   
560 O O   . PRO A 77  ? 0.2520 0.3869 0.2858 -0.0018 0.0186  0.0545  490 PRO A O   
561 C CB  . PRO A 77  ? 0.3349 0.4304 0.4054 -0.0115 0.0154  0.0263  490 PRO A CB  
562 C CG  . PRO A 77  ? 0.2376 0.4503 0.3530 -0.0257 0.0203  -0.0356 490 PRO A CG  
563 C CD  . PRO A 77  ? 0.2984 0.3881 0.4211 -0.0264 0.0117  0.0019  490 PRO A CD  
564 N N   . LYS A 78  ? 0.3323 0.4845 0.3058 0.0199  0.0469  0.0870  491 LYS A N   
565 C CA  . LYS A 78  ? 0.2963 0.4159 0.2928 -0.0050 0.0366  0.0699  491 LYS A CA  
566 C C   . LYS A 78  ? 0.3087 0.4111 0.2752 0.0420  0.0020  0.0802  491 LYS A C   
567 O O   . LYS A 78  ? 0.2616 0.4329 0.4045 0.0346  0.0201  0.1433  491 LYS A O   
568 C CB  . LYS A 78  ? 0.3457 0.4479 0.3114 -0.0094 0.0514  0.0751  491 LYS A CB  
569 C CG  . LYS A 78  ? 0.3273 0.4524 0.3316 -0.0501 0.0262  0.0645  491 LYS A CG  
570 C CD  . LYS A 78  ? 0.3801 0.4873 0.3755 -0.0303 0.0140  0.0695  491 LYS A CD  
571 C CE  . LYS A 78  ? 0.4134 0.5028 0.4211 -0.0112 -0.0045 0.1009  491 LYS A CE  
572 N NZ  . LYS A 78  ? 0.4050 0.5701 0.4331 -0.0214 0.0192  0.1283  491 LYS A NZ  
573 N N   . GLY A 79  ? 0.3027 0.3892 0.2910 -0.0527 0.0335  0.1105  492 GLY A N   
574 C CA  . GLY A 79  ? 0.2731 0.4116 0.3621 -0.0647 -0.0023 0.0470  492 GLY A CA  
575 C C   . GLY A 79  ? 0.3315 0.3824 0.3683 -0.0350 0.0333  0.0270  492 GLY A C   
576 O O   . GLY A 79  ? 0.2925 0.3370 0.4991 -0.0614 0.0257  0.0609  492 GLY A O   
577 N N   . GLU A 80  ? 0.2849 0.3723 0.3459 -0.0090 0.0121  0.0648  493 GLU A N   
578 C CA  . GLU A 80  ? 0.2589 0.4127 0.2908 -0.0228 -0.0130 0.0542  493 GLU A CA  
579 C C   . GLU A 80  ? 0.2805 0.3865 0.2946 -0.0321 -0.0228 0.0551  493 GLU A C   
580 O O   . GLU A 80  ? 0.2474 0.3643 0.3434 -0.0572 -0.0396 0.1223  493 GLU A O   
581 C CB  . GLU A 80  ? 0.2464 0.4319 0.2701 -0.0035 -0.0325 0.0285  493 GLU A CB  
582 C CG  . GLU A 80  ? 0.2839 0.4031 0.3370 0.0356  -0.0363 0.0308  493 GLU A CG  
583 C CD  . GLU A 80  ? 0.3195 0.4088 0.3080 0.0144  -0.0481 0.0401  493 GLU A CD  
584 O OE1 . GLU A 80  ? 0.3641 0.4613 0.3019 -0.0043 -0.0638 0.0342  493 GLU A OE1 
585 O OE2 . GLU A 80  ? 0.3644 0.3136 0.2982 -0.0603 -0.0501 0.0645  493 GLU A OE2 
586 N N   . GLU A 81  ? 0.2440 0.4253 0.3301 -0.0821 -0.0031 0.0473  494 GLU A N   
587 C CA  . GLU A 81  ? 0.2858 0.3545 0.2742 -0.0388 -0.0217 0.0221  494 GLU A CA  
588 C C   . GLU A 81  ? 0.2675 0.3009 0.3037 -0.0002 -0.0228 0.0333  494 GLU A C   
589 O O   . GLU A 81  ? 0.2172 0.3479 0.3303 0.0171  0.0086  0.0691  494 GLU A O   
590 C CB  . GLU A 81  ? 0.3051 0.3903 0.3333 -0.0471 -0.0268 -0.0168 494 GLU A CB  
591 C CG  . GLU A 81  ? 0.4335 0.5198 0.4834 -0.0257 0.0018  -0.0188 494 GLU A CG  
592 C CD  . GLU A 81  ? 0.5372 0.5090 0.5656 -0.0356 0.0078  -0.0560 494 GLU A CD  
593 O OE1 . GLU A 81  ? 0.6181 0.5786 0.6031 -0.0577 0.0129  -0.0415 494 GLU A OE1 
594 O OE2 . GLU A 81  ? 0.6553 0.6793 0.7007 -0.0158 0.0432  -0.0737 494 GLU A OE2 
595 N N   . VAL A 82  ? 0.2253 0.2874 0.2820 -0.0183 -0.0255 0.0734  495 VAL A N   
596 C CA  . VAL A 82  ? 0.2344 0.2642 0.2531 -0.0096 -0.0077 0.0402  495 VAL A CA  
597 C C   . VAL A 82  ? 0.2340 0.2476 0.2373 0.0048  -0.0260 0.0596  495 VAL A C   
598 O O   . VAL A 82  ? 0.2362 0.2565 0.2725 0.0125  -0.0267 0.0330  495 VAL A O   
599 C CB  . VAL A 82  ? 0.2549 0.2734 0.2540 0.0197  -0.0148 0.0218  495 VAL A CB  
600 C CG1 . VAL A 82  ? 0.2911 0.3182 0.3359 -0.0820 -0.0190 0.0552  495 VAL A CG1 
601 C CG2 . VAL A 82  ? 0.3060 0.2985 0.2629 -0.0491 0.0252  0.0301  495 VAL A CG2 
602 N N   . THR A 83  ? 0.1923 0.2589 0.2424 0.0069  -0.0317 0.0572  496 THR A N   
603 C CA  . THR A 83  ? 0.2054 0.2317 0.2302 -0.0064 -0.0242 -0.0006 496 THR A CA  
604 C C   . THR A 83  ? 0.2067 0.2608 0.2241 0.0132  -0.0060 0.0007  496 THR A C   
605 O O   . THR A 83  ? 0.2008 0.2737 0.2623 0.0135  0.0138  0.0326  496 THR A O   
606 C CB  . THR A 83  ? 0.2522 0.3117 0.3055 0.0070  -0.0218 0.0233  496 THR A CB  
607 O OG1 . THR A 83  ? 0.2963 0.2810 0.3807 -0.0020 -0.0969 0.0205  496 THR A OG1 
608 C CG2 . THR A 83  ? 0.3419 0.3372 0.2456 0.0309  -0.0399 0.0098  496 THR A CG2 
609 N N   . ILE A 84  ? 0.2312 0.2506 0.2846 -0.0221 0.0100  -0.0021 497 ILE A N   
610 C CA  . ILE A 84  ? 0.2134 0.2410 0.2563 -0.0041 -0.0052 -0.0062 497 ILE A CA  
611 C C   . ILE A 84  ? 0.2176 0.2993 0.2592 0.0098  -0.0057 0.0017  497 ILE A C   
612 O O   . ILE A 84  ? 0.2929 0.3063 0.3011 0.0328  0.0582  0.0006  497 ILE A O   
613 C CB  . ILE A 84  ? 0.2454 0.2681 0.2809 -0.0086 -0.0319 0.0120  497 ILE A CB  
614 C CG1 . ILE A 84  ? 0.2646 0.2806 0.2946 -0.0158 -0.0390 0.0162  497 ILE A CG1 
615 C CG2 . ILE A 84  ? 0.2286 0.2791 0.3263 -0.0134 0.0167  0.0091  497 ILE A CG2 
616 C CD1 . ILE A 84  ? 0.2985 0.4034 0.2975 -0.0116 -0.0175 0.0537  497 ILE A CD1 
617 N N   . LEU A 85  ? 0.2332 0.2975 0.2355 0.0100  -0.0052 0.0006  498 LEU A N   
618 C CA  . LEU A 85  ? 0.2286 0.3014 0.2217 -0.0043 -0.0272 -0.0145 498 LEU A CA  
619 C C   . LEU A 85  ? 0.2084 0.2857 0.2146 0.0116  -0.0353 0.0047  498 LEU A C   
620 O O   . LEU A 85  ? 0.2254 0.2880 0.2061 -0.0267 -0.0201 0.0054  498 LEU A O   
621 C CB  . LEU A 85  ? 0.1989 0.3661 0.2316 -0.0019 -0.0396 -0.0186 498 LEU A CB  
622 C CG  . LEU A 85  ? 0.2463 0.3381 0.2560 0.0156  -0.0132 -0.0003 498 LEU A CG  
623 C CD1 . LEU A 85  ? 0.3233 0.3776 0.3314 -0.0070 0.0032  -0.0195 498 LEU A CD1 
624 C CD2 . LEU A 85  ? 0.2693 0.4638 0.2818 0.0246  -0.0180 0.0468  498 LEU A CD2 
625 N N   . ALA A 86  ? 0.1888 0.3037 0.2272 -0.0127 -0.0290 -0.0467 499 ALA A N   
626 C CA  . ALA A 86  ? 0.1961 0.3550 0.2672 -0.0369 -0.0003 -0.0245 499 ALA A CA  
627 C C   . ALA A 86  ? 0.2395 0.3591 0.2712 -0.0197 0.0052  -0.0354 499 ALA A C   
628 O O   . ALA A 86  ? 0.2617 0.4078 0.3270 -0.0019 0.0076  -0.0964 499 ALA A O   
629 C CB  . ALA A 86  ? 0.2487 0.3984 0.2477 0.0042  -0.0242 0.0556  499 ALA A CB  
630 N N   . GLN A 87  ? 0.2712 0.4002 0.2624 -0.0576 0.0311  -0.0720 500 GLN A N   
631 C CA  . GLN A 87  ? 0.3024 0.3567 0.2467 -0.0046 0.0257  -0.0834 500 GLN A CA  
632 C C   . GLN A 87  ? 0.3464 0.3903 0.3411 0.0281  0.0118  -0.0712 500 GLN A C   
633 O O   . GLN A 87  ? 0.2693 0.5071 0.3109 0.0551  -0.0024 -0.1093 500 GLN A O   
634 C CB  . GLN A 87  ? 0.3206 0.4325 0.3431 -0.0326 0.0097  0.0067  500 GLN A CB  
635 C CG  . GLN A 87  ? 0.4246 0.4849 0.4019 -0.0092 0.0098  0.0053  500 GLN A CG  
636 C CD  . GLN A 87  ? 0.4616 0.4952 0.3942 -0.0412 -0.0214 0.0537  500 GLN A CD  
637 O OE1 . GLN A 87  ? 0.5201 0.6773 0.4545 -0.0402 -0.0171 0.1055  500 GLN A OE1 
638 N NE2 . GLN A 87  ? 0.5076 0.5357 0.4568 -0.0481 -0.0368 0.0563  500 GLN A NE2 
639 N N   . LYS A 88  ? 0.3727 0.4602 0.3899 0.0514  0.0297  -0.1192 501 LYS A N   
640 C CA  . LYS A 88  ? 0.4822 0.5418 0.5034 0.0455  0.0293  -0.0550 501 LYS A CA  
641 C C   . LYS A 88  ? 0.4091 0.5092 0.5015 0.0254  0.0286  -0.0943 501 LYS A C   
642 O O   . LYS A 88  ? 0.3916 0.6079 0.4944 0.0648  -0.0489 -0.0950 501 LYS A O   
643 C CB  . LYS A 88  ? 0.6038 0.5846 0.6222 0.0259  0.0373  -0.0343 501 LYS A CB  
644 C CG  . LYS A 88  ? 0.6423 0.6220 0.6642 0.0049  0.0159  -0.0441 501 LYS A CG  
645 C CD  . LYS A 88  ? 0.6540 0.6197 0.6754 -0.0065 0.0136  -0.0410 501 LYS A CD  
646 C CE  . LYS A 88  ? 0.6718 0.6551 0.7010 -0.0026 0.0121  -0.0365 501 LYS A CE  
647 N NZ  . LYS A 88  ? 0.7355 0.6538 0.7432 0.0012  0.0110  -0.0541 501 LYS A NZ  
648 N N   . GLY A 95  ? 0.4737 0.4525 0.4640 -0.0241 -0.0426 0.0601  508 GLY A N   
649 C CA  . GLY A 95  ? 0.4202 0.4164 0.3754 0.0129  -0.0354 0.0569  508 GLY A CA  
650 C C   . GLY A 95  ? 0.3647 0.3890 0.2650 -0.0431 -0.0073 0.1508  508 GLY A C   
651 O O   . GLY A 95  ? 0.5054 0.4902 0.4500 -0.1119 -0.0578 0.1115  508 GLY A O   
652 N N   . LEU A 96  ? 0.2623 0.3057 0.3401 -0.0200 -0.0301 0.0520  509 LEU A N   
653 C CA  . LEU A 96  ? 0.2211 0.2685 0.2660 -0.0039 -0.0244 0.0053  509 LEU A CA  
654 C C   . LEU A 96  ? 0.2103 0.2756 0.2995 -0.0236 -0.0257 -0.0295 509 LEU A C   
655 O O   . LEU A 96  ? 0.2607 0.3572 0.3351 -0.0016 -0.0320 -0.0348 509 LEU A O   
656 C CB  . LEU A 96  ? 0.2478 0.2707 0.2704 -0.0194 -0.0080 0.0166  509 LEU A CB  
657 C CG  . LEU A 96  ? 0.3408 0.3039 0.2481 -0.0294 0.0034  0.0101  509 LEU A CG  
658 C CD1 . LEU A 96  ? 0.4069 0.3735 0.3439 0.0281  0.0113  0.0639  509 LEU A CD1 
659 C CD2 . LEU A 96  ? 0.2823 0.2875 0.2775 -0.0056 0.0446  0.0504  509 LEU A CD2 
660 N N   . TRP A 97  ? 0.2412 0.2601 0.2747 -0.0092 -0.0448 0.0028  510 TRP A N   
661 C CA  . TRP A 97  ? 0.2458 0.2483 0.2599 -0.0101 -0.0161 -0.0130 510 TRP A CA  
662 C C   . TRP A 97  ? 0.2130 0.2500 0.2773 0.0166  0.0115  0.0106  510 TRP A C   
663 O O   . TRP A 97  ? 0.2225 0.2139 0.2955 -0.0073 -0.0189 -0.0147 510 TRP A O   
664 C CB  . TRP A 97  ? 0.2775 0.2552 0.2567 -0.0280 0.0003  0.0197  510 TRP A CB  
665 C CG  . TRP A 97  ? 0.2561 0.2779 0.2589 -0.0266 0.0049  0.0043  510 TRP A CG  
666 C CD1 . TRP A 97  ? 0.2661 0.2972 0.2831 -0.0153 0.0235  -0.0011 510 TRP A CD1 
667 C CD2 . TRP A 97  ? 0.2519 0.2849 0.2533 0.0084  0.0307  -0.0263 510 TRP A CD2 
668 N NE1 . TRP A 97  ? 0.2714 0.2933 0.3166 -0.0290 0.0144  0.0149  510 TRP A NE1 
669 C CE2 . TRP A 97  ? 0.2560 0.2426 0.2561 -0.0107 0.0289  -0.0086 510 TRP A CE2 
670 C CE3 . TRP A 97  ? 0.2426 0.2664 0.2952 -0.0128 0.0352  0.0164  510 TRP A CE3 
671 C CZ2 . TRP A 97  ? 0.2507 0.2530 0.2897 -0.0353 0.0016  -0.0115 510 TRP A CZ2 
672 C CZ3 . TRP A 97  ? 0.2574 0.2696 0.3119 -0.0521 0.0129  0.0099  510 TRP A CZ3 
673 C CH2 . TRP A 97  ? 0.2382 0.2642 0.2771 -0.0253 0.0054  0.0149  510 TRP A CH2 
674 N N   . PHE A 98  ? 0.2550 0.2911 0.2582 -0.0076 -0.0267 -0.0277 511 PHE A N   
675 C CA  . PHE A 98  ? 0.2187 0.2594 0.2848 -0.0262 -0.0211 -0.0158 511 PHE A CA  
676 C C   . PHE A 98  ? 0.2746 0.2610 0.2920 0.0166  -0.0170 -0.0058 511 PHE A C   
677 O O   . PHE A 98  ? 0.2536 0.2817 0.3514 0.0155  -0.0450 -0.0431 511 PHE A O   
678 C CB  . PHE A 98  ? 0.2217 0.2367 0.3154 -0.0340 -0.0097 -0.0005 511 PHE A CB  
679 C CG  . PHE A 98  ? 0.2226 0.2327 0.2864 -0.0343 -0.0063 0.0011  511 PHE A CG  
680 C CD1 . PHE A 98  ? 0.2570 0.2668 0.3862 -0.0506 0.0097  -0.0107 511 PHE A CD1 
681 C CD2 . PHE A 98  ? 0.1992 0.3109 0.3522 0.0036  0.0078  -0.0131 511 PHE A CD2 
682 C CE1 . PHE A 98  ? 0.2306 0.2804 0.3761 -0.0454 0.0289  0.0051  511 PHE A CE1 
683 C CE2 . PHE A 98  ? 0.2359 0.3043 0.3313 -0.0215 0.0396  0.0206  511 PHE A CE2 
684 C CZ  . PHE A 98  ? 0.2098 0.2893 0.3722 0.0026  -0.0059 -0.0228 511 PHE A CZ  
685 N N   . SER A 99  ? 0.2372 0.1754 0.3208 0.0086  -0.0038 -0.0304 512 SER A N   
686 C CA  . SER A 99  ? 0.2295 0.2182 0.2733 0.0075  0.0148  -0.0105 512 SER A CA  
687 C C   . SER A 99  ? 0.2857 0.2221 0.3403 -0.0008 0.0007  -0.0127 512 SER A C   
688 O O   . SER A 99  ? 0.2702 0.2205 0.3439 -0.0095 -0.0062 -0.0288 512 SER A O   
689 C CB  . SER A 99  ? 0.2229 0.1957 0.3050 0.0021  0.0194  -0.0336 512 SER A CB  
690 O OG  . SER A 99  ? 0.2051 0.1916 0.3136 0.0135  0.0171  -0.0256 512 SER A OG  
691 N N   . ASP A 100 ? 0.2350 0.2453 0.3178 0.0072  -0.0195 -0.0403 513 ASP A N   
692 C CA  . ASP A 100 ? 0.2549 0.2259 0.3252 0.0025  0.0208  -0.0240 513 ASP A CA  
693 C C   . ASP A 100 ? 0.3063 0.1589 0.3132 -0.0013 -0.0003 0.0306  513 ASP A C   
694 O O   . ASP A 100 ? 0.2643 0.1574 0.3524 -0.0124 -0.0197 -0.0218 513 ASP A O   
695 C CB  . ASP A 100 ? 0.3688 0.2457 0.3726 0.0290  0.0357  -0.0167 513 ASP A CB  
696 C CG  . ASP A 100 ? 0.5187 0.4491 0.4957 0.0105  0.0226  -0.0292 513 ASP A CG  
697 O OD1 . ASP A 100 ? 0.5716 0.4079 0.5127 -0.0054 0.0101  -0.0846 513 ASP A OD1 
698 O OD2 . ASP A 100 ? 0.6265 0.6131 0.6583 0.0154  0.0716  -0.0399 513 ASP A OD2 
699 N N   . TRP A 101 ? 0.3153 0.1409 0.3551 0.0152  0.0071  -0.0019 514 TRP A N   
700 C CA  . TRP A 101 ? 0.2815 0.1788 0.3618 0.0130  -0.0015 -0.0274 514 TRP A CA  
701 C C   . TRP A 101 ? 0.3189 0.1825 0.3613 0.0192  0.0180  -0.0117 514 TRP A C   
702 O O   . TRP A 101 ? 0.3275 0.2448 0.3756 0.0143  0.0435  -0.0238 514 TRP A O   
703 C CB  . TRP A 101 ? 0.2862 0.1709 0.3603 0.0233  -0.0001 -0.0438 514 TRP A CB  
704 C CG  . TRP A 101 ? 0.2415 0.1828 0.3412 -0.0218 -0.0141 -0.0008 514 TRP A CG  
705 C CD1 . TRP A 101 ? 0.3003 0.1786 0.4051 -0.0312 0.0123  -0.0631 514 TRP A CD1 
706 C CD2 . TRP A 101 ? 0.2641 0.2294 0.3976 -0.0019 0.0109  -0.0119 514 TRP A CD2 
707 N NE1 . TRP A 101 ? 0.2957 0.2115 0.4016 0.0007  -0.0202 -0.0594 514 TRP A NE1 
708 C CE2 . TRP A 101 ? 0.2904 0.1724 0.3960 -0.0244 0.0217  -0.0522 514 TRP A CE2 
709 C CE3 . TRP A 101 ? 0.2929 0.2076 0.3554 -0.0148 -0.0085 -0.0212 514 TRP A CE3 
710 C CZ2 . TRP A 101 ? 0.3267 0.1564 0.3870 0.0032  0.0436  -0.0263 514 TRP A CZ2 
711 C CZ3 . TRP A 101 ? 0.3031 0.2069 0.3704 -0.0208 -0.0017 -0.0017 514 TRP A CZ3 
712 C CH2 . TRP A 101 ? 0.3070 0.2159 0.3847 -0.0123 0.0203  -0.0117 514 TRP A CH2 
713 N N   . LEU A 102 ? 0.2269 0.1959 0.3502 0.0236  0.0008  -0.0473 515 LEU A N   
714 C CA  . LEU A 102 ? 0.2551 0.2557 0.3693 0.0200  0.0195  -0.0246 515 LEU A CA  
715 C C   . LEU A 102 ? 0.2512 0.3415 0.4173 0.0130  0.0032  0.0026  515 LEU A C   
716 O O   . LEU A 102 ? 0.3335 0.5118 0.5134 0.0736  -0.0044 0.0686  515 LEU A O   
717 C CB  . LEU A 102 ? 0.2232 0.2884 0.3398 0.0078  -0.0133 0.0071  515 LEU A CB  
718 C CG  . LEU A 102 ? 0.2143 0.2319 0.3041 0.0029  0.0031  0.0304  515 LEU A CG  
719 C CD1 . LEU A 102 ? 0.2937 0.1986 0.3555 -0.0245 0.0405  -0.0068 515 LEU A CD1 
720 C CD2 . LEU A 102 ? 0.2895 0.2612 0.2639 -0.0076 -0.0010 -0.0271 515 LEU A CD2 
721 O OXT . LEU A 102 ? 0.2841 0.2960 0.4308 0.0616  0.0058  0.0805  515 LEU A OXT 
722 O O   . HOH B .   ? 0.2384 0.3250 0.2341 0.0124  -0.0231 0.0243  601 HOH A O   
723 O O   . HOH B .   ? 0.2080 0.2754 0.2139 -0.0068 -0.0297 0.0406  602 HOH A O   
724 O O   . HOH B .   ? 0.5687 0.6122 0.4196 -0.0706 0.0639  0.1003  603 HOH A O   
725 O O   . HOH B .   ? 0.3427 0.4588 0.2637 -0.0474 0.0409  0.0668  604 HOH A O   
726 O O   . HOH B .   ? 0.3717 0.4241 0.3189 0.0458  -0.0037 -0.0288 605 HOH A O   
727 O O   . HOH B .   ? 0.2858 0.2760 0.2347 -0.0070 -0.0190 0.0340  606 HOH A O   
728 O O   . HOH B .   ? 0.2611 0.2981 0.3468 -0.0020 -0.0094 -0.0381 607 HOH A O   
729 O O   . HOH B .   ? 0.3089 0.2644 0.2783 -0.0037 -0.0287 0.0378  608 HOH A O   
730 O O   . HOH B .   ? 0.2896 0.3886 0.4491 -0.0215 -0.0732 0.1268  609 HOH A O   
731 O O   . HOH B .   ? 0.2479 0.4056 0.3605 -0.0011 0.0142  0.0937  610 HOH A O   
732 O O   . HOH B .   ? 0.2966 0.3470 0.4848 0.0209  0.0155  0.0461  611 HOH A O   
733 O O   . HOH B .   ? 0.5203 0.5470 0.7078 0.0583  -0.0425 0.1923  612 HOH A O   
734 O O   . HOH B .   ? 0.2620 0.4506 0.2477 -0.0036 -0.0170 0.0397  613 HOH A O   
735 O O   . HOH B .   ? 0.3450 0.4529 0.5641 0.1069  -0.0571 -0.0904 614 HOH A O   
736 O O   . HOH B .   ? 0.7301 0.6593 0.7600 -0.0187 -0.0083 -0.0421 615 HOH A O   
737 O O   . HOH B .   ? 0.5567 0.4825 0.7322 -0.0089 0.0469  0.1268  616 HOH A O   
738 O O   . HOH B .   ? 0.5212 0.4174 0.7095 -0.0534 0.0838  0.0509  617 HOH A O   
739 O O   . HOH B .   ? 0.3408 0.4126 0.4562 0.0099  0.0579  0.0227  618 HOH A O   
740 O O   . HOH B .   ? 0.2955 0.4441 0.3951 0.0963  -0.0776 0.0324  619 HOH A O   
741 O O   . HOH B .   ? 0.3710 0.3692 0.3357 0.0095  -0.0233 -0.0539 620 HOH A O   
742 O O   . HOH B .   ? 0.3106 0.4603 0.4561 -0.0543 -0.0300 0.0014  621 HOH A O   
743 O O   . HOH B .   ? 0.5854 0.5534 0.6990 -0.0241 0.0605  -0.0154 622 HOH A O   
744 O O   . HOH B .   ? 0.4098 0.5397 0.3369 0.0640  0.0053  -0.0246 623 HOH A O   
745 O O   . HOH B .   ? 0.3819 0.3384 0.3808 0.0355  -0.0243 -0.0487 624 HOH A O   
746 O O   . HOH B .   ? 0.5775 0.6294 0.7107 0.0392  0.0125  -0.0386 625 HOH A O   
747 O O   . HOH B .   ? 0.3811 0.4980 0.5688 0.1384  -0.0614 -0.0637 626 HOH A O   
748 O O   . HOH B .   ? 0.6441 0.5852 0.4223 0.0751  0.1234  0.0081  627 HOH A O   
749 O O   . HOH B .   ? 0.5697 0.6760 0.5705 -0.0403 0.0050  0.0689  628 HOH A O   
750 O O   . HOH B .   ? 0.2701 0.6129 0.3109 -0.0004 0.0084  0.0054  629 HOH A O   
751 O O   . HOH B .   ? 0.5979 0.5667 0.5833 -0.0005 0.0001  -0.0220 630 HOH A O   
752 O O   . HOH B .   ? 0.6075 0.5303 0.5805 0.0803  -0.0076 0.0589  631 HOH A O   
753 O O   . HOH B .   ? 0.4306 0.4832 0.5729 0.0595  -0.0705 -0.0703 632 HOH A O   
754 O O   . HOH B .   ? 0.2577 0.3328 0.2761 -0.0193 -0.0310 0.0755  633 HOH A O   
755 O O   . HOH B .   ? 0.4607 0.6553 0.4962 0.0512  0.0086  0.0893  634 HOH A O   
756 O O   . HOH B .   ? 0.2632 0.6255 0.4943 -0.0531 0.0073  -0.1459 635 HOH A O   
757 O O   . HOH B .   ? 0.4077 0.6106 0.3905 0.0809  -0.0850 -0.1062 636 HOH A O   
758 O O   . HOH B .   ? 0.4138 0.5665 0.3738 0.0506  -0.0913 -0.0514 637 HOH A O   
759 O O   . HOH B .   ? 0.4706 0.4814 0.4732 -0.0572 -0.0036 0.0398  638 HOH A O   
760 O O   . HOH B .   ? 0.3432 0.5093 0.5238 -0.0776 -0.0759 0.0503  639 HOH A O   
761 O O   . HOH B .   ? 0.5466 0.4744 0.4639 -0.0179 0.0893  0.0332  640 HOH A O   
762 O O   . HOH B .   ? 0.5539 0.6007 0.4414 0.0884  -0.0706 -0.0423 641 HOH A O   
763 O O   . HOH B .   ? 0.5899 0.6457 0.5817 0.1045  -0.0969 0.0255  642 HOH A O   
764 O O   . HOH B .   ? 0.2175 0.2703 0.3409 0.0087  -0.0121 0.0418  643 HOH A O   
765 O O   . HOH B .   ? 0.6021 0.3572 0.6985 -0.0710 -0.0131 -0.0320 644 HOH A O   
766 O O   . HOH B .   ? 0.5483 0.4559 0.5705 -0.0403 0.0870  -0.1201 645 HOH A O   
767 O O   . HOH B .   ? 0.5258 0.4415 0.5562 -0.0679 -0.0597 0.2223  646 HOH A O   
768 O O   . HOH B .   ? 0.5057 0.5138 0.3973 0.0858  -0.1618 -0.0687 647 HOH A O   
769 O O   . HOH B .   ? 0.5054 0.3568 0.5794 -0.0427 -0.0193 -0.0542 648 HOH A O   
770 O O   . HOH B .   ? 0.3518 0.6801 0.4423 -0.0436 -0.0125 -0.0963 649 HOH A O   
771 O O   . HOH B .   ? 0.6153 0.7501 0.5189 0.0938  0.0578  -0.0278 650 HOH A O   
772 O O   . HOH B .   ? 0.3023 0.3287 0.2913 0.0454  -0.0002 0.0302  651 HOH A O   
773 O O   . HOH B .   ? 0.3532 0.3038 0.4019 0.0249  -0.1083 0.0197  652 HOH A O   
774 O O   . HOH B .   ? 0.4670 0.4058 0.6055 -0.0379 0.0348  -0.0434 653 HOH A O   
775 O O   . HOH B .   ? 0.3027 0.5455 0.3591 0.0202  0.0466  -0.0729 654 HOH A O   
776 O O   . HOH B .   ? 0.3373 0.5268 0.2923 -0.0351 -0.0389 0.1155  655 HOH A O   
777 O O   . HOH B .   ? 0.3708 0.4833 0.4610 0.0725  0.0141  0.0484  656 HOH A O   
778 O O   . HOH B .   ? 0.3723 0.6568 0.2858 0.0364  -0.0183 -0.0220 657 HOH A O   
779 O O   . HOH B .   ? 0.3661 0.5018 0.5194 -0.0322 -0.0978 0.0740  658 HOH A O   
780 O O   . HOH B .   ? 0.5111 0.5069 0.5367 0.0484  -0.0897 -0.0791 659 HOH A O   
781 O O   . HOH B .   ? 0.4018 0.4754 0.4128 -0.0593 -0.0626 -0.0117 660 HOH A O   
782 O O   . HOH B .   ? 0.6386 0.3200 0.4623 -0.0158 -0.0823 0.0747  661 HOH A O   
783 O O   . HOH B .   ? 0.4091 0.5798 0.5216 0.0531  -0.0888 0.1039  662 HOH A O   
784 O O   . HOH B .   ? 0.5419 0.5858 0.6489 0.0348  -0.0432 -0.0392 663 HOH A O   
785 O O   . HOH B .   ? 0.5120 0.5253 0.5457 -0.0160 0.0344  -0.0426 664 HOH A O   
786 O O   . HOH B .   ? 0.2690 0.3553 0.3552 0.0223  -0.0414 -0.0147 665 HOH A O   
787 O O   . HOH B .   ? 0.5826 0.5454 0.6784 0.0272  -0.0196 -0.0431 666 HOH A O   
788 O O   . HOH B .   ? 0.5547 0.5594 0.4233 0.0708  -0.0125 0.0881  667 HOH A O   
789 O O   . HOH B .   ? 0.4742 0.6275 0.5012 -0.0241 0.0038  -0.0186 668 HOH A O   
790 O O   . HOH B .   ? 0.5684 0.4149 0.5207 0.0095  -0.0989 0.0005  669 HOH A O   
791 O O   . HOH B .   ? 0.3352 0.3498 0.5890 0.0733  0.1295  -0.0416 670 HOH A O   
792 O O   . HOH B .   ? 0.5688 0.5414 0.3687 0.1348  -0.1607 -0.0250 671 HOH A O   
793 O O   . HOH B .   ? 0.6631 0.3928 0.5459 -0.0767 -0.0982 -0.0720 672 HOH A O   
794 O O   . HOH B .   ? 0.6394 0.5615 0.6054 0.0446  0.0028  -0.0755 673 HOH A O   
795 O O   . HOH B .   ? 0.6810 0.6421 0.6225 -0.0414 -0.0501 -0.0130 674 HOH A O   
796 O O   . HOH B .   ? 0.5575 0.5598 0.5217 -0.0088 0.0335  0.1301  675 HOH A O   
797 O O   . HOH B .   ? 0.2155 0.2588 0.3277 0.0331  -0.0734 -0.0342 676 HOH A O   
798 O O   . HOH B .   ? 0.7430 0.5253 0.6813 -0.0656 -0.0465 -0.0864 677 HOH A O   
799 O O   . HOH B .   ? 0.6072 0.5722 0.4901 0.0384  -0.1211 -0.0049 678 HOH A O   
800 O O   . HOH B .   ? 0.5097 0.3946 0.4069 0.0368  -0.0879 -0.1374 679 HOH A O   
801 O O   . HOH B .   ? 0.5585 0.5786 0.4400 -0.0907 0.0228  0.0391  680 HOH A O   
802 O O   . HOH B .   ? 0.4082 0.5658 0.5113 0.0008  0.0238  0.0001  681 HOH A O   
803 O O   . HOH B .   ? 0.5902 0.6914 0.6054 0.0325  -0.0265 0.0534  682 HOH A O   
804 O O   . HOH B .   ? 0.3353 0.4243 0.3894 -0.0185 0.0863  -0.1087 683 HOH A O   
805 O O   . HOH B .   ? 0.4087 0.5561 0.5359 0.0114  0.0238  -0.0004 684 HOH A O   
806 O O   . HOH B .   ? 0.5395 0.4422 0.4902 -0.0632 0.0393  -0.1330 685 HOH A O   
807 O O   . HOH B .   ? 0.7306 0.6035 0.7364 0.0070  -0.0027 -0.0427 686 HOH A O   
808 O O   . HOH B .   ? 0.5670 0.7406 0.6073 0.1001  0.0392  -0.0301 687 HOH A O   
809 O O   . HOH B .   ? 0.5658 0.4780 0.6999 -0.0098 0.0756  -0.0404 688 HOH A O   
810 O O   . HOH B .   ? 0.7047 0.6943 0.7192 0.0585  0.0854  -0.0564 689 HOH A O   
811 O O   . HOH B .   ? 0.6399 0.7717 0.7660 0.0561  -0.0336 -0.0227 690 HOH A O   
812 O O   . HOH B .   ? 0.3523 0.5456 0.7153 0.0383  0.0413  -0.0538 691 HOH A O   
813 O O   . HOH B .   ? 0.5538 0.3406 0.9102 0.0831  0.0721  -0.0030 692 HOH A O   
814 O O   . HOH B .   ? 0.7480 0.5515 0.7115 -0.0035 -0.0211 0.0880  693 HOH A O   
815 O O   . HOH B .   ? 0.5099 0.5853 0.3717 -0.0524 0.0073  0.0232  694 HOH A O   
# 
loop_
_pdbx_poly_seq_scheme.asym_id 
_pdbx_poly_seq_scheme.entity_id 
_pdbx_poly_seq_scheme.seq_id 
_pdbx_poly_seq_scheme.mon_id 
_pdbx_poly_seq_scheme.ndb_seq_num 
_pdbx_poly_seq_scheme.pdb_seq_num 
_pdbx_poly_seq_scheme.auth_seq_num 
_pdbx_poly_seq_scheme.pdb_mon_id 
_pdbx_poly_seq_scheme.auth_mon_id 
_pdbx_poly_seq_scheme.pdb_strand_id 
_pdbx_poly_seq_scheme.pdb_ins_code 
_pdbx_poly_seq_scheme.hetero 
A 1 1   GLY 1   414 ?   ?   ?   A . n 
A 1 2   SER 2   415 ?   ?   ?   A . n 
A 1 3   HIS 3   416 ?   ?   ?   A . n 
A 1 4   MET 4   417 ?   ?   ?   A . n 
A 1 5   ARG 5   418 ?   ?   ?   A . n 
A 1 6   PRO 6   419 ?   ?   ?   A . n 
A 1 7   SER 7   420 420 SER SER A . n 
A 1 8   MET 8   421 421 MET MET A . n 
A 1 9   LYS 9   422 422 LYS LYS A . n 
A 1 10  LEU 10  423 423 LEU LEU A . n 
A 1 11  VAL 11  424 424 VAL VAL A . n 
A 1 12  LYS 12  425 425 LYS LYS A . n 
A 1 13  PHE 13  426 426 PHE PHE A . n 
A 1 14  ARG 14  427 427 ARG ARG A . n 
A 1 15  LYS 15  428 428 LYS LYS A . n 
A 1 16  GLY 16  429 429 GLY GLY A . n 
A 1 17  ASP 17  430 430 ASP ASP A . n 
A 1 18  SER 18  431 431 SER SER A . n 
A 1 19  VAL 19  432 432 VAL VAL A . n 
A 1 20  GLY 20  433 433 GLY GLY A . n 
A 1 21  LEU 21  434 434 LEU LEU A . n 
A 1 22  ARG 22  435 435 ARG ARG A . n 
A 1 23  LEU 23  436 436 LEU LEU A . n 
A 1 24  ALA 24  437 437 ALA ALA A . n 
A 1 25  GLY 25  438 438 GLY GLY A . n 
A 1 26  GLY 26  439 439 GLY GLY A . n 
A 1 27  ASN 27  440 440 ASN ASN A . n 
A 1 28  ASP 28  441 441 ASP ASP A . n 
A 1 29  VAL 29  442 442 VAL VAL A . n 
A 1 30  GLY 30  443 443 GLY GLY A . n 
A 1 31  ILE 31  444 444 ILE ILE A . n 
A 1 32  PHE 32  445 445 PHE PHE A . n 
A 1 33  VAL 33  446 446 VAL VAL A . n 
A 1 34  ALA 34  447 447 ALA ALA A . n 
A 1 35  GLY 35  448 448 GLY GLY A . n 
A 1 36  VAL 36  449 449 VAL VAL A . n 
A 1 37  LEU 37  450 450 LEU LEU A . n 
A 1 38  GLU 38  451 451 GLU GLU A . n 
A 1 39  ASP 39  452 452 ASP ASP A . n 
A 1 40  SER 40  453 453 SER SER A . n 
A 1 41  PRO 41  454 454 PRO PRO A . n 
A 1 42  ALA 42  455 455 ALA ALA A . n 
A 1 43  ALA 43  456 456 ALA ALA A . n 
A 1 44  LYS 44  457 457 LYS LYS A . n 
A 1 45  GLU 45  458 458 GLU GLU A . n 
A 1 46  GLY 46  459 459 GLY GLY A . n 
A 1 47  LEU 47  460 460 LEU LEU A . n 
A 1 48  GLU 48  461 461 GLU GLU A . n 
A 1 49  GLU 49  462 462 GLU GLU A . n 
A 1 50  GLY 50  463 463 GLY GLY A . n 
A 1 51  ASP 51  464 464 ASP ASP A . n 
A 1 52  GLN 52  465 465 GLN GLN A . n 
A 1 53  ILE 53  466 466 ILE ILE A . n 
A 1 54  LEU 54  467 467 LEU LEU A . n 
A 1 55  ARG 55  468 468 ARG ARG A . n 
A 1 56  VAL 56  469 469 VAL VAL A . n 
A 1 57  ASN 57  470 470 ASN ASN A . n 
A 1 58  ASN 58  471 471 ASN ASN A . n 
A 1 59  VAL 59  472 472 VAL VAL A . n 
A 1 60  ASP 60  473 473 ASP ASP A . n 
A 1 61  PHE 61  474 474 PHE PHE A . n 
A 1 62  THR 62  475 475 THR THR A . n 
A 1 63  ASN 63  476 476 ASN ASN A . n 
A 1 64  ILE 64  477 477 ILE ILE A . n 
A 1 65  ILE 65  478 478 ILE ILE A . n 
A 1 66  ARG 66  479 479 ARG ARG A . n 
A 1 67  GLU 67  480 480 GLU GLU A . n 
A 1 68  GLU 68  481 481 GLU GLU A . n 
A 1 69  ALA 69  482 482 ALA ALA A . n 
A 1 70  VAL 70  483 483 VAL VAL A . n 
A 1 71  LEU 71  484 484 LEU LEU A . n 
A 1 72  PHE 72  485 485 PHE PHE A . n 
A 1 73  LEU 73  486 486 LEU LEU A . n 
A 1 74  LEU 74  487 487 LEU LEU A . n 
A 1 75  ASP 75  488 488 ASP ASP A . n 
A 1 76  LEU 76  489 489 LEU LEU A . n 
A 1 77  PRO 77  490 490 PRO PRO A . n 
A 1 78  LYS 78  491 491 LYS LYS A . n 
A 1 79  GLY 79  492 492 GLY GLY A . n 
A 1 80  GLU 80  493 493 GLU GLU A . n 
A 1 81  GLU 81  494 494 GLU GLU A . n 
A 1 82  VAL 82  495 495 VAL VAL A . n 
A 1 83  THR 83  496 496 THR THR A . n 
A 1 84  ILE 84  497 497 ILE ILE A . n 
A 1 85  LEU 85  498 498 LEU LEU A . n 
A 1 86  ALA 86  499 499 ALA ALA A . n 
A 1 87  GLN 87  500 500 GLN GLN A . n 
A 1 88  LYS 88  501 501 LYS LYS A . n 
A 1 89  LYS 89  502 ?   ?   ?   A . n 
A 1 90  LYS 90  503 ?   ?   ?   A . n 
A 1 91  ALA 91  504 ?   ?   ?   A . n 
A 1 92  ALA 92  505 ?   ?   ?   A . n 
A 1 93  GLY 93  506 ?   ?   ?   A . n 
A 1 94  GLY 94  507 ?   ?   ?   A . n 
A 1 95  GLY 95  508 508 GLY GLY A . n 
A 1 96  LEU 96  509 509 LEU LEU A . n 
A 1 97  TRP 97  510 510 TRP TRP A . n 
A 1 98  PHE 98  511 511 PHE PHE A . n 
A 1 99  SER 99  512 512 SER SER A . n 
A 1 100 ASP 100 513 513 ASP ASP A . n 
A 1 101 TRP 101 514 514 TRP TRP A . n 
A 1 102 LEU 102 515 515 LEU LEU A . n 
# 
loop_
_pdbx_nonpoly_scheme.asym_id 
_pdbx_nonpoly_scheme.entity_id 
_pdbx_nonpoly_scheme.mon_id 
_pdbx_nonpoly_scheme.ndb_seq_num 
_pdbx_nonpoly_scheme.pdb_seq_num 
_pdbx_nonpoly_scheme.auth_seq_num 
_pdbx_nonpoly_scheme.pdb_mon_id 
_pdbx_nonpoly_scheme.auth_mon_id 
_pdbx_nonpoly_scheme.pdb_strand_id 
_pdbx_nonpoly_scheme.pdb_ins_code 
B 2 HOH 1  601 1000 HOH HOH A . 
B 2 HOH 2  602 1001 HOH HOH A . 
B 2 HOH 3  603 1002 HOH HOH A . 
B 2 HOH 4  604 1004 HOH HOH A . 
B 2 HOH 5  605 1005 HOH HOH A . 
B 2 HOH 6  606 1006 HOH HOH A . 
B 2 HOH 7  607 1007 HOH HOH A . 
B 2 HOH 8  608 1009 HOH HOH A . 
B 2 HOH 9  609 1010 HOH HOH A . 
B 2 HOH 10 610 1012 HOH HOH A . 
B 2 HOH 11 611 1013 HOH HOH A . 
B 2 HOH 12 612 1014 HOH HOH A . 
B 2 HOH 13 613 1016 HOH HOH A . 
B 2 HOH 14 614 1017 HOH HOH A . 
B 2 HOH 15 615 1018 HOH HOH A . 
B 2 HOH 16 616 1019 HOH HOH A . 
B 2 HOH 17 617 1020 HOH HOH A . 
B 2 HOH 18 618 1021 HOH HOH A . 
B 2 HOH 19 619 1023 HOH HOH A . 
B 2 HOH 20 620 1024 HOH HOH A . 
B 2 HOH 21 621 1025 HOH HOH A . 
B 2 HOH 22 622 1026 HOH HOH A . 
B 2 HOH 23 623 1027 HOH HOH A . 
B 2 HOH 24 624 1028 HOH HOH A . 
B 2 HOH 25 625 1030 HOH HOH A . 
B 2 HOH 26 626 1031 HOH HOH A . 
B 2 HOH 27 627 1032 HOH HOH A . 
B 2 HOH 28 628 1033 HOH HOH A . 
B 2 HOH 29 629 1034 HOH HOH A . 
B 2 HOH 30 630 1036 HOH HOH A . 
B 2 HOH 31 631 1038 HOH HOH A . 
B 2 HOH 32 632 1040 HOH HOH A . 
B 2 HOH 33 633 1041 HOH HOH A . 
B 2 HOH 34 634 1042 HOH HOH A . 
B 2 HOH 35 635 1043 HOH HOH A . 
B 2 HOH 36 636 1044 HOH HOH A . 
B 2 HOH 37 637 1045 HOH HOH A . 
B 2 HOH 38 638 1046 HOH HOH A . 
B 2 HOH 39 639 1047 HOH HOH A . 
B 2 HOH 40 640 1048 HOH HOH A . 
B 2 HOH 41 641 1049 HOH HOH A . 
B 2 HOH 42 642 1051 HOH HOH A . 
B 2 HOH 43 643 1052 HOH HOH A . 
B 2 HOH 44 644 1053 HOH HOH A . 
B 2 HOH 45 645 1054 HOH HOH A . 
B 2 HOH 46 646 1056 HOH HOH A . 
B 2 HOH 47 647 1057 HOH HOH A . 
B 2 HOH 48 648 1058 HOH HOH A . 
B 2 HOH 49 649 1059 HOH HOH A . 
B 2 HOH 50 650 1061 HOH HOH A . 
B 2 HOH 51 651 1063 HOH HOH A . 
B 2 HOH 52 652 1064 HOH HOH A . 
B 2 HOH 53 653 1065 HOH HOH A . 
B 2 HOH 54 654 1066 HOH HOH A . 
B 2 HOH 55 655 1067 HOH HOH A . 
B 2 HOH 56 656 1068 HOH HOH A . 
B 2 HOH 57 657 1070 HOH HOH A . 
B 2 HOH 58 658 1071 HOH HOH A . 
B 2 HOH 59 659 1072 HOH HOH A . 
B 2 HOH 60 660 1073 HOH HOH A . 
B 2 HOH 61 661 1074 HOH HOH A . 
B 2 HOH 62 662 1075 HOH HOH A . 
B 2 HOH 63 663 1076 HOH HOH A . 
B 2 HOH 64 664 1077 HOH HOH A . 
B 2 HOH 65 665 1080 HOH HOH A . 
B 2 HOH 66 666 1081 HOH HOH A . 
B 2 HOH 67 667 1082 HOH HOH A . 
B 2 HOH 68 668 1083 HOH HOH A . 
B 2 HOH 69 669 1084 HOH HOH A . 
B 2 HOH 70 670 1087 HOH HOH A . 
B 2 HOH 71 671 1089 HOH HOH A . 
B 2 HOH 72 672 1090 HOH HOH A . 
B 2 HOH 73 673 1096 HOH HOH A . 
B 2 HOH 74 674 1098 HOH HOH A . 
B 2 HOH 75 675 1100 HOH HOH A . 
B 2 HOH 76 676 1102 HOH HOH A . 
B 2 HOH 77 677 1103 HOH HOH A . 
B 2 HOH 78 678 1106 HOH HOH A . 
B 2 HOH 79 679 1107 HOH HOH A . 
B 2 HOH 80 680 1108 HOH HOH A . 
B 2 HOH 81 681 1109 HOH HOH A . 
B 2 HOH 82 682 1110 HOH HOH A . 
B 2 HOH 83 683 1111 HOH HOH A . 
B 2 HOH 84 684 1112 HOH HOH A . 
B 2 HOH 85 685 1113 HOH HOH A . 
B 2 HOH 86 686 1114 HOH HOH A . 
B 2 HOH 87 687 1115 HOH HOH A . 
B 2 HOH 88 688 1116 HOH HOH A . 
B 2 HOH 89 689 1117 HOH HOH A . 
B 2 HOH 90 690 1118 HOH HOH A . 
B 2 HOH 91 691 1119 HOH HOH A . 
B 2 HOH 92 692 1122 HOH HOH A . 
B 2 HOH 93 693 1123 HOH HOH A . 
B 2 HOH 94 694 1124 HOH HOH A . 
# 
_pdbx_struct_assembly.id                   1 
_pdbx_struct_assembly.details              author_and_software_defined_assembly 
_pdbx_struct_assembly.method_details       PISA 
_pdbx_struct_assembly.oligomeric_details   dimeric 
_pdbx_struct_assembly.oligomeric_count     2 
# 
_pdbx_struct_assembly_gen.assembly_id       1 
_pdbx_struct_assembly_gen.oper_expression   1,2 
_pdbx_struct_assembly_gen.asym_id_list      A,B 
# 
loop_
_pdbx_struct_assembly_prop.biol_id 
_pdbx_struct_assembly_prop.type 
_pdbx_struct_assembly_prop.value 
_pdbx_struct_assembly_prop.details 
1 'ABSA (A^2)' 2690 ? 
1 MORE         -13  ? 
1 'SSA (A^2)'  9430 ? 
# 
loop_
_pdbx_struct_oper_list.id 
_pdbx_struct_oper_list.type 
_pdbx_struct_oper_list.name 
_pdbx_struct_oper_list.symmetry_operation 
_pdbx_struct_oper_list.matrix[1][1] 
_pdbx_struct_oper_list.matrix[1][2] 
_pdbx_struct_oper_list.matrix[1][3] 
_pdbx_struct_oper_list.vector[1] 
_pdbx_struct_oper_list.matrix[2][1] 
_pdbx_struct_oper_list.matrix[2][2] 
_pdbx_struct_oper_list.matrix[2][3] 
_pdbx_struct_oper_list.vector[2] 
_pdbx_struct_oper_list.matrix[3][1] 
_pdbx_struct_oper_list.matrix[3][2] 
_pdbx_struct_oper_list.matrix[3][3] 
_pdbx_struct_oper_list.vector[3] 
1 'identity operation'         1_555 x,y,z  1.0000000000  0.0000000000 0.0000000000  0.0000000000  0.0000000000 1.0000000000 0.0000000000  0.0000000000 0.0000000000  0.0000000000  1.0000000000  0.0000000000 
2 'crystal symmetry operation' 7_555 y,x,-z -0.9996504290 0.0237296396 -0.0116586466 21.4045938111 0.0237296396 0.6108194535 -0.7914142401 3.6202455184 -0.0116586466 -0.7914142401 -0.6111690245 8.0103249141 
# 
loop_
_pdbx_audit_revision_history.ordinal 
_pdbx_audit_revision_history.data_content_type 
_pdbx_audit_revision_history.major_revision 
_pdbx_audit_revision_history.minor_revision 
_pdbx_audit_revision_history.revision_date 
1 'Structure model' 1 0 2014-09-10 
2 'Structure model' 1 1 2014-11-26 
3 'Structure model' 1 2 2023-09-20 
# 
_pdbx_audit_revision_details.ordinal             1 
_pdbx_audit_revision_details.revision_ordinal    1 
_pdbx_audit_revision_details.data_content_type   'Structure model' 
_pdbx_audit_revision_details.provider            repository 
_pdbx_audit_revision_details.type                'Initial release' 
_pdbx_audit_revision_details.description         ? 
_pdbx_audit_revision_details.details             ? 
# 
loop_
_pdbx_audit_revision_group.ordinal 
_pdbx_audit_revision_group.revision_ordinal 
_pdbx_audit_revision_group.data_content_type 
_pdbx_audit_revision_group.group 
1 2 'Structure model' 'Database references'    
2 3 'Structure model' 'Data collection'        
3 3 'Structure model' 'Database references'    
4 3 'Structure model' 'Refinement description' 
# 
loop_
_pdbx_audit_revision_category.ordinal 
_pdbx_audit_revision_category.revision_ordinal 
_pdbx_audit_revision_category.data_content_type 
_pdbx_audit_revision_category.category 
1 3 'Structure model' chem_comp_atom                
2 3 'Structure model' chem_comp_bond                
3 3 'Structure model' database_2                    
4 3 'Structure model' pdbx_initial_refinement_model 
5 3 'Structure model' struct_ref_seq_dif            
# 
loop_
_pdbx_audit_revision_item.ordinal 
_pdbx_audit_revision_item.revision_ordinal 
_pdbx_audit_revision_item.data_content_type 
_pdbx_audit_revision_item.item 
1 3 'Structure model' '_database_2.pdbx_DOI'                
2 3 'Structure model' '_database_2.pdbx_database_accession' 
3 3 'Structure model' '_struct_ref_seq_dif.details'         
# 
_phasing.method   MR 
# 
loop_
_software.pdbx_ordinal 
_software.name 
_software.version 
_software.date 
_software.type 
_software.contact_author 
_software.contact_author_email 
_software.classification 
_software.location 
_software.language 
_software.citation_id 
1 SCALEPACK   .        ?                program 'Zbyszek Otwinowski' hkl@hkl-xray.com            'data scaling'    
http://www.hkl-xray.com/                     ?          ? 
2 PHASER      .        ?                program 'Randy J. Read'      cimr-phaser@lists.cam.ac.uk phasing           
http://www-structmed.cimr.cam.ac.uk/phaser/  ?          ? 
3 REFMAC      5.2.0019 ?                program 'Garib N. Murshudov' garib@ysbl.york.ac.uk       refinement        
http://www.ccp4.ac.uk/dist/html/refmac5.html Fortran_77 ? 
4 PDB_EXTRACT 3.11     'April 22, 2011' package PDB                  deposit@deposit.rcsb.org    'data extraction' 
http://sw-tools.pdb.org/apps/PDB_EXTRACT/    C++        ? 
5 HKL-2000    .        ?                ?       ?                    ?                           'data collection' ? ?          ? 
6 HKL-2000    .        ?                ?       ?                    ?                           'data reduction'  ? ?          ? 
# 
_pdbx_entry_details.entry_id                 4Q2Q 
_pdbx_entry_details.nonpolymer_details       ? 
_pdbx_entry_details.sequence_details         'PHAGE-DERIVED PEPTIDE LIGAND WAS FUSED TO THE C TERMINUS OF THE LINKER' 
_pdbx_entry_details.compound_details         ? 
_pdbx_entry_details.source_details           ? 
_pdbx_entry_details.has_ligand_of_interest   ? 
# 
_pdbx_validate_close_contact.id               1 
_pdbx_validate_close_contact.PDB_model_num    1 
_pdbx_validate_close_contact.auth_atom_id_1   O 
_pdbx_validate_close_contact.auth_asym_id_1   A 
_pdbx_validate_close_contact.auth_comp_id_1   HOH 
_pdbx_validate_close_contact.auth_seq_id_1    691 
_pdbx_validate_close_contact.PDB_ins_code_1   ? 
_pdbx_validate_close_contact.label_alt_id_1   ? 
_pdbx_validate_close_contact.auth_atom_id_2   O 
_pdbx_validate_close_contact.auth_asym_id_2   A 
_pdbx_validate_close_contact.auth_comp_id_2   HOH 
_pdbx_validate_close_contact.auth_seq_id_2    692 
_pdbx_validate_close_contact.PDB_ins_code_2   ? 
_pdbx_validate_close_contact.label_alt_id_2   ? 
_pdbx_validate_close_contact.dist             2.18 
# 
_pdbx_validate_torsion.id              1 
_pdbx_validate_torsion.PDB_model_num   1 
_pdbx_validate_torsion.auth_comp_id    ASN 
_pdbx_validate_torsion.auth_asym_id    A 
_pdbx_validate_torsion.auth_seq_id     470 
_pdbx_validate_torsion.PDB_ins_code    ? 
_pdbx_validate_torsion.label_alt_id    ? 
_pdbx_validate_torsion.phi             48.71 
_pdbx_validate_torsion.psi             -119.19 
# 
loop_
_pdbx_unobs_or_zero_occ_residues.id 
_pdbx_unobs_or_zero_occ_residues.PDB_model_num 
_pdbx_unobs_or_zero_occ_residues.polymer_flag 
_pdbx_unobs_or_zero_occ_residues.occupancy_flag 
_pdbx_unobs_or_zero_occ_residues.auth_asym_id 
_pdbx_unobs_or_zero_occ_residues.auth_comp_id 
_pdbx_unobs_or_zero_occ_residues.auth_seq_id 
_pdbx_unobs_or_zero_occ_residues.PDB_ins_code 
_pdbx_unobs_or_zero_occ_residues.label_asym_id 
_pdbx_unobs_or_zero_occ_residues.label_comp_id 
_pdbx_unobs_or_zero_occ_residues.label_seq_id 
1  1 Y 1 A GLY 414 ? A GLY 1  
2  1 Y 1 A SER 415 ? A SER 2  
3  1 Y 1 A HIS 416 ? A HIS 3  
4  1 Y 1 A MET 417 ? A MET 4  
5  1 Y 1 A ARG 418 ? A ARG 5  
6  1 Y 1 A PRO 419 ? A PRO 6  
7  1 Y 1 A LYS 502 ? A LYS 89 
8  1 Y 1 A LYS 503 ? A LYS 90 
9  1 Y 1 A ALA 504 ? A ALA 91 
10 1 Y 1 A ALA 505 ? A ALA 92 
11 1 Y 1 A GLY 506 ? A GLY 93 
12 1 Y 1 A GLY 507 ? A GLY 94 
# 
loop_
_chem_comp_atom.comp_id 
_chem_comp_atom.atom_id 
_chem_comp_atom.type_symbol 
_chem_comp_atom.pdbx_aromatic_flag 
_chem_comp_atom.pdbx_stereo_config 
_chem_comp_atom.pdbx_ordinal 
ALA N    N N N 1   
ALA CA   C N S 2   
ALA C    C N N 3   
ALA O    O N N 4   
ALA CB   C N N 5   
ALA OXT  O N N 6   
ALA H    H N N 7   
ALA H2   H N N 8   
ALA HA   H N N 9   
ALA HB1  H N N 10  
ALA HB2  H N N 11  
ALA HB3  H N N 12  
ALA HXT  H N N 13  
ARG N    N N N 14  
ARG CA   C N S 15  
ARG C    C N N 16  
ARG O    O N N 17  
ARG CB   C N N 18  
ARG CG   C N N 19  
ARG CD   C N N 20  
ARG NE   N N N 21  
ARG CZ   C N N 22  
ARG NH1  N N N 23  
ARG NH2  N N N 24  
ARG OXT  O N N 25  
ARG H    H N N 26  
ARG H2   H N N 27  
ARG HA   H N N 28  
ARG HB2  H N N 29  
ARG HB3  H N N 30  
ARG HG2  H N N 31  
ARG HG3  H N N 32  
ARG HD2  H N N 33  
ARG HD3  H N N 34  
ARG HE   H N N 35  
ARG HH11 H N N 36  
ARG HH12 H N N 37  
ARG HH21 H N N 38  
ARG HH22 H N N 39  
ARG HXT  H N N 40  
ASN N    N N N 41  
ASN CA   C N S 42  
ASN C    C N N 43  
ASN O    O N N 44  
ASN CB   C N N 45  
ASN CG   C N N 46  
ASN OD1  O N N 47  
ASN ND2  N N N 48  
ASN OXT  O N N 49  
ASN H    H N N 50  
ASN H2   H N N 51  
ASN HA   H N N 52  
ASN HB2  H N N 53  
ASN HB3  H N N 54  
ASN HD21 H N N 55  
ASN HD22 H N N 56  
ASN HXT  H N N 57  
ASP N    N N N 58  
ASP CA   C N S 59  
ASP C    C N N 60  
ASP O    O N N 61  
ASP CB   C N N 62  
ASP CG   C N N 63  
ASP OD1  O N N 64  
ASP OD2  O N N 65  
ASP OXT  O N N 66  
ASP H    H N N 67  
ASP H2   H N N 68  
ASP HA   H N N 69  
ASP HB2  H N N 70  
ASP HB3  H N N 71  
ASP HD2  H N N 72  
ASP HXT  H N N 73  
GLN N    N N N 74  
GLN CA   C N S 75  
GLN C    C N N 76  
GLN O    O N N 77  
GLN CB   C N N 78  
GLN CG   C N N 79  
GLN CD   C N N 80  
GLN OE1  O N N 81  
GLN NE2  N N N 82  
GLN OXT  O N N 83  
GLN H    H N N 84  
GLN H2   H N N 85  
GLN HA   H N N 86  
GLN HB2  H N N 87  
GLN HB3  H N N 88  
GLN HG2  H N N 89  
GLN HG3  H N N 90  
GLN HE21 H N N 91  
GLN HE22 H N N 92  
GLN HXT  H N N 93  
GLU N    N N N 94  
GLU CA   C N S 95  
GLU C    C N N 96  
GLU O    O N N 97  
GLU CB   C N N 98  
GLU CG   C N N 99  
GLU CD   C N N 100 
GLU OE1  O N N 101 
GLU OE2  O N N 102 
GLU OXT  O N N 103 
GLU H    H N N 104 
GLU H2   H N N 105 
GLU HA   H N N 106 
GLU HB2  H N N 107 
GLU HB3  H N N 108 
GLU HG2  H N N 109 
GLU HG3  H N N 110 
GLU HE2  H N N 111 
GLU HXT  H N N 112 
GLY N    N N N 113 
GLY CA   C N N 114 
GLY C    C N N 115 
GLY O    O N N 116 
GLY OXT  O N N 117 
GLY H    H N N 118 
GLY H2   H N N 119 
GLY HA2  H N N 120 
GLY HA3  H N N 121 
GLY HXT  H N N 122 
HIS N    N N N 123 
HIS CA   C N S 124 
HIS C    C N N 125 
HIS O    O N N 126 
HIS CB   C N N 127 
HIS CG   C Y N 128 
HIS ND1  N Y N 129 
HIS CD2  C Y N 130 
HIS CE1  C Y N 131 
HIS NE2  N Y N 132 
HIS OXT  O N N 133 
HIS H    H N N 134 
HIS H2   H N N 135 
HIS HA   H N N 136 
HIS HB2  H N N 137 
HIS HB3  H N N 138 
HIS HD1  H N N 139 
HIS HD2  H N N 140 
HIS HE1  H N N 141 
HIS HE2  H N N 142 
HIS HXT  H N N 143 
HOH O    O N N 144 
HOH H1   H N N 145 
HOH H2   H N N 146 
ILE N    N N N 147 
ILE CA   C N S 148 
ILE C    C N N 149 
ILE O    O N N 150 
ILE CB   C N S 151 
ILE CG1  C N N 152 
ILE CG2  C N N 153 
ILE CD1  C N N 154 
ILE OXT  O N N 155 
ILE H    H N N 156 
ILE H2   H N N 157 
ILE HA   H N N 158 
ILE HB   H N N 159 
ILE HG12 H N N 160 
ILE HG13 H N N 161 
ILE HG21 H N N 162 
ILE HG22 H N N 163 
ILE HG23 H N N 164 
ILE HD11 H N N 165 
ILE HD12 H N N 166 
ILE HD13 H N N 167 
ILE HXT  H N N 168 
LEU N    N N N 169 
LEU CA   C N S 170 
LEU C    C N N 171 
LEU O    O N N 172 
LEU CB   C N N 173 
LEU CG   C N N 174 
LEU CD1  C N N 175 
LEU CD2  C N N 176 
LEU OXT  O N N 177 
LEU H    H N N 178 
LEU H2   H N N 179 
LEU HA   H N N 180 
LEU HB2  H N N 181 
LEU HB3  H N N 182 
LEU HG   H N N 183 
LEU HD11 H N N 184 
LEU HD12 H N N 185 
LEU HD13 H N N 186 
LEU HD21 H N N 187 
LEU HD22 H N N 188 
LEU HD23 H N N 189 
LEU HXT  H N N 190 
LYS N    N N N 191 
LYS CA   C N S 192 
LYS C    C N N 193 
LYS O    O N N 194 
LYS CB   C N N 195 
LYS CG   C N N 196 
LYS CD   C N N 197 
LYS CE   C N N 198 
LYS NZ   N N N 199 
LYS OXT  O N N 200 
LYS H    H N N 201 
LYS H2   H N N 202 
LYS HA   H N N 203 
LYS HB2  H N N 204 
LYS HB3  H N N 205 
LYS HG2  H N N 206 
LYS HG3  H N N 207 
LYS HD2  H N N 208 
LYS HD3  H N N 209 
LYS HE2  H N N 210 
LYS HE3  H N N 211 
LYS HZ1  H N N 212 
LYS HZ2  H N N 213 
LYS HZ3  H N N 214 
LYS HXT  H N N 215 
MET N    N N N 216 
MET CA   C N S 217 
MET C    C N N 218 
MET O    O N N 219 
MET CB   C N N 220 
MET CG   C N N 221 
MET SD   S N N 222 
MET CE   C N N 223 
MET OXT  O N N 224 
MET H    H N N 225 
MET H2   H N N 226 
MET HA   H N N 227 
MET HB2  H N N 228 
MET HB3  H N N 229 
MET HG2  H N N 230 
MET HG3  H N N 231 
MET HE1  H N N 232 
MET HE2  H N N 233 
MET HE3  H N N 234 
MET HXT  H N N 235 
PHE N    N N N 236 
PHE CA   C N S 237 
PHE C    C N N 238 
PHE O    O N N 239 
PHE CB   C N N 240 
PHE CG   C Y N 241 
PHE CD1  C Y N 242 
PHE CD2  C Y N 243 
PHE CE1  C Y N 244 
PHE CE2  C Y N 245 
PHE CZ   C Y N 246 
PHE OXT  O N N 247 
PHE H    H N N 248 
PHE H2   H N N 249 
PHE HA   H N N 250 
PHE HB2  H N N 251 
PHE HB3  H N N 252 
PHE HD1  H N N 253 
PHE HD2  H N N 254 
PHE HE1  H N N 255 
PHE HE2  H N N 256 
PHE HZ   H N N 257 
PHE HXT  H N N 258 
PRO N    N N N 259 
PRO CA   C N S 260 
PRO C    C N N 261 
PRO O    O N N 262 
PRO CB   C N N 263 
PRO CG   C N N 264 
PRO CD   C N N 265 
PRO OXT  O N N 266 
PRO H    H N N 267 
PRO HA   H N N 268 
PRO HB2  H N N 269 
PRO HB3  H N N 270 
PRO HG2  H N N 271 
PRO HG3  H N N 272 
PRO HD2  H N N 273 
PRO HD3  H N N 274 
PRO HXT  H N N 275 
SER N    N N N 276 
SER CA   C N S 277 
SER C    C N N 278 
SER O    O N N 279 
SER CB   C N N 280 
SER OG   O N N 281 
SER OXT  O N N 282 
SER H    H N N 283 
SER H2   H N N 284 
SER HA   H N N 285 
SER HB2  H N N 286 
SER HB3  H N N 287 
SER HG   H N N 288 
SER HXT  H N N 289 
THR N    N N N 290 
THR CA   C N S 291 
THR C    C N N 292 
THR O    O N N 293 
THR CB   C N R 294 
THR OG1  O N N 295 
THR CG2  C N N 296 
THR OXT  O N N 297 
THR H    H N N 298 
THR H2   H N N 299 
THR HA   H N N 300 
THR HB   H N N 301 
THR HG1  H N N 302 
THR HG21 H N N 303 
THR HG22 H N N 304 
THR HG23 H N N 305 
THR HXT  H N N 306 
TRP N    N N N 307 
TRP CA   C N S 308 
TRP C    C N N 309 
TRP O    O N N 310 
TRP CB   C N N 311 
TRP CG   C Y N 312 
TRP CD1  C Y N 313 
TRP CD2  C Y N 314 
TRP NE1  N Y N 315 
TRP CE2  C Y N 316 
TRP CE3  C Y N 317 
TRP CZ2  C Y N 318 
TRP CZ3  C Y N 319 
TRP CH2  C Y N 320 
TRP OXT  O N N 321 
TRP H    H N N 322 
TRP H2   H N N 323 
TRP HA   H N N 324 
TRP HB2  H N N 325 
TRP HB3  H N N 326 
TRP HD1  H N N 327 
TRP HE1  H N N 328 
TRP HE3  H N N 329 
TRP HZ2  H N N 330 
TRP HZ3  H N N 331 
TRP HH2  H N N 332 
TRP HXT  H N N 333 
VAL N    N N N 334 
VAL CA   C N S 335 
VAL C    C N N 336 
VAL O    O N N 337 
VAL CB   C N N 338 
VAL CG1  C N N 339 
VAL CG2  C N N 340 
VAL OXT  O N N 341 
VAL H    H N N 342 
VAL H2   H N N 343 
VAL HA   H N N 344 
VAL HB   H N N 345 
VAL HG11 H N N 346 
VAL HG12 H N N 347 
VAL HG13 H N N 348 
VAL HG21 H N N 349 
VAL HG22 H N N 350 
VAL HG23 H N N 351 
VAL HXT  H N N 352 
# 
loop_
_chem_comp_bond.comp_id 
_chem_comp_bond.atom_id_1 
_chem_comp_bond.atom_id_2 
_chem_comp_bond.value_order 
_chem_comp_bond.pdbx_aromatic_flag 
_chem_comp_bond.pdbx_stereo_config 
_chem_comp_bond.pdbx_ordinal 
ALA N   CA   sing N N 1   
ALA N   H    sing N N 2   
ALA N   H2   sing N N 3   
ALA CA  C    sing N N 4   
ALA CA  CB   sing N N 5   
ALA CA  HA   sing N N 6   
ALA C   O    doub N N 7   
ALA C   OXT  sing N N 8   
ALA CB  HB1  sing N N 9   
ALA CB  HB2  sing N N 10  
ALA CB  HB3  sing N N 11  
ALA OXT HXT  sing N N 12  
ARG N   CA   sing N N 13  
ARG N   H    sing N N 14  
ARG N   H2   sing N N 15  
ARG CA  C    sing N N 16  
ARG CA  CB   sing N N 17  
ARG CA  HA   sing N N 18  
ARG C   O    doub N N 19  
ARG C   OXT  sing N N 20  
ARG CB  CG   sing N N 21  
ARG CB  HB2  sing N N 22  
ARG CB  HB3  sing N N 23  
ARG CG  CD   sing N N 24  
ARG CG  HG2  sing N N 25  
ARG CG  HG3  sing N N 26  
ARG CD  NE   sing N N 27  
ARG CD  HD2  sing N N 28  
ARG CD  HD3  sing N N 29  
ARG NE  CZ   sing N N 30  
ARG NE  HE   sing N N 31  
ARG CZ  NH1  sing N N 32  
ARG CZ  NH2  doub N N 33  
ARG NH1 HH11 sing N N 34  
ARG NH1 HH12 sing N N 35  
ARG NH2 HH21 sing N N 36  
ARG NH2 HH22 sing N N 37  
ARG OXT HXT  sing N N 38  
ASN N   CA   sing N N 39  
ASN N   H    sing N N 40  
ASN N   H2   sing N N 41  
ASN CA  C    sing N N 42  
ASN CA  CB   sing N N 43  
ASN CA  HA   sing N N 44  
ASN C   O    doub N N 45  
ASN C   OXT  sing N N 46  
ASN CB  CG   sing N N 47  
ASN CB  HB2  sing N N 48  
ASN CB  HB3  sing N N 49  
ASN CG  OD1  doub N N 50  
ASN CG  ND2  sing N N 51  
ASN ND2 HD21 sing N N 52  
ASN ND2 HD22 sing N N 53  
ASN OXT HXT  sing N N 54  
ASP N   CA   sing N N 55  
ASP N   H    sing N N 56  
ASP N   H2   sing N N 57  
ASP CA  C    sing N N 58  
ASP CA  CB   sing N N 59  
ASP CA  HA   sing N N 60  
ASP C   O    doub N N 61  
ASP C   OXT  sing N N 62  
ASP CB  CG   sing N N 63  
ASP CB  HB2  sing N N 64  
ASP CB  HB3  sing N N 65  
ASP CG  OD1  doub N N 66  
ASP CG  OD2  sing N N 67  
ASP OD2 HD2  sing N N 68  
ASP OXT HXT  sing N N 69  
GLN N   CA   sing N N 70  
GLN N   H    sing N N 71  
GLN N   H2   sing N N 72  
GLN CA  C    sing N N 73  
GLN CA  CB   sing N N 74  
GLN CA  HA   sing N N 75  
GLN C   O    doub N N 76  
GLN C   OXT  sing N N 77  
GLN CB  CG   sing N N 78  
GLN CB  HB2  sing N N 79  
GLN CB  HB3  sing N N 80  
GLN CG  CD   sing N N 81  
GLN CG  HG2  sing N N 82  
GLN CG  HG3  sing N N 83  
GLN CD  OE1  doub N N 84  
GLN CD  NE2  sing N N 85  
GLN NE2 HE21 sing N N 86  
GLN NE2 HE22 sing N N 87  
GLN OXT HXT  sing N N 88  
GLU N   CA   sing N N 89  
GLU N   H    sing N N 90  
GLU N   H2   sing N N 91  
GLU CA  C    sing N N 92  
GLU CA  CB   sing N N 93  
GLU CA  HA   sing N N 94  
GLU C   O    doub N N 95  
GLU C   OXT  sing N N 96  
GLU CB  CG   sing N N 97  
GLU CB  HB2  sing N N 98  
GLU CB  HB3  sing N N 99  
GLU CG  CD   sing N N 100 
GLU CG  HG2  sing N N 101 
GLU CG  HG3  sing N N 102 
GLU CD  OE1  doub N N 103 
GLU CD  OE2  sing N N 104 
GLU OE2 HE2  sing N N 105 
GLU OXT HXT  sing N N 106 
GLY N   CA   sing N N 107 
GLY N   H    sing N N 108 
GLY N   H2   sing N N 109 
GLY CA  C    sing N N 110 
GLY CA  HA2  sing N N 111 
GLY CA  HA3  sing N N 112 
GLY C   O    doub N N 113 
GLY C   OXT  sing N N 114 
GLY OXT HXT  sing N N 115 
HIS N   CA   sing N N 116 
HIS N   H    sing N N 117 
HIS N   H2   sing N N 118 
HIS CA  C    sing N N 119 
HIS CA  CB   sing N N 120 
HIS CA  HA   sing N N 121 
HIS C   O    doub N N 122 
HIS C   OXT  sing N N 123 
HIS CB  CG   sing N N 124 
HIS CB  HB2  sing N N 125 
HIS CB  HB3  sing N N 126 
HIS CG  ND1  sing Y N 127 
HIS CG  CD2  doub Y N 128 
HIS ND1 CE1  doub Y N 129 
HIS ND1 HD1  sing N N 130 
HIS CD2 NE2  sing Y N 131 
HIS CD2 HD2  sing N N 132 
HIS CE1 NE2  sing Y N 133 
HIS CE1 HE1  sing N N 134 
HIS NE2 HE2  sing N N 135 
HIS OXT HXT  sing N N 136 
HOH O   H1   sing N N 137 
HOH O   H2   sing N N 138 
ILE N   CA   sing N N 139 
ILE N   H    sing N N 140 
ILE N   H2   sing N N 141 
ILE CA  C    sing N N 142 
ILE CA  CB   sing N N 143 
ILE CA  HA   sing N N 144 
ILE C   O    doub N N 145 
ILE C   OXT  sing N N 146 
ILE CB  CG1  sing N N 147 
ILE CB  CG2  sing N N 148 
ILE CB  HB   sing N N 149 
ILE CG1 CD1  sing N N 150 
ILE CG1 HG12 sing N N 151 
ILE CG1 HG13 sing N N 152 
ILE CG2 HG21 sing N N 153 
ILE CG2 HG22 sing N N 154 
ILE CG2 HG23 sing N N 155 
ILE CD1 HD11 sing N N 156 
ILE CD1 HD12 sing N N 157 
ILE CD1 HD13 sing N N 158 
ILE OXT HXT  sing N N 159 
LEU N   CA   sing N N 160 
LEU N   H    sing N N 161 
LEU N   H2   sing N N 162 
LEU CA  C    sing N N 163 
LEU CA  CB   sing N N 164 
LEU CA  HA   sing N N 165 
LEU C   O    doub N N 166 
LEU C   OXT  sing N N 167 
LEU CB  CG   sing N N 168 
LEU CB  HB2  sing N N 169 
LEU CB  HB3  sing N N 170 
LEU CG  CD1  sing N N 171 
LEU CG  CD2  sing N N 172 
LEU CG  HG   sing N N 173 
LEU CD1 HD11 sing N N 174 
LEU CD1 HD12 sing N N 175 
LEU CD1 HD13 sing N N 176 
LEU CD2 HD21 sing N N 177 
LEU CD2 HD22 sing N N 178 
LEU CD2 HD23 sing N N 179 
LEU OXT HXT  sing N N 180 
LYS N   CA   sing N N 181 
LYS N   H    sing N N 182 
LYS N   H2   sing N N 183 
LYS CA  C    sing N N 184 
LYS CA  CB   sing N N 185 
LYS CA  HA   sing N N 186 
LYS C   O    doub N N 187 
LYS C   OXT  sing N N 188 
LYS CB  CG   sing N N 189 
LYS CB  HB2  sing N N 190 
LYS CB  HB3  sing N N 191 
LYS CG  CD   sing N N 192 
LYS CG  HG2  sing N N 193 
LYS CG  HG3  sing N N 194 
LYS CD  CE   sing N N 195 
LYS CD  HD2  sing N N 196 
LYS CD  HD3  sing N N 197 
LYS CE  NZ   sing N N 198 
LYS CE  HE2  sing N N 199 
LYS CE  HE3  sing N N 200 
LYS NZ  HZ1  sing N N 201 
LYS NZ  HZ2  sing N N 202 
LYS NZ  HZ3  sing N N 203 
LYS OXT HXT  sing N N 204 
MET N   CA   sing N N 205 
MET N   H    sing N N 206 
MET N   H2   sing N N 207 
MET CA  C    sing N N 208 
MET CA  CB   sing N N 209 
MET CA  HA   sing N N 210 
MET C   O    doub N N 211 
MET C   OXT  sing N N 212 
MET CB  CG   sing N N 213 
MET CB  HB2  sing N N 214 
MET CB  HB3  sing N N 215 
MET CG  SD   sing N N 216 
MET CG  HG2  sing N N 217 
MET CG  HG3  sing N N 218 
MET SD  CE   sing N N 219 
MET CE  HE1  sing N N 220 
MET CE  HE2  sing N N 221 
MET CE  HE3  sing N N 222 
MET OXT HXT  sing N N 223 
PHE N   CA   sing N N 224 
PHE N   H    sing N N 225 
PHE N   H2   sing N N 226 
PHE CA  C    sing N N 227 
PHE CA  CB   sing N N 228 
PHE CA  HA   sing N N 229 
PHE C   O    doub N N 230 
PHE C   OXT  sing N N 231 
PHE CB  CG   sing N N 232 
PHE CB  HB2  sing N N 233 
PHE CB  HB3  sing N N 234 
PHE CG  CD1  doub Y N 235 
PHE CG  CD2  sing Y N 236 
PHE CD1 CE1  sing Y N 237 
PHE CD1 HD1  sing N N 238 
PHE CD2 CE2  doub Y N 239 
PHE CD2 HD2  sing N N 240 
PHE CE1 CZ   doub Y N 241 
PHE CE1 HE1  sing N N 242 
PHE CE2 CZ   sing Y N 243 
PHE CE2 HE2  sing N N 244 
PHE CZ  HZ   sing N N 245 
PHE OXT HXT  sing N N 246 
PRO N   CA   sing N N 247 
PRO N   CD   sing N N 248 
PRO N   H    sing N N 249 
PRO CA  C    sing N N 250 
PRO CA  CB   sing N N 251 
PRO CA  HA   sing N N 252 
PRO C   O    doub N N 253 
PRO C   OXT  sing N N 254 
PRO CB  CG   sing N N 255 
PRO CB  HB2  sing N N 256 
PRO CB  HB3  sing N N 257 
PRO CG  CD   sing N N 258 
PRO CG  HG2  sing N N 259 
PRO CG  HG3  sing N N 260 
PRO CD  HD2  sing N N 261 
PRO CD  HD3  sing N N 262 
PRO OXT HXT  sing N N 263 
SER N   CA   sing N N 264 
SER N   H    sing N N 265 
SER N   H2   sing N N 266 
SER CA  C    sing N N 267 
SER CA  CB   sing N N 268 
SER CA  HA   sing N N 269 
SER C   O    doub N N 270 
SER C   OXT  sing N N 271 
SER CB  OG   sing N N 272 
SER CB  HB2  sing N N 273 
SER CB  HB3  sing N N 274 
SER OG  HG   sing N N 275 
SER OXT HXT  sing N N 276 
THR N   CA   sing N N 277 
THR N   H    sing N N 278 
THR N   H2   sing N N 279 
THR CA  C    sing N N 280 
THR CA  CB   sing N N 281 
THR CA  HA   sing N N 282 
THR C   O    doub N N 283 
THR C   OXT  sing N N 284 
THR CB  OG1  sing N N 285 
THR CB  CG2  sing N N 286 
THR CB  HB   sing N N 287 
THR OG1 HG1  sing N N 288 
THR CG2 HG21 sing N N 289 
THR CG2 HG22 sing N N 290 
THR CG2 HG23 sing N N 291 
THR OXT HXT  sing N N 292 
TRP N   CA   sing N N 293 
TRP N   H    sing N N 294 
TRP N   H2   sing N N 295 
TRP CA  C    sing N N 296 
TRP CA  CB   sing N N 297 
TRP CA  HA   sing N N 298 
TRP C   O    doub N N 299 
TRP C   OXT  sing N N 300 
TRP CB  CG   sing N N 301 
TRP CB  HB2  sing N N 302 
TRP CB  HB3  sing N N 303 
TRP CG  CD1  doub Y N 304 
TRP CG  CD2  sing Y N 305 
TRP CD1 NE1  sing Y N 306 
TRP CD1 HD1  sing N N 307 
TRP CD2 CE2  doub Y N 308 
TRP CD2 CE3  sing Y N 309 
TRP NE1 CE2  sing Y N 310 
TRP NE1 HE1  sing N N 311 
TRP CE2 CZ2  sing Y N 312 
TRP CE3 CZ3  doub Y N 313 
TRP CE3 HE3  sing N N 314 
TRP CZ2 CH2  doub Y N 315 
TRP CZ2 HZ2  sing N N 316 
TRP CZ3 CH2  sing Y N 317 
TRP CZ3 HZ3  sing N N 318 
TRP CH2 HH2  sing N N 319 
TRP OXT HXT  sing N N 320 
VAL N   CA   sing N N 321 
VAL N   H    sing N N 322 
VAL N   H2   sing N N 323 
VAL CA  C    sing N N 324 
VAL CA  CB   sing N N 325 
VAL CA  HA   sing N N 326 
VAL C   O    doub N N 327 
VAL C   OXT  sing N N 328 
VAL CB  CG1  sing N N 329 
VAL CB  CG2  sing N N 330 
VAL CB  HB   sing N N 331 
VAL CG1 HG11 sing N N 332 
VAL CG1 HG12 sing N N 333 
VAL CG1 HG13 sing N N 334 
VAL CG2 HG21 sing N N 335 
VAL CG2 HG22 sing N N 336 
VAL CG2 HG23 sing N N 337 
VAL OXT HXT  sing N N 338 
# 
_pdbx_entity_nonpoly.entity_id   2 
_pdbx_entity_nonpoly.name        water 
_pdbx_entity_nonpoly.comp_id     HOH 
# 
_pdbx_initial_refinement_model.id               1 
_pdbx_initial_refinement_model.entity_id_list   ? 
_pdbx_initial_refinement_model.type             'experimental model' 
_pdbx_initial_refinement_model.source_name      PDB 
_pdbx_initial_refinement_model.accession_code   2H3L 
_pdbx_initial_refinement_model.details          ? 
# 
